data_1OH1
#
_entry.id   1OH1
#
_cell.length_a   1.000
_cell.length_b   1.000
_cell.length_c   1.000
_cell.angle_alpha   90.00
_cell.angle_beta   90.00
_cell.angle_gamma   90.00
#
_symmetry.space_group_name_H-M   'P 1'
#
_entity_poly.entity_id   1
_entity_poly.type   'polypeptide(L)'
_entity_poly.pdbx_seq_one_letter_code
;GSMEQFELFSIDKFKCNSEAKYYLNIIEGEWHPQDLNDSPLKFILSTSDDSDYICKYINTEHKQLTLYNKNNSSIVIEIF
IPNDNKILLTIMNTEALGTSPRMTFIKHK
;
_entity_poly.pdbx_strand_id   A
#
# COMPACT_ATOMS: atom_id res chain seq x y z
N GLY A 1 13.07 -8.76 -8.84
CA GLY A 1 12.92 -8.39 -10.26
C GLY A 1 13.07 -6.88 -10.54
N SER A 2 11.93 -6.20 -10.47
CA SER A 2 11.79 -4.73 -10.60
C SER A 2 10.42 -4.32 -10.06
N MET A 3 10.38 -3.12 -9.48
CA MET A 3 9.18 -2.52 -8.85
C MET A 3 9.44 -1.13 -8.26
N GLU A 4 10.60 -0.96 -7.62
CA GLU A 4 11.08 0.34 -7.10
C GLU A 4 11.44 1.31 -8.24
N GLN A 5 10.38 1.86 -8.82
CA GLN A 5 10.39 2.92 -9.87
C GLN A 5 8.94 3.34 -10.14
N PHE A 6 8.58 4.43 -9.46
CA PHE A 6 7.32 5.20 -9.60
C PHE A 6 6.08 4.36 -9.20
N GLU A 7 5.93 4.24 -7.89
CA GLU A 7 4.89 3.40 -7.29
C GLU A 7 3.71 4.26 -6.78
N LEU A 8 2.78 4.49 -7.70
CA LEU A 8 1.60 5.33 -7.44
C LEU A 8 0.34 4.47 -7.28
N PHE A 9 -0.19 4.53 -6.07
CA PHE A 9 -1.37 3.73 -5.66
C PHE A 9 -2.53 4.59 -5.13
N SER A 10 -3.74 4.08 -5.32
CA SER A 10 -4.97 4.83 -4.99
C SER A 10 -6.08 3.92 -4.48
N ILE A 11 -6.55 4.19 -3.26
CA ILE A 11 -7.70 3.45 -2.69
C ILE A 11 -9.03 4.02 -3.22
N ASP A 12 -9.98 3.12 -3.44
CA ASP A 12 -11.37 3.47 -3.81
C ASP A 12 -12.14 4.25 -2.73
N LYS A 13 -11.64 4.17 -1.50
CA LYS A 13 -12.34 4.55 -0.25
C LYS A 13 -13.72 3.88 -0.18
N PHE A 14 -13.64 2.54 -0.20
CA PHE A 14 -14.81 1.65 -0.19
C PHE A 14 -15.64 1.67 1.11
N LYS A 15 -15.08 2.35 2.13
CA LYS A 15 -15.53 2.55 3.53
C LYS A 15 -14.44 2.16 4.53
N CYS A 16 -13.89 0.94 4.36
CA CYS A 16 -12.92 0.31 5.29
C CYS A 16 -13.53 0.19 6.71
N ASN A 17 -12.70 -0.03 7.74
CA ASN A 17 -13.18 -0.20 9.13
C ASN A 17 -12.33 0.54 10.18
N SER A 18 -11.04 0.21 10.19
CA SER A 18 -10.02 1.00 10.91
C SER A 18 -9.07 1.64 9.87
N GLU A 19 -7.86 1.98 10.30
CA GLU A 19 -6.91 2.84 9.56
C GLU A 19 -7.49 4.24 9.29
N ALA A 20 -6.71 5.23 9.72
CA ALA A 20 -7.07 6.68 9.67
C ALA A 20 -5.82 7.54 9.97
N LYS A 21 -5.59 7.88 11.24
CA LYS A 21 -4.48 8.76 11.69
C LYS A 21 -3.09 8.35 11.16
N TYR A 22 -2.49 7.34 11.79
CA TYR A 22 -1.22 6.72 11.35
C TYR A 22 -1.17 6.30 9.87
N TYR A 23 -2.32 5.90 9.33
CA TYR A 23 -2.47 5.55 7.90
C TYR A 23 -2.20 6.80 7.03
N LEU A 24 -3.03 7.83 7.19
CA LEU A 24 -2.87 9.09 6.44
C LEU A 24 -1.52 9.80 6.67
N ASN A 25 -1.10 9.81 7.94
CA ASN A 25 0.17 10.41 8.41
C ASN A 25 1.44 9.74 7.86
N ILE A 26 1.33 8.46 7.52
CA ILE A 26 2.50 7.63 7.12
C ILE A 26 2.41 7.00 5.70
N ILE A 27 1.33 6.30 5.35
CA ILE A 27 1.13 5.78 3.96
C ILE A 27 0.63 6.83 2.95
N GLU A 28 -0.29 7.69 3.38
CA GLU A 28 -0.96 8.66 2.50
C GLU A 28 -0.01 9.83 2.16
N GLY A 29 0.81 9.49 1.18
CA GLY A 29 1.95 10.30 0.70
C GLY A 29 3.01 9.32 0.16
N GLU A 30 4.26 9.74 0.26
CA GLU A 30 5.39 8.98 -0.33
C GLU A 30 6.54 8.65 0.64
N TRP A 31 6.90 7.37 0.59
CA TRP A 31 8.05 6.79 1.31
C TRP A 31 9.37 7.15 0.62
N HIS A 32 10.30 7.65 1.44
CA HIS A 32 11.57 8.28 1.01
C HIS A 32 11.35 9.59 0.25
N PRO A 33 11.99 10.68 0.70
CA PRO A 33 12.02 11.96 -0.03
C PRO A 33 12.94 11.85 -1.27
N GLN A 34 12.34 11.27 -2.30
CA GLN A 34 12.92 11.13 -3.67
C GLN A 34 14.25 10.37 -3.79
N ASP A 35 14.49 9.48 -2.81
CA ASP A 35 15.76 8.73 -2.62
C ASP A 35 15.99 7.51 -3.53
N LEU A 36 15.39 7.60 -4.70
CA LEU A 36 15.40 6.62 -5.80
C LEU A 36 14.69 7.30 -6.99
N ASN A 37 15.51 8.04 -7.72
CA ASN A 37 15.18 8.74 -8.98
C ASN A 37 13.80 9.43 -9.05
N ASP A 38 13.46 10.17 -7.97
CA ASP A 38 12.14 10.80 -7.74
C ASP A 38 10.91 9.89 -7.99
N SER A 39 11.10 8.58 -7.77
CA SER A 39 10.08 7.55 -8.06
C SER A 39 9.70 6.64 -6.86
N PRO A 40 9.30 7.21 -5.72
CA PRO A 40 9.05 6.46 -4.45
C PRO A 40 7.70 5.69 -4.45
N LEU A 41 7.20 5.42 -3.24
CA LEU A 41 5.88 4.79 -3.00
C LEU A 41 4.88 5.86 -2.51
N LYS A 42 4.02 6.31 -3.42
CA LYS A 42 2.99 7.32 -3.12
C LYS A 42 1.56 6.77 -3.32
N PHE A 43 0.84 6.75 -2.22
CA PHE A 43 -0.58 6.33 -2.18
C PHE A 43 -1.51 7.43 -1.63
N ILE A 44 -2.67 7.49 -2.27
CA ILE A 44 -3.77 8.43 -1.93
C ILE A 44 -5.09 7.70 -1.60
N LEU A 45 -5.99 8.44 -0.96
CA LEU A 45 -7.33 7.95 -0.57
C LEU A 45 -8.44 8.68 -1.34
N SER A 46 -9.38 7.88 -1.82
CA SER A 46 -10.60 8.30 -2.56
C SER A 46 -10.29 9.07 -3.86
N THR A 47 -11.33 9.23 -4.69
CA THR A 47 -11.33 10.04 -5.92
C THR A 47 -10.19 9.64 -6.90
N SER A 48 -9.03 10.27 -6.71
CA SER A 48 -7.80 10.12 -7.53
C SER A 48 -8.04 10.05 -9.05
N ASP A 49 -9.03 10.83 -9.48
CA ASP A 49 -9.59 10.89 -10.86
C ASP A 49 -10.29 9.59 -11.32
N ASP A 50 -9.72 8.44 -10.95
CA ASP A 50 -10.28 7.09 -11.17
C ASP A 50 -9.52 6.04 -10.35
N SER A 51 -10.02 5.78 -9.15
CA SER A 51 -9.45 4.79 -8.21
C SER A 51 -9.69 3.32 -8.62
N ASP A 52 -8.76 2.46 -8.19
CA ASP A 52 -8.75 1.03 -8.59
C ASP A 52 -8.62 -0.06 -7.50
N TYR A 53 -8.01 0.30 -6.37
CA TYR A 53 -7.94 -0.59 -5.18
C TYR A 53 -9.25 -0.64 -4.38
N ILE A 54 -9.72 -1.85 -4.15
CA ILE A 54 -10.92 -2.09 -3.32
C ILE A 54 -10.44 -2.49 -1.92
N CYS A 55 -10.81 -1.64 -0.97
CA CYS A 55 -10.52 -1.80 0.47
C CYS A 55 -11.31 -3.03 1.00
N LYS A 56 -10.61 -4.15 1.07
CA LYS A 56 -11.18 -5.42 1.56
C LYS A 56 -11.58 -5.32 3.04
N TYR A 57 -10.58 -5.36 3.91
CA TYR A 57 -10.77 -5.30 5.37
C TYR A 57 -9.42 -5.09 6.09
N ILE A 58 -9.58 -4.76 7.36
CA ILE A 58 -8.46 -4.39 8.25
C ILE A 58 -7.94 -5.64 8.99
N ASN A 59 -6.65 -5.64 9.27
CA ASN A 59 -6.01 -6.66 10.12
C ASN A 59 -5.45 -6.06 11.41
N THR A 60 -6.19 -6.36 12.47
CA THR A 60 -5.83 -6.06 13.89
C THR A 60 -4.59 -6.84 14.39
N GLU A 61 -3.84 -7.42 13.47
CA GLU A 61 -2.59 -8.16 13.71
C GLU A 61 -1.47 -7.14 14.05
N HIS A 62 -0.91 -6.53 13.01
CA HIS A 62 0.09 -5.46 13.12
C HIS A 62 -0.44 -4.21 12.38
N LYS A 63 -1.54 -3.68 12.91
CA LYS A 63 -2.22 -2.44 12.47
C LYS A 63 -2.22 -2.12 10.95
N GLN A 64 -2.60 -3.12 10.18
CA GLN A 64 -2.43 -3.15 8.71
C GLN A 64 -3.75 -3.36 7.95
N LEU A 65 -3.74 -2.99 6.67
CA LEU A 65 -4.92 -3.16 5.81
C LEU A 65 -4.58 -4.02 4.58
N THR A 66 -5.54 -4.86 4.23
CA THR A 66 -5.45 -5.79 3.08
C THR A 66 -6.48 -5.37 2.03
N LEU A 67 -5.96 -5.08 0.84
CA LEU A 67 -6.74 -4.57 -0.32
C LEU A 67 -6.48 -5.33 -1.63
N TYR A 68 -7.47 -5.32 -2.52
CA TYR A 68 -7.37 -6.01 -3.82
C TYR A 68 -7.64 -5.09 -5.03
N ASN A 69 -6.76 -5.19 -6.01
CA ASN A 69 -6.82 -4.38 -7.24
C ASN A 69 -7.72 -5.02 -8.32
N LYS A 70 -8.75 -4.26 -8.66
CA LYS A 70 -9.69 -4.62 -9.75
C LYS A 70 -9.26 -4.14 -11.15
N ASN A 71 -8.00 -3.75 -11.32
CA ASN A 71 -7.48 -3.32 -12.64
C ASN A 71 -6.50 -4.35 -13.24
N ASN A 72 -6.66 -5.60 -12.79
CA ASN A 72 -5.77 -6.71 -13.19
C ASN A 72 -6.55 -8.03 -13.29
N SER A 73 -7.02 -8.53 -12.15
CA SER A 73 -7.85 -9.75 -12.04
C SER A 73 -8.26 -10.00 -10.57
N SER A 74 -7.25 -10.16 -9.72
CA SER A 74 -7.44 -10.48 -8.28
C SER A 74 -6.14 -10.28 -7.47
N ILE A 75 -5.74 -9.03 -7.31
CA ILE A 75 -4.42 -8.69 -6.71
C ILE A 75 -4.61 -8.20 -5.26
N VAL A 76 -4.33 -9.08 -4.32
CA VAL A 76 -4.48 -8.78 -2.89
C VAL A 76 -3.10 -8.45 -2.27
N ILE A 77 -3.04 -7.22 -1.80
CA ILE A 77 -1.85 -6.64 -1.14
C ILE A 77 -2.16 -6.35 0.33
N GLU A 78 -1.20 -6.77 1.14
CA GLU A 78 -1.23 -6.63 2.61
C GLU A 78 0.00 -5.82 3.04
N ILE A 79 -0.32 -4.63 3.54
CA ILE A 79 0.70 -3.63 3.95
C ILE A 79 0.45 -3.07 5.36
N PHE A 80 1.55 -2.89 6.08
CA PHE A 80 1.53 -2.27 7.43
C PHE A 80 2.22 -0.90 7.43
N ILE A 81 1.46 0.00 8.04
CA ILE A 81 1.72 1.44 8.16
C ILE A 81 1.72 1.76 9.67
N PRO A 82 2.85 1.64 10.37
CA PRO A 82 2.94 2.04 11.78
C PRO A 82 3.30 3.54 11.93
N ASN A 83 4.57 3.80 12.21
CA ASN A 83 5.23 5.09 12.42
C ASN A 83 6.70 4.75 12.76
N ASP A 84 7.43 5.67 13.42
CA ASP A 84 8.86 5.53 13.77
C ASP A 84 9.74 4.94 12.64
N ASN A 85 9.42 5.35 11.43
CA ASN A 85 10.07 4.91 10.17
C ASN A 85 9.96 3.38 10.00
N LYS A 86 8.86 2.91 9.40
CA LYS A 86 8.62 1.47 9.14
C LYS A 86 7.36 1.26 8.25
N ILE A 87 7.52 0.44 7.23
CA ILE A 87 6.42 -0.13 6.41
C ILE A 87 6.87 -1.45 5.73
N LEU A 88 5.91 -2.35 5.59
CA LEU A 88 6.06 -3.60 4.82
C LEU A 88 5.00 -3.75 3.72
N LEU A 89 5.49 -4.21 2.57
CA LEU A 89 4.72 -4.48 1.34
C LEU A 89 4.69 -5.97 0.98
N THR A 90 3.48 -6.50 0.80
CA THR A 90 3.27 -7.89 0.31
C THR A 90 2.28 -7.89 -0.88
N ILE A 91 2.61 -8.72 -1.87
CA ILE A 91 1.76 -8.95 -3.06
C ILE A 91 1.37 -10.45 -3.18
N MET A 92 0.07 -10.65 -3.37
CA MET A 92 -0.57 -11.96 -3.65
C MET A 92 -1.72 -11.82 -4.66
N ASN A 93 -2.12 -12.95 -5.25
CA ASN A 93 -3.27 -13.00 -6.18
C ASN A 93 -4.20 -14.18 -5.83
N THR A 94 -5.48 -13.85 -5.71
CA THR A 94 -6.60 -14.79 -5.39
C THR A 94 -6.75 -15.91 -6.45
N GLU A 95 -6.26 -15.65 -7.67
CA GLU A 95 -6.23 -16.62 -8.78
C GLU A 95 -4.82 -16.93 -9.34
N ALA A 96 -3.78 -16.78 -8.50
CA ALA A 96 -2.38 -17.00 -8.88
C ALA A 96 -1.45 -17.11 -7.64
N LEU A 97 -0.18 -16.69 -7.77
CA LEU A 97 0.83 -16.79 -6.70
C LEU A 97 0.90 -15.52 -5.82
N GLY A 98 1.88 -15.55 -4.90
CA GLY A 98 2.19 -14.43 -3.98
C GLY A 98 3.25 -14.89 -2.98
N THR A 99 3.18 -14.31 -1.77
CA THR A 99 3.99 -14.70 -0.59
C THR A 99 5.46 -15.08 -0.88
N SER A 100 6.14 -14.13 -1.54
CA SER A 100 7.53 -14.26 -2.01
C SER A 100 8.42 -13.02 -1.78
N PRO A 101 8.10 -11.82 -2.29
CA PRO A 101 9.00 -10.64 -2.19
C PRO A 101 9.12 -10.07 -0.76
N ARG A 102 8.11 -9.32 -0.33
CA ARG A 102 8.07 -8.57 0.95
C ARG A 102 9.20 -7.55 1.13
N MET A 103 8.78 -6.30 1.04
CA MET A 103 9.71 -5.17 1.16
C MET A 103 9.41 -4.39 2.45
N THR A 104 10.40 -4.43 3.34
CA THR A 104 10.35 -3.74 4.64
C THR A 104 11.28 -2.52 4.58
N PHE A 105 10.66 -1.38 4.30
CA PHE A 105 11.33 -0.09 4.07
C PHE A 105 10.89 0.93 5.12
N ILE A 106 11.84 1.72 5.57
CA ILE A 106 11.60 2.67 6.67
C ILE A 106 11.60 4.12 6.16
N LYS A 107 10.79 4.95 6.82
CA LYS A 107 10.59 6.37 6.44
C LYS A 107 11.87 7.20 6.70
N HIS A 108 12.79 7.00 5.76
CA HIS A 108 14.19 7.47 5.64
C HIS A 108 15.07 6.24 5.88
N LYS A 109 16.01 5.99 4.96
CA LYS A 109 16.89 4.80 4.91
C LYS A 109 16.21 3.51 4.41
N GLY A 1 14.81 -4.63 -11.04
CA GLY A 1 14.20 -4.98 -12.35
C GLY A 1 12.95 -5.89 -12.30
N SER A 2 12.01 -5.49 -11.46
CA SER A 2 10.68 -6.12 -11.29
C SER A 2 9.69 -5.11 -10.70
N MET A 3 9.66 -5.00 -9.37
CA MET A 3 8.86 -4.01 -8.61
C MET A 3 9.72 -3.24 -7.61
N GLU A 4 10.22 -2.11 -8.10
CA GLU A 4 11.00 -1.08 -7.37
C GLU A 4 11.29 0.11 -8.30
N GLN A 5 11.52 1.27 -7.71
CA GLN A 5 11.70 2.55 -8.41
C GLN A 5 10.49 3.03 -9.24
N PHE A 6 9.30 2.68 -8.74
CA PHE A 6 7.96 3.16 -9.16
C PHE A 6 6.86 2.44 -8.38
N GLU A 7 6.37 3.11 -7.34
CA GLU A 7 5.20 2.63 -6.56
C GLU A 7 4.14 3.73 -6.40
N LEU A 8 3.07 3.59 -7.19
CA LEU A 8 1.97 4.57 -7.25
C LEU A 8 0.62 3.88 -6.99
N PHE A 9 0.01 4.20 -5.86
CA PHE A 9 -1.26 3.57 -5.43
C PHE A 9 -2.40 4.54 -5.10
N SER A 10 -3.62 4.09 -5.37
CA SER A 10 -4.85 4.89 -5.14
C SER A 10 -6.03 4.08 -4.58
N ILE A 11 -6.56 4.57 -3.46
CA ILE A 11 -7.72 3.97 -2.77
C ILE A 11 -9.08 4.41 -3.37
N ASP A 12 -10.01 3.46 -3.31
CA ASP A 12 -11.45 3.55 -3.68
C ASP A 12 -12.34 4.69 -3.12
N LYS A 13 -11.75 5.60 -2.37
CA LYS A 13 -12.43 6.53 -1.44
C LYS A 13 -13.40 5.81 -0.48
N PHE A 14 -12.79 5.21 0.53
CA PHE A 14 -13.48 4.58 1.67
C PHE A 14 -13.09 5.27 3.00
N LYS A 15 -12.44 4.52 3.88
CA LYS A 15 -12.07 4.87 5.28
C LYS A 15 -11.48 3.61 5.94
N CYS A 16 -12.21 2.51 5.74
CA CYS A 16 -11.95 1.16 6.30
C CYS A 16 -12.22 1.17 7.82
N ASN A 17 -11.62 0.25 8.57
CA ASN A 17 -11.81 0.14 10.04
C ASN A 17 -10.50 0.16 10.81
N SER A 18 -10.56 0.68 12.04
CA SER A 18 -9.43 0.83 13.01
C SER A 18 -8.33 1.82 12.57
N GLU A 19 -7.91 1.66 11.31
CA GLU A 19 -7.00 2.55 10.59
C GLU A 19 -7.65 3.93 10.34
N ALA A 20 -6.80 4.95 10.50
CA ALA A 20 -7.10 6.38 10.27
C ALA A 20 -5.81 7.20 10.43
N LYS A 21 -5.54 7.68 11.65
CA LYS A 21 -4.35 8.48 12.02
C LYS A 21 -2.99 7.95 11.49
N TYR A 22 -2.39 6.98 12.20
CA TYR A 22 -1.12 6.32 11.83
C TYR A 22 -1.07 5.85 10.37
N TYR A 23 -2.14 5.16 9.96
CA TYR A 23 -2.36 4.71 8.58
C TYR A 23 -2.17 5.83 7.56
N LEU A 24 -3.02 6.86 7.61
CA LEU A 24 -2.95 8.02 6.70
C LEU A 24 -1.61 8.77 6.79
N ASN A 25 -1.18 9.07 8.01
CA ASN A 25 0.08 9.80 8.29
C ASN A 25 1.34 9.10 7.74
N ILE A 26 1.29 7.77 7.66
CA ILE A 26 2.43 6.94 7.19
C ILE A 26 2.27 6.35 5.77
N ILE A 27 1.05 6.15 5.26
CA ILE A 27 0.82 5.71 3.86
C ILE A 27 0.47 6.83 2.85
N GLU A 28 -0.35 7.79 3.29
CA GLU A 28 -0.90 8.88 2.45
C GLU A 28 0.19 9.94 2.20
N GLY A 29 0.77 9.79 1.01
CA GLY A 29 1.96 10.55 0.58
C GLY A 29 3.04 9.59 0.05
N GLU A 30 4.30 10.00 0.21
CA GLU A 30 5.43 9.23 -0.32
C GLU A 30 6.58 9.03 0.68
N TRP A 31 6.98 7.75 0.73
CA TRP A 31 8.18 7.27 1.44
C TRP A 31 9.45 7.77 0.74
N HIS A 32 10.47 8.09 1.53
CA HIS A 32 11.80 8.58 1.07
C HIS A 32 11.74 9.96 0.39
N PRO A 33 12.77 10.81 0.55
CA PRO A 33 12.79 12.17 -0.02
C PRO A 33 12.86 12.14 -1.55
N GLN A 34 12.36 13.20 -2.16
CA GLN A 34 12.35 13.40 -3.63
C GLN A 34 13.75 13.47 -4.31
N ASP A 35 14.78 13.38 -3.47
CA ASP A 35 16.18 13.66 -3.85
C ASP A 35 16.95 12.40 -4.32
N LEU A 36 16.23 11.57 -5.07
CA LEU A 36 16.72 10.29 -5.63
C LEU A 36 15.79 9.86 -6.78
N ASN A 37 16.08 10.45 -7.94
CA ASN A 37 15.43 10.21 -9.26
C ASN A 37 13.94 10.59 -9.41
N ASP A 38 13.17 10.44 -8.33
CA ASP A 38 11.72 10.59 -8.18
C ASP A 38 10.96 9.36 -8.71
N SER A 39 11.01 8.36 -7.84
CA SER A 39 10.52 6.98 -8.06
C SER A 39 10.08 6.14 -6.83
N PRO A 40 9.89 6.65 -5.60
CA PRO A 40 9.64 5.79 -4.42
C PRO A 40 8.20 5.24 -4.30
N LEU A 41 7.70 5.17 -3.07
CA LEU A 41 6.39 4.59 -2.70
C LEU A 41 5.38 5.68 -2.32
N LYS A 42 4.48 5.99 -3.25
CA LYS A 42 3.39 6.94 -3.00
C LYS A 42 1.98 6.30 -3.08
N PHE A 43 1.14 6.78 -2.17
CA PHE A 43 -0.29 6.46 -2.11
C PHE A 43 -1.18 7.69 -1.93
N ILE A 44 -2.28 7.67 -2.68
CA ILE A 44 -3.33 8.71 -2.69
C ILE A 44 -4.75 8.09 -2.50
N LEU A 45 -5.67 8.96 -2.10
CA LEU A 45 -7.09 8.61 -1.91
C LEU A 45 -7.96 9.22 -3.02
N SER A 46 -8.91 8.41 -3.49
CA SER A 46 -10.01 8.77 -4.42
C SER A 46 -9.56 9.00 -5.88
N THR A 47 -10.56 9.31 -6.70
CA THR A 47 -10.43 9.86 -8.07
C THR A 47 -9.82 8.81 -9.02
N SER A 48 -8.57 8.98 -9.44
CA SER A 48 -7.83 8.09 -10.39
C SER A 48 -8.75 7.40 -11.42
N ASP A 49 -9.48 8.22 -12.19
CA ASP A 49 -10.62 7.84 -13.04
C ASP A 49 -11.78 7.28 -12.17
N ASP A 50 -11.64 6.04 -11.76
CA ASP A 50 -12.65 5.30 -10.97
C ASP A 50 -12.05 4.49 -9.80
N SER A 51 -10.96 5.03 -9.25
CA SER A 51 -10.07 4.36 -8.27
C SER A 51 -9.47 3.05 -8.79
N ASP A 52 -8.53 2.48 -8.04
CA ASP A 52 -7.94 1.18 -8.41
C ASP A 52 -7.86 0.11 -7.29
N TYR A 53 -7.57 0.53 -6.07
CA TYR A 53 -7.55 -0.35 -4.89
C TYR A 53 -8.84 -0.28 -4.06
N ILE A 54 -9.47 -1.44 -3.92
CA ILE A 54 -10.72 -1.64 -3.14
C ILE A 54 -10.42 -2.36 -1.80
N CYS A 55 -10.68 -1.58 -0.75
CA CYS A 55 -10.45 -1.94 0.67
C CYS A 55 -11.33 -3.11 1.11
N LYS A 56 -10.64 -4.17 1.53
CA LYS A 56 -11.28 -5.36 2.14
C LYS A 56 -11.58 -5.13 3.63
N TYR A 57 -10.56 -5.25 4.48
CA TYR A 57 -10.67 -5.17 5.96
C TYR A 57 -9.32 -5.13 6.67
N ILE A 58 -9.33 -4.54 7.86
CA ILE A 58 -8.17 -4.51 8.78
C ILE A 58 -7.98 -5.86 9.47
N ASN A 59 -6.71 -6.22 9.60
CA ASN A 59 -6.26 -7.48 10.22
C ASN A 59 -5.64 -7.15 11.59
N THR A 60 -6.50 -7.26 12.60
CA THR A 60 -6.17 -7.03 14.02
C THR A 60 -5.20 -8.06 14.60
N GLU A 61 -3.95 -7.82 14.24
CA GLU A 61 -2.75 -8.59 14.63
C GLU A 61 -1.45 -7.79 14.40
N HIS A 62 -1.38 -7.10 13.25
CA HIS A 62 -0.28 -6.18 12.93
C HIS A 62 -0.77 -4.86 12.31
N LYS A 63 -1.72 -4.22 12.99
CA LYS A 63 -2.46 -2.98 12.59
C LYS A 63 -2.44 -2.63 11.08
N GLN A 64 -2.91 -3.60 10.30
CA GLN A 64 -2.73 -3.62 8.83
C GLN A 64 -4.04 -3.80 8.07
N LEU A 65 -4.09 -3.30 6.84
CA LEU A 65 -5.23 -3.52 5.94
C LEU A 65 -4.87 -4.50 4.82
N THR A 66 -5.84 -5.37 4.56
CA THR A 66 -5.88 -6.24 3.37
C THR A 66 -6.88 -5.60 2.40
N LEU A 67 -6.47 -5.52 1.14
CA LEU A 67 -7.25 -4.91 0.04
C LEU A 67 -6.83 -5.44 -1.33
N TYR A 68 -7.76 -5.36 -2.27
CA TYR A 68 -7.58 -5.94 -3.63
C TYR A 68 -7.72 -4.90 -4.74
N ASN A 69 -6.91 -5.08 -5.78
CA ASN A 69 -6.83 -4.13 -6.92
C ASN A 69 -7.63 -4.67 -8.11
N LYS A 70 -8.58 -3.84 -8.53
CA LYS A 70 -9.53 -4.19 -9.60
C LYS A 70 -9.10 -3.55 -10.93
N ASN A 71 -7.93 -4.03 -11.37
CA ASN A 71 -7.27 -3.58 -12.62
C ASN A 71 -6.97 -4.77 -13.54
N ASN A 72 -6.19 -5.72 -13.01
CA ASN A 72 -6.08 -7.06 -13.63
C ASN A 72 -7.38 -7.86 -13.45
N SER A 73 -7.57 -8.37 -12.23
CA SER A 73 -8.66 -9.32 -11.87
C SER A 73 -8.68 -9.59 -10.36
N SER A 74 -7.51 -9.95 -9.81
CA SER A 74 -7.41 -10.50 -8.43
C SER A 74 -6.11 -10.20 -7.68
N ILE A 75 -5.76 -8.91 -7.55
CA ILE A 75 -4.49 -8.52 -6.92
C ILE A 75 -4.74 -8.21 -5.44
N VAL A 76 -4.28 -9.11 -4.58
CA VAL A 76 -4.51 -9.05 -3.12
C VAL A 76 -3.22 -8.51 -2.48
N ILE A 77 -3.35 -7.33 -1.87
CA ILE A 77 -2.25 -6.71 -1.12
C ILE A 77 -2.60 -6.64 0.37
N GLU A 78 -1.61 -7.01 1.16
CA GLU A 78 -1.69 -6.99 2.63
C GLU A 78 -0.53 -6.14 3.16
N ILE A 79 -0.91 -4.96 3.66
CA ILE A 79 0.06 -3.91 4.03
C ILE A 79 -0.09 -3.40 5.47
N PHE A 80 1.05 -3.28 6.13
CA PHE A 80 1.14 -2.72 7.49
C PHE A 80 1.76 -1.32 7.45
N ILE A 81 0.96 -0.41 7.98
CA ILE A 81 1.28 1.04 8.05
C ILE A 81 1.32 1.45 9.54
N PRO A 82 2.49 1.35 10.20
CA PRO A 82 2.62 1.77 11.61
C PRO A 82 2.99 3.25 11.80
N ASN A 83 4.26 3.51 12.13
CA ASN A 83 4.90 4.82 12.41
C ASN A 83 6.39 4.51 12.67
N ASP A 84 7.14 5.46 13.23
CA ASP A 84 8.59 5.34 13.56
C ASP A 84 9.44 4.85 12.37
N ASN A 85 9.06 5.37 11.20
CA ASN A 85 9.67 5.10 9.89
C ASN A 85 9.72 3.60 9.57
N LYS A 86 8.54 3.02 9.34
CA LYS A 86 8.36 1.60 8.95
C LYS A 86 7.05 1.36 8.17
N ILE A 87 7.15 0.52 7.14
CA ILE A 87 5.99 0.00 6.37
C ILE A 87 6.33 -1.40 5.78
N LEU A 88 5.30 -2.24 5.75
CA LEU A 88 5.38 -3.61 5.17
C LEU A 88 4.42 -3.84 4.00
N LEU A 89 4.98 -4.49 2.98
CA LEU A 89 4.30 -4.89 1.73
C LEU A 89 4.23 -6.42 1.60
N THR A 90 3.02 -6.93 1.36
CA THR A 90 2.81 -8.34 0.93
C THR A 90 1.92 -8.37 -0.32
N ILE A 91 2.37 -9.14 -1.31
CA ILE A 91 1.64 -9.34 -2.60
C ILE A 91 1.16 -10.80 -2.73
N MET A 92 -0.12 -10.91 -3.06
CA MET A 92 -0.84 -12.15 -3.40
C MET A 92 -1.72 -11.91 -4.63
N ASN A 93 -1.99 -12.96 -5.42
CA ASN A 93 -2.94 -12.85 -6.55
C ASN A 93 -3.77 -14.15 -6.69
N THR A 94 -5.08 -14.01 -6.51
CA THR A 94 -6.05 -15.13 -6.48
C THR A 94 -6.00 -16.05 -7.72
N GLU A 95 -5.81 -15.48 -8.91
CA GLU A 95 -5.61 -16.31 -10.13
C GLU A 95 -4.14 -16.41 -10.63
N ALA A 96 -3.18 -16.25 -9.71
CA ALA A 96 -1.73 -16.24 -10.04
C ALA A 96 -0.85 -16.45 -8.77
N LEU A 97 0.32 -15.82 -8.71
CA LEU A 97 1.34 -16.04 -7.68
C LEU A 97 1.33 -14.94 -6.59
N GLY A 98 1.82 -15.34 -5.41
CA GLY A 98 1.98 -14.43 -4.26
C GLY A 98 2.49 -15.16 -3.02
N THR A 99 2.10 -14.61 -1.86
CA THR A 99 2.33 -15.18 -0.51
C THR A 99 3.81 -15.50 -0.26
N SER A 100 4.64 -14.55 -0.66
CA SER A 100 6.13 -14.64 -0.62
C SER A 100 6.89 -13.31 -0.85
N PRO A 101 6.46 -12.38 -1.75
CA PRO A 101 7.10 -11.06 -1.86
C PRO A 101 6.67 -10.14 -0.70
N ARG A 102 7.65 -9.91 0.17
CA ARG A 102 7.50 -9.06 1.37
C ARG A 102 8.62 -8.01 1.41
N MET A 103 8.21 -6.74 1.49
CA MET A 103 9.15 -5.61 1.48
C MET A 103 8.99 -4.67 2.69
N THR A 104 10.12 -4.46 3.36
CA THR A 104 10.29 -3.50 4.47
C THR A 104 10.92 -2.19 3.99
N PHE A 105 10.07 -1.17 3.89
CA PHE A 105 10.49 0.18 3.48
C PHE A 105 10.38 1.06 4.72
N ILE A 106 11.37 1.91 4.93
CA ILE A 106 11.37 2.82 6.10
C ILE A 106 11.44 4.29 5.65
N LYS A 107 10.71 5.14 6.36
CA LYS A 107 10.58 6.57 6.00
C LYS A 107 11.88 7.30 6.37
N HIS A 108 12.83 7.18 5.45
CA HIS A 108 14.23 7.69 5.53
C HIS A 108 15.09 6.68 6.30
N LYS A 109 15.90 5.95 5.55
CA LYS A 109 16.82 4.94 6.11
C LYS A 109 17.83 5.46 7.15
N GLY A 1 11.64 -7.68 -13.65
CA GLY A 1 10.74 -6.99 -12.70
C GLY A 1 11.46 -6.18 -11.59
N SER A 2 11.80 -4.95 -11.95
CA SER A 2 12.48 -3.98 -11.06
C SER A 2 11.50 -3.28 -10.12
N MET A 3 11.42 -3.81 -8.91
CA MET A 3 10.70 -3.17 -7.79
C MET A 3 11.36 -1.87 -7.32
N GLU A 4 10.53 -1.00 -6.75
CA GLU A 4 10.88 0.35 -6.23
C GLU A 4 11.28 1.32 -7.37
N GLN A 5 10.24 1.64 -8.14
CA GLN A 5 10.31 2.55 -9.30
C GLN A 5 8.89 2.97 -9.71
N PHE A 6 8.54 4.12 -9.13
CA PHE A 6 7.32 4.93 -9.37
C PHE A 6 6.04 4.18 -8.99
N GLU A 7 5.80 4.16 -7.69
CA GLU A 7 4.65 3.45 -7.09
C GLU A 7 3.53 4.42 -6.71
N LEU A 8 2.55 4.49 -7.60
CA LEU A 8 1.37 5.36 -7.47
C LEU A 8 0.12 4.55 -7.08
N PHE A 9 -0.29 4.71 -5.82
CA PHE A 9 -1.47 4.01 -5.27
C PHE A 9 -2.56 4.97 -4.78
N SER A 10 -3.80 4.56 -5.00
CA SER A 10 -5.00 5.33 -4.61
C SER A 10 -6.01 4.46 -3.87
N ILE A 11 -6.29 4.79 -2.60
CA ILE A 11 -7.41 4.15 -1.86
C ILE A 11 -8.79 4.67 -2.28
N ASP A 12 -9.78 3.90 -1.86
CA ASP A 12 -11.22 4.21 -2.08
C ASP A 12 -11.74 5.43 -1.29
N LYS A 13 -11.24 5.61 -0.06
CA LYS A 13 -11.74 6.58 0.94
C LYS A 13 -13.29 6.59 1.00
N PHE A 14 -13.81 5.36 1.12
CA PHE A 14 -15.25 5.05 1.13
C PHE A 14 -15.60 4.09 2.27
N LYS A 15 -15.59 2.78 1.99
CA LYS A 15 -15.68 1.72 3.00
C LYS A 15 -14.34 1.51 3.73
N CYS A 16 -14.32 0.46 4.57
CA CYS A 16 -13.19 -0.02 5.41
C CYS A 16 -12.95 0.84 6.66
N ASN A 17 -13.50 0.33 7.76
CA ASN A 17 -13.41 0.91 9.12
C ASN A 17 -11.98 1.09 9.65
N SER A 18 -11.30 -0.04 9.90
CA SER A 18 -9.88 -0.04 10.28
C SER A 18 -9.07 0.47 9.08
N GLU A 19 -7.89 1.01 9.40
CA GLU A 19 -7.08 1.92 8.56
C GLU A 19 -7.79 3.28 8.33
N ALA A 20 -7.11 4.32 8.79
CA ALA A 20 -7.55 5.73 8.69
C ALA A 20 -6.41 6.66 9.18
N LYS A 21 -6.42 7.02 10.47
CA LYS A 21 -5.45 7.97 11.07
C LYS A 21 -3.97 7.56 10.90
N TYR A 22 -3.52 6.57 11.68
CA TYR A 22 -2.15 6.01 11.57
C TYR A 22 -1.76 5.60 10.13
N TYR A 23 -2.74 5.12 9.38
CA TYR A 23 -2.59 4.77 7.95
C TYR A 23 -2.16 6.01 7.15
N LEU A 24 -3.03 7.02 7.07
CA LEU A 24 -2.70 8.27 6.36
C LEU A 24 -1.46 8.99 6.93
N ASN A 25 -1.37 9.04 8.26
CA ASN A 25 -0.23 9.66 8.97
C ASN A 25 1.17 9.07 8.68
N ILE A 26 1.21 7.77 8.35
CA ILE A 26 2.49 7.10 8.03
C ILE A 26 2.65 6.68 6.54
N ILE A 27 1.55 6.49 5.80
CA ILE A 27 1.62 6.16 4.35
C ILE A 27 1.23 7.30 3.38
N GLU A 28 0.33 8.20 3.75
CA GLU A 28 -0.24 9.22 2.83
C GLU A 28 0.85 10.15 2.28
N GLY A 29 1.09 9.94 0.99
CA GLY A 29 2.19 10.60 0.28
C GLY A 29 3.25 9.55 -0.10
N GLU A 30 4.50 9.98 0.04
CA GLU A 30 5.65 9.22 -0.46
C GLU A 30 6.76 8.99 0.58
N TRP A 31 7.06 7.71 0.73
CA TRP A 31 8.26 7.21 1.43
C TRP A 31 9.50 7.62 0.61
N HIS A 32 10.61 7.90 1.31
CA HIS A 32 11.93 8.25 0.73
C HIS A 32 11.98 9.65 0.05
N PRO A 33 13.12 10.35 0.12
CA PRO A 33 13.32 11.64 -0.57
C PRO A 33 13.52 11.52 -2.09
N GLN A 34 13.71 12.66 -2.75
CA GLN A 34 13.80 12.72 -4.22
C GLN A 34 15.22 13.04 -4.74
N ASP A 35 16.16 12.18 -4.34
CA ASP A 35 17.59 12.32 -4.73
C ASP A 35 18.18 11.21 -5.60
N LEU A 36 17.31 10.61 -6.41
CA LEU A 36 17.68 9.52 -7.35
C LEU A 36 16.54 9.31 -8.36
N ASN A 37 16.47 10.24 -9.33
CA ASN A 37 15.46 10.30 -10.42
C ASN A 37 13.99 10.55 -10.00
N ASP A 38 13.64 10.11 -8.80
CA ASP A 38 12.33 10.18 -8.13
C ASP A 38 11.39 9.08 -8.62
N SER A 39 11.32 8.05 -7.79
CA SER A 39 10.53 6.83 -8.07
C SER A 39 10.10 5.99 -6.83
N PRO A 40 9.69 6.61 -5.70
CA PRO A 40 9.42 5.87 -4.45
C PRO A 40 7.96 5.37 -4.38
N LEU A 41 7.43 5.29 -3.16
CA LEU A 41 6.10 4.77 -2.85
C LEU A 41 5.16 5.90 -2.40
N LYS A 42 4.33 6.34 -3.34
CA LYS A 42 3.33 7.41 -3.15
C LYS A 42 1.88 6.93 -3.29
N PHE A 43 1.13 7.23 -2.24
CA PHE A 43 -0.30 6.88 -2.12
C PHE A 43 -1.18 8.08 -1.76
N ILE A 44 -2.33 8.14 -2.44
CA ILE A 44 -3.38 9.17 -2.28
C ILE A 44 -4.74 8.58 -1.84
N LEU A 45 -5.71 9.48 -1.70
CA LEU A 45 -7.05 9.22 -1.10
C LEU A 45 -8.14 9.47 -2.16
N SER A 46 -9.10 8.54 -2.22
CA SER A 46 -10.32 8.64 -3.03
C SER A 46 -9.99 8.87 -4.52
N THR A 47 -10.87 9.59 -5.22
CA THR A 47 -10.70 10.05 -6.62
C THR A 47 -10.51 8.83 -7.54
N SER A 48 -9.86 9.02 -8.69
CA SER A 48 -9.49 7.92 -9.64
C SER A 48 -10.69 7.05 -10.07
N ASP A 49 -11.87 7.67 -10.21
CA ASP A 49 -13.17 7.02 -10.46
C ASP A 49 -13.59 6.06 -9.31
N ASP A 50 -13.16 4.81 -9.38
CA ASP A 50 -13.39 3.81 -8.31
C ASP A 50 -12.09 3.33 -7.62
N SER A 51 -11.07 4.19 -7.66
CA SER A 51 -9.69 3.90 -7.19
C SER A 51 -9.05 2.72 -7.94
N ASP A 52 -7.78 2.47 -7.63
CA ASP A 52 -7.05 1.31 -8.19
C ASP A 52 -6.98 0.11 -7.22
N TYR A 53 -7.03 0.40 -5.92
CA TYR A 53 -7.01 -0.60 -4.83
C TYR A 53 -8.35 -0.66 -4.08
N ILE A 54 -8.82 -1.88 -3.87
CA ILE A 54 -10.07 -2.17 -3.14
C ILE A 54 -9.80 -3.05 -1.91
N CYS A 55 -9.95 -2.42 -0.75
CA CYS A 55 -9.85 -3.05 0.58
C CYS A 55 -11.06 -3.94 0.91
N LYS A 56 -10.86 -5.25 0.81
CA LYS A 56 -11.89 -6.24 1.20
C LYS A 56 -12.00 -6.43 2.71
N TYR A 57 -10.85 -6.48 3.39
CA TYR A 57 -10.80 -6.60 4.85
C TYR A 57 -9.58 -5.87 5.41
N ILE A 58 -9.78 -5.35 6.62
CA ILE A 58 -8.83 -4.49 7.34
C ILE A 58 -8.65 -4.99 8.78
N ASN A 59 -7.40 -5.06 9.23
CA ASN A 59 -7.07 -5.69 10.51
C ASN A 59 -6.35 -4.77 11.51
N THR A 60 -7.15 -4.21 12.40
CA THR A 60 -6.68 -3.34 13.51
C THR A 60 -5.73 -4.03 14.50
N GLU A 61 -5.97 -5.33 14.73
CA GLU A 61 -5.22 -6.12 15.73
C GLU A 61 -3.72 -6.19 15.44
N HIS A 62 -3.36 -6.35 14.17
CA HIS A 62 -1.95 -6.26 13.73
C HIS A 62 -1.65 -4.96 12.95
N LYS A 63 -2.50 -3.95 13.17
CA LYS A 63 -2.49 -2.64 12.51
C LYS A 63 -2.22 -2.68 10.99
N GLN A 64 -2.79 -3.71 10.35
CA GLN A 64 -2.51 -4.07 8.96
C GLN A 64 -3.81 -4.08 8.12
N LEU A 65 -3.64 -3.95 6.80
CA LEU A 65 -4.78 -3.94 5.85
C LEU A 65 -4.57 -4.80 4.59
N THR A 66 -5.70 -5.35 4.13
CA THR A 66 -5.75 -6.38 3.06
C THR A 66 -6.62 -5.89 1.89
N LEU A 67 -5.93 -5.45 0.83
CA LEU A 67 -6.58 -4.90 -0.39
C LEU A 67 -6.05 -5.44 -1.73
N TYR A 68 -6.97 -5.60 -2.69
CA TYR A 68 -6.63 -6.08 -4.04
C TYR A 68 -6.84 -5.00 -5.12
N ASN A 69 -5.89 -4.97 -6.04
CA ASN A 69 -5.88 -4.03 -7.17
C ASN A 69 -6.70 -4.57 -8.35
N LYS A 70 -7.54 -3.68 -8.86
CA LYS A 70 -8.49 -3.97 -9.96
C LYS A 70 -8.15 -3.20 -11.25
N ASN A 71 -6.85 -3.10 -11.51
CA ASN A 71 -6.30 -2.61 -12.80
C ASN A 71 -5.70 -3.73 -13.66
N ASN A 72 -5.39 -4.86 -13.02
CA ASN A 72 -4.73 -6.01 -13.69
C ASN A 72 -5.69 -7.21 -13.81
N SER A 73 -5.77 -7.99 -12.74
CA SER A 73 -6.64 -9.18 -12.65
C SER A 73 -7.24 -9.30 -11.25
N SER A 74 -6.36 -9.57 -10.27
CA SER A 74 -6.73 -9.72 -8.84
C SER A 74 -5.47 -9.83 -7.96
N ILE A 75 -4.94 -8.68 -7.57
CA ILE A 75 -3.69 -8.62 -6.78
C ILE A 75 -3.87 -8.00 -5.38
N VAL A 76 -3.85 -8.88 -4.40
CA VAL A 76 -4.14 -8.59 -2.98
C VAL A 76 -2.80 -8.32 -2.26
N ILE A 77 -2.65 -7.13 -1.73
CA ILE A 77 -1.48 -6.81 -0.89
C ILE A 77 -1.88 -6.55 0.57
N GLU A 78 -0.97 -7.00 1.43
CA GLU A 78 -1.11 -6.94 2.90
C GLU A 78 0.04 -6.07 3.46
N ILE A 79 -0.33 -4.84 3.80
CA ILE A 79 0.67 -3.83 4.23
C ILE A 79 0.38 -3.21 5.61
N PHE A 80 1.43 -3.10 6.42
CA PHE A 80 1.37 -2.48 7.75
C PHE A 80 2.14 -1.15 7.77
N ILE A 81 1.37 -0.16 8.18
CA ILE A 81 1.74 1.27 8.28
C ILE A 81 1.74 1.62 9.80
N PRO A 82 2.91 1.53 10.45
CA PRO A 82 3.04 1.76 11.91
C PRO A 82 3.34 3.23 12.23
N ASN A 83 4.64 3.55 12.23
CA ASN A 83 5.30 4.87 12.40
C ASN A 83 6.81 4.54 12.43
N ASP A 84 7.61 5.36 13.13
CA ASP A 84 9.01 5.09 13.53
C ASP A 84 9.93 4.58 12.40
N ASN A 85 9.67 5.10 11.21
CA ASN A 85 10.41 4.81 9.98
C ASN A 85 10.36 3.31 9.64
N LYS A 86 9.16 2.82 9.32
CA LYS A 86 8.91 1.44 8.83
C LYS A 86 7.52 1.21 8.20
N ILE A 87 7.51 0.30 7.22
CA ILE A 87 6.34 -0.26 6.52
C ILE A 87 6.74 -1.60 5.85
N LEU A 88 5.80 -2.55 5.86
CA LEU A 88 5.99 -3.86 5.21
C LEU A 88 4.93 -4.16 4.13
N LEU A 89 5.38 -4.75 3.02
CA LEU A 89 4.54 -5.14 1.87
C LEU A 89 4.56 -6.64 1.54
N THR A 90 3.35 -7.18 1.44
CA THR A 90 3.09 -8.58 1.01
C THR A 90 2.29 -8.56 -0.31
N ILE A 91 2.56 -9.55 -1.17
CA ILE A 91 1.86 -9.77 -2.46
C ILE A 91 1.01 -11.06 -2.40
N MET A 92 -0.10 -11.07 -3.13
CA MET A 92 -1.01 -12.22 -3.35
C MET A 92 -1.86 -11.98 -4.61
N ASN A 93 -2.44 -13.06 -5.13
CA ASN A 93 -3.44 -12.98 -6.21
C ASN A 93 -4.68 -13.83 -5.93
N THR A 94 -5.85 -13.18 -6.01
CA THR A 94 -7.16 -13.84 -5.78
C THR A 94 -7.42 -14.97 -6.80
N GLU A 95 -6.93 -14.78 -8.02
CA GLU A 95 -6.97 -15.81 -9.08
C GLU A 95 -5.60 -16.31 -9.59
N ALA A 96 -4.63 -16.38 -8.67
CA ALA A 96 -3.25 -16.87 -8.92
C ALA A 96 -2.48 -17.00 -7.59
N LEU A 97 -1.15 -16.81 -7.59
CA LEU A 97 -0.29 -17.01 -6.40
C LEU A 97 0.47 -15.74 -5.99
N GLY A 98 1.09 -15.81 -4.80
CA GLY A 98 1.84 -14.69 -4.19
C GLY A 98 2.64 -15.20 -2.98
N THR A 99 2.61 -14.41 -1.92
CA THR A 99 3.23 -14.70 -0.59
C THR A 99 4.60 -15.40 -0.63
N SER A 100 5.61 -14.54 -0.80
CA SER A 100 7.03 -14.92 -0.94
C SER A 100 8.02 -13.76 -0.72
N PRO A 101 8.10 -12.71 -1.56
CA PRO A 101 9.14 -11.68 -1.46
C PRO A 101 9.10 -10.86 -0.15
N ARG A 102 8.05 -10.05 0.01
CA ARG A 102 7.85 -9.11 1.14
C ARG A 102 8.94 -8.03 1.25
N MET A 103 8.47 -6.79 1.14
CA MET A 103 9.38 -5.63 1.12
C MET A 103 9.18 -4.72 2.34
N THR A 104 10.25 -4.62 3.10
CA THR A 104 10.28 -3.82 4.35
C THR A 104 11.05 -2.50 4.07
N PHE A 105 10.24 -1.49 3.81
CA PHE A 105 10.73 -0.13 3.46
C PHE A 105 10.64 0.71 4.75
N ILE A 106 11.67 1.50 4.98
CA ILE A 106 11.66 2.41 6.16
C ILE A 106 11.66 3.88 5.70
N LYS A 107 10.88 4.69 6.41
CA LYS A 107 10.72 6.14 6.13
C LYS A 107 12.04 6.87 6.44
N HIS A 108 12.89 6.90 5.43
CA HIS A 108 14.30 7.37 5.45
C HIS A 108 15.21 6.22 5.91
N LYS A 109 16.08 5.81 5.00
CA LYS A 109 17.05 4.71 5.26
C LYS A 109 18.06 5.02 6.38
N GLY A 1 7.15 -7.09 -11.59
CA GLY A 1 8.56 -7.38 -11.92
C GLY A 1 9.59 -6.49 -11.20
N SER A 2 9.91 -5.36 -11.83
CA SER A 2 10.83 -4.34 -11.26
C SER A 2 10.12 -3.49 -10.18
N MET A 3 10.84 -3.28 -9.08
CA MET A 3 10.41 -2.42 -7.96
C MET A 3 11.50 -1.44 -7.50
N GLU A 4 11.20 -0.69 -6.43
CA GLU A 4 12.08 0.29 -5.78
C GLU A 4 12.57 1.47 -6.67
N GLN A 5 11.61 1.91 -7.48
CA GLN A 5 11.63 3.08 -8.37
C GLN A 5 10.19 3.29 -8.86
N PHE A 6 9.65 4.45 -8.49
CA PHE A 6 8.29 4.92 -8.86
C PHE A 6 7.16 4.01 -8.34
N GLU A 7 6.72 4.33 -7.13
CA GLU A 7 5.67 3.56 -6.44
C GLU A 7 4.42 4.41 -6.16
N LEU A 8 3.44 4.25 -7.03
CA LEU A 8 2.17 5.00 -6.97
C LEU A 8 1.03 4.06 -6.55
N PHE A 9 0.42 4.42 -5.42
CA PHE A 9 -0.74 3.68 -4.85
C PHE A 9 -1.94 4.61 -4.59
N SER A 10 -3.14 4.09 -4.82
CA SER A 10 -4.40 4.87 -4.67
C SER A 10 -5.47 4.09 -3.91
N ILE A 11 -5.89 4.62 -2.74
CA ILE A 11 -6.98 4.00 -1.94
C ILE A 11 -8.37 4.14 -2.60
N ASP A 12 -9.32 3.35 -2.10
CA ASP A 12 -10.74 3.39 -2.52
C ASP A 12 -11.60 4.53 -1.94
N LYS A 13 -10.98 5.50 -1.25
CA LYS A 13 -11.64 6.60 -0.51
C LYS A 13 -12.86 6.08 0.29
N PHE A 14 -12.57 5.26 1.29
CA PHE A 14 -13.61 4.61 2.10
C PHE A 14 -13.31 4.70 3.61
N LYS A 15 -12.83 3.60 4.19
CA LYS A 15 -12.46 3.45 5.62
C LYS A 15 -11.86 2.07 5.93
N CYS A 16 -12.64 1.02 5.63
CA CYS A 16 -12.32 -0.40 5.89
C CYS A 16 -12.13 -0.74 7.39
N ASN A 17 -13.22 -0.44 8.11
CA ASN A 17 -13.41 -0.55 9.58
C ASN A 17 -12.57 0.47 10.38
N SER A 18 -11.36 0.07 10.76
CA SER A 18 -10.39 0.98 11.42
C SER A 18 -9.58 1.68 10.31
N GLU A 19 -8.36 2.10 10.64
CA GLU A 19 -7.39 2.86 9.81
C GLU A 19 -7.90 4.28 9.51
N ALA A 20 -6.97 5.23 9.65
CA ALA A 20 -7.17 6.68 9.43
C ALA A 20 -5.86 7.43 9.69
N LYS A 21 -5.61 7.83 10.95
CA LYS A 21 -4.43 8.62 11.37
C LYS A 21 -3.07 7.99 11.02
N TYR A 22 -2.63 6.99 11.79
CA TYR A 22 -1.39 6.24 11.53
C TYR A 22 -1.26 5.70 10.09
N TYR A 23 -2.40 5.33 9.49
CA TYR A 23 -2.49 5.06 8.05
C TYR A 23 -2.05 6.24 7.18
N LEU A 24 -2.84 7.32 7.14
CA LEU A 24 -2.53 8.50 6.31
C LEU A 24 -1.13 9.09 6.61
N ASN A 25 -0.79 9.14 7.89
CA ASN A 25 0.53 9.62 8.37
C ASN A 25 1.76 8.87 7.83
N ILE A 26 1.58 7.59 7.49
CA ILE A 26 2.67 6.75 6.95
C ILE A 26 2.43 6.28 5.49
N ILE A 27 1.19 6.00 5.09
CA ILE A 27 0.88 5.63 3.69
C ILE A 27 0.62 6.84 2.75
N GLU A 28 -0.07 7.85 3.27
CA GLU A 28 -0.48 9.03 2.47
C GLU A 28 0.62 10.09 2.46
N GLY A 29 1.19 10.22 1.26
CA GLY A 29 2.34 11.08 0.99
C GLY A 29 3.44 10.30 0.24
N GLU A 30 4.58 10.96 0.08
CA GLU A 30 5.72 10.41 -0.70
C GLU A 30 6.97 10.19 0.16
N TRP A 31 7.52 9.00 -0.02
CA TRP A 31 8.67 8.51 0.77
C TRP A 31 10.02 8.77 0.09
N HIS A 32 10.93 9.18 0.97
CA HIS A 32 12.25 9.77 0.64
C HIS A 32 12.08 11.13 -0.06
N PRO A 33 12.95 12.11 0.24
CA PRO A 33 12.84 13.48 -0.31
C PRO A 33 12.87 13.53 -1.85
N GLN A 34 14.06 13.47 -2.44
CA GLN A 34 14.22 13.45 -3.92
C GLN A 34 15.47 12.71 -4.46
N ASP A 35 16.19 12.06 -3.54
CA ASP A 35 17.54 11.52 -3.81
C ASP A 35 17.49 10.06 -4.31
N LEU A 36 16.55 9.84 -5.22
CA LEU A 36 16.19 8.52 -5.79
C LEU A 36 15.62 8.65 -7.22
N ASN A 37 16.34 9.44 -8.04
CA ASN A 37 15.97 9.80 -9.43
C ASN A 37 14.52 10.35 -9.55
N ASP A 38 14.11 11.10 -8.53
CA ASP A 38 12.76 11.68 -8.36
C ASP A 38 11.59 10.71 -8.63
N SER A 39 11.58 9.59 -7.92
CA SER A 39 10.51 8.57 -8.01
C SER A 39 10.15 7.86 -6.68
N PRO A 40 9.56 8.57 -5.70
CA PRO A 40 9.22 8.03 -4.37
C PRO A 40 8.13 6.94 -4.35
N LEU A 41 7.80 6.55 -3.12
CA LEU A 41 6.60 5.77 -2.75
C LEU A 41 5.51 6.74 -2.28
N LYS A 42 4.57 7.02 -3.17
CA LYS A 42 3.43 7.91 -2.88
C LYS A 42 2.08 7.22 -3.09
N PHE A 43 1.29 7.39 -2.05
CA PHE A 43 -0.13 6.96 -2.04
C PHE A 43 -1.07 8.15 -1.83
N ILE A 44 -2.15 8.08 -2.61
CA ILE A 44 -3.24 9.07 -2.61
C ILE A 44 -4.61 8.41 -2.30
N LEU A 45 -5.65 9.21 -2.46
CA LEU A 45 -7.03 8.91 -2.05
C LEU A 45 -8.02 9.04 -3.21
N SER A 46 -8.55 7.88 -3.60
CA SER A 46 -9.45 7.67 -4.77
C SER A 46 -8.71 7.82 -6.10
N THR A 47 -9.42 7.39 -7.13
CA THR A 47 -9.03 7.56 -8.55
C THR A 47 -10.32 7.94 -9.31
N SER A 48 -10.17 8.66 -10.41
CA SER A 48 -11.27 9.13 -11.29
C SER A 48 -12.33 8.06 -11.62
N ASP A 49 -11.89 6.82 -11.82
CA ASP A 49 -12.73 5.66 -12.15
C ASP A 49 -13.27 4.90 -10.90
N ASP A 50 -13.76 5.66 -9.92
CA ASP A 50 -14.21 5.14 -8.60
C ASP A 50 -13.13 4.29 -7.89
N SER A 51 -11.90 4.82 -7.92
CA SER A 51 -10.68 4.19 -7.38
C SER A 51 -10.25 2.91 -8.11
N ASP A 52 -9.03 2.45 -7.79
CA ASP A 52 -8.46 1.21 -8.37
C ASP A 52 -8.18 0.10 -7.34
N TYR A 53 -7.81 0.48 -6.11
CA TYR A 53 -7.52 -0.49 -5.03
C TYR A 53 -8.68 -0.57 -4.03
N ILE A 54 -9.20 -1.79 -3.87
CA ILE A 54 -10.36 -2.05 -3.01
C ILE A 54 -9.93 -2.93 -1.82
N CYS A 55 -9.97 -2.31 -0.65
CA CYS A 55 -9.69 -3.00 0.63
C CYS A 55 -10.92 -3.77 1.12
N LYS A 56 -10.71 -5.05 1.39
CA LYS A 56 -11.76 -5.92 1.94
C LYS A 56 -12.07 -5.57 3.41
N TYR A 57 -11.01 -5.40 4.21
CA TYR A 57 -11.05 -4.98 5.63
C TYR A 57 -9.63 -4.90 6.25
N ILE A 58 -9.51 -4.07 7.28
CA ILE A 58 -8.33 -4.07 8.16
C ILE A 58 -8.29 -5.31 9.08
N ASN A 59 -7.08 -5.75 9.37
CA ASN A 59 -6.77 -6.90 10.23
C ASN A 59 -6.06 -6.41 11.49
N THR A 60 -6.73 -6.65 12.62
CA THR A 60 -6.21 -6.30 13.97
C THR A 60 -5.03 -7.17 14.45
N GLU A 61 -4.42 -7.93 13.52
CA GLU A 61 -3.26 -8.80 13.80
C GLU A 61 -2.00 -8.01 14.19
N HIS A 62 -1.79 -6.91 13.47
CA HIS A 62 -0.71 -5.92 13.69
C HIS A 62 -0.96 -4.62 12.90
N LYS A 63 -2.19 -4.12 13.01
CA LYS A 63 -2.66 -2.86 12.36
C LYS A 63 -2.48 -2.85 10.81
N GLN A 64 -2.83 -3.98 10.19
CA GLN A 64 -2.48 -4.27 8.77
C GLN A 64 -3.72 -4.43 7.88
N LEU A 65 -3.61 -4.07 6.61
CA LEU A 65 -4.74 -4.07 5.65
C LEU A 65 -4.59 -5.11 4.51
N THR A 66 -5.75 -5.65 4.13
CA THR A 66 -5.88 -6.58 2.99
C THR A 66 -6.71 -5.92 1.87
N LEU A 67 -6.02 -5.54 0.80
CA LEU A 67 -6.63 -4.90 -0.40
C LEU A 67 -6.30 -5.61 -1.72
N TYR A 68 -7.25 -5.58 -2.64
CA TYR A 68 -7.08 -6.13 -4.00
C TYR A 68 -7.32 -5.06 -5.08
N ASN A 69 -6.40 -5.07 -6.04
CA ASN A 69 -6.35 -4.09 -7.13
C ASN A 69 -7.13 -4.57 -8.36
N LYS A 70 -8.11 -3.76 -8.72
CA LYS A 70 -9.06 -4.01 -9.83
C LYS A 70 -8.54 -3.56 -11.22
N ASN A 71 -7.21 -3.43 -11.34
CA ASN A 71 -6.55 -2.99 -12.58
C ASN A 71 -6.02 -4.11 -13.49
N ASN A 72 -5.57 -5.21 -12.89
CA ASN A 72 -5.06 -6.36 -13.66
C ASN A 72 -6.06 -7.52 -13.81
N SER A 73 -6.60 -7.96 -12.67
CA SER A 73 -7.53 -9.11 -12.56
C SER A 73 -7.98 -9.29 -11.09
N SER A 74 -7.05 -9.76 -10.25
CA SER A 74 -7.33 -10.06 -8.82
C SER A 74 -6.05 -10.11 -7.95
N ILE A 75 -5.39 -8.96 -7.90
CA ILE A 75 -4.08 -8.82 -7.25
C ILE A 75 -4.24 -8.21 -5.85
N VAL A 76 -3.98 -9.06 -4.86
CA VAL A 76 -4.27 -8.81 -3.44
C VAL A 76 -2.92 -8.52 -2.74
N ILE A 77 -2.84 -7.32 -2.17
CA ILE A 77 -1.68 -6.90 -1.36
C ILE A 77 -2.10 -6.69 0.10
N GLU A 78 -1.18 -7.11 0.96
CA GLU A 78 -1.26 -6.92 2.42
C GLU A 78 -0.12 -6.02 2.90
N ILE A 79 -0.56 -4.86 3.37
CA ILE A 79 0.36 -3.79 3.84
C ILE A 79 0.09 -3.38 5.28
N PHE A 80 1.19 -3.27 6.03
CA PHE A 80 1.17 -2.69 7.38
C PHE A 80 1.81 -1.32 7.32
N ILE A 81 0.98 -0.36 7.77
CA ILE A 81 1.27 1.06 7.87
C ILE A 81 1.40 1.40 9.37
N PRO A 82 2.61 1.31 9.94
CA PRO A 82 2.85 1.54 11.37
C PRO A 82 3.04 3.05 11.69
N ASN A 83 4.31 3.44 11.76
CA ASN A 83 4.93 4.74 12.12
C ASN A 83 6.43 4.49 12.30
N ASP A 84 7.14 5.39 12.98
CA ASP A 84 8.59 5.25 13.28
C ASP A 84 9.48 4.94 12.06
N ASN A 85 9.01 5.41 10.90
CA ASN A 85 9.59 5.19 9.56
C ASN A 85 9.67 3.70 9.17
N LYS A 86 8.50 3.07 8.99
CA LYS A 86 8.35 1.67 8.55
C LYS A 86 7.04 1.39 7.80
N ILE A 87 7.12 0.52 6.79
CA ILE A 87 6.00 -0.16 6.10
C ILE A 87 6.43 -1.56 5.57
N LEU A 88 5.46 -2.47 5.56
CA LEU A 88 5.56 -3.81 4.94
C LEU A 88 4.57 -3.98 3.78
N LEU A 89 5.00 -4.69 2.74
CA LEU A 89 4.15 -5.14 1.61
C LEU A 89 4.26 -6.66 1.36
N THR A 90 3.10 -7.25 1.09
CA THR A 90 2.91 -8.66 0.70
C THR A 90 2.12 -8.71 -0.62
N ILE A 91 2.43 -9.70 -1.44
CA ILE A 91 1.78 -9.95 -2.75
C ILE A 91 0.94 -11.25 -2.64
N MET A 92 -0.17 -11.27 -3.39
CA MET A 92 -1.11 -12.39 -3.59
C MET A 92 -2.04 -12.13 -4.79
N ASN A 93 -2.71 -13.19 -5.24
CA ASN A 93 -3.76 -13.13 -6.27
C ASN A 93 -4.89 -14.13 -5.99
N THR A 94 -6.13 -13.68 -6.19
CA THR A 94 -7.33 -14.52 -6.07
C THR A 94 -7.34 -15.69 -7.09
N GLU A 95 -6.66 -15.48 -8.22
CA GLU A 95 -6.49 -16.51 -9.27
C GLU A 95 -5.04 -17.04 -9.45
N ALA A 96 -4.17 -16.82 -8.48
CA ALA A 96 -2.73 -17.15 -8.56
C ALA A 96 -2.06 -17.09 -7.17
N LEU A 97 -0.75 -16.78 -7.11
CA LEU A 97 0.04 -16.87 -5.86
C LEU A 97 0.61 -15.50 -5.44
N GLY A 98 1.69 -15.51 -4.64
CA GLY A 98 2.35 -14.28 -4.16
C GLY A 98 2.73 -14.27 -2.67
N THR A 99 2.06 -15.11 -1.88
CA THR A 99 2.29 -15.28 -0.43
C THR A 99 3.67 -15.88 -0.08
N SER A 100 4.70 -15.06 -0.32
CA SER A 100 6.12 -15.35 -0.01
C SER A 100 7.12 -14.18 -0.16
N PRO A 101 7.05 -13.31 -1.19
CA PRO A 101 7.81 -12.05 -1.18
C PRO A 101 7.17 -10.98 -0.31
N ARG A 102 8.05 -10.23 0.35
CA ARG A 102 7.71 -9.10 1.22
C ARG A 102 8.74 -7.98 1.04
N MET A 103 8.26 -6.73 1.07
CA MET A 103 9.11 -5.54 0.95
C MET A 103 8.93 -4.60 2.16
N THR A 104 10.08 -4.19 2.69
CA THR A 104 10.18 -3.29 3.85
C THR A 104 10.76 -1.92 3.48
N PHE A 105 9.83 -1.00 3.27
CA PHE A 105 10.10 0.39 2.84
C PHE A 105 9.95 1.24 4.10
N ILE A 106 11.09 1.74 4.53
CA ILE A 106 11.21 2.48 5.79
C ILE A 106 11.67 3.93 5.52
N LYS A 107 10.88 4.89 6.03
CA LYS A 107 11.04 6.33 5.76
C LYS A 107 12.27 6.92 6.48
N HIS A 108 13.42 6.34 6.15
CA HIS A 108 14.80 6.58 6.62
C HIS A 108 15.24 5.46 7.56
N LYS A 109 16.07 4.59 6.99
CA LYS A 109 16.65 3.38 7.64
C LYS A 109 17.43 3.71 8.93
N GLY A 1 8.12 -10.02 -11.20
CA GLY A 1 8.27 -8.97 -10.17
C GLY A 1 9.29 -7.87 -10.50
N SER A 2 8.78 -6.81 -11.14
CA SER A 2 9.57 -5.62 -11.52
C SER A 2 8.82 -4.32 -11.17
N MET A 3 8.50 -4.17 -9.88
CA MET A 3 7.74 -3.01 -9.38
C MET A 3 8.61 -2.19 -8.40
N GLU A 4 9.66 -1.64 -8.99
CA GLU A 4 10.69 -0.83 -8.31
C GLU A 4 10.94 0.45 -9.10
N GLN A 5 11.45 1.48 -8.42
CA GLN A 5 11.70 2.82 -9.00
C GLN A 5 10.43 3.54 -9.52
N PHE A 6 9.30 3.25 -8.86
CA PHE A 6 7.99 3.94 -9.01
C PHE A 6 6.88 3.12 -8.34
N GLU A 7 6.48 3.53 -7.13
CA GLU A 7 5.37 2.88 -6.44
C GLU A 7 4.22 3.86 -6.13
N LEU A 8 3.22 3.84 -7.00
CA LEU A 8 1.99 4.65 -6.88
C LEU A 8 0.78 3.78 -6.52
N PHE A 9 0.18 4.12 -5.38
CA PHE A 9 -1.00 3.39 -4.85
C PHE A 9 -2.17 4.33 -4.49
N SER A 10 -3.37 3.93 -4.90
CA SER A 10 -4.60 4.76 -4.71
C SER A 10 -5.70 4.01 -3.94
N ILE A 11 -6.11 4.55 -2.79
CA ILE A 11 -7.23 3.99 -2.00
C ILE A 11 -8.61 4.27 -2.62
N ASP A 12 -9.53 3.35 -2.35
CA ASP A 12 -10.98 3.54 -2.64
C ASP A 12 -11.66 4.76 -2.00
N LYS A 13 -11.19 5.18 -0.82
CA LYS A 13 -11.80 6.25 0.00
C LYS A 13 -13.31 6.02 0.25
N PHE A 14 -13.66 4.75 0.43
CA PHE A 14 -15.05 4.29 0.50
C PHE A 14 -15.32 3.49 1.79
N LYS A 15 -15.08 2.18 1.74
CA LYS A 15 -15.37 1.26 2.84
C LYS A 15 -14.05 0.61 3.28
N CYS A 16 -13.52 1.15 4.38
CA CYS A 16 -12.24 0.68 4.98
C CYS A 16 -12.04 1.24 6.39
N ASN A 17 -12.20 0.33 7.36
CA ASN A 17 -12.03 0.62 8.80
C ASN A 17 -10.61 0.22 9.30
N SER A 18 -10.37 0.34 10.60
CA SER A 18 -9.08 0.11 11.30
C SER A 18 -8.04 1.15 10.82
N GLU A 19 -7.63 0.97 9.57
CA GLU A 19 -6.85 1.94 8.79
C GLU A 19 -7.69 3.20 8.52
N ALA A 20 -7.07 4.34 8.82
CA ALA A 20 -7.57 5.71 8.58
C ALA A 20 -6.48 6.73 8.95
N LYS A 21 -6.47 7.18 10.21
CA LYS A 21 -5.53 8.17 10.76
C LYS A 21 -4.06 7.82 10.54
N TYR A 22 -3.51 6.90 11.34
CA TYR A 22 -2.13 6.39 11.21
C TYR A 22 -1.74 5.91 9.80
N TYR A 23 -2.70 5.36 9.07
CA TYR A 23 -2.52 4.98 7.65
C TYR A 23 -2.18 6.22 6.82
N LEU A 24 -3.12 7.16 6.73
CA LEU A 24 -2.94 8.41 5.97
C LEU A 24 -1.74 9.22 6.49
N ASN A 25 -1.67 9.42 7.80
CA ASN A 25 -0.59 10.16 8.47
C ASN A 25 0.84 9.62 8.25
N ILE A 26 0.97 8.33 7.95
CA ILE A 26 2.28 7.70 7.66
C ILE A 26 2.47 7.20 6.20
N ILE A 27 1.39 7.05 5.40
CA ILE A 27 1.49 6.66 3.97
C ILE A 27 1.04 7.69 2.91
N GLU A 28 0.18 8.65 3.28
CA GLU A 28 -0.33 9.70 2.38
C GLU A 28 0.83 10.61 1.92
N GLY A 29 1.32 10.29 0.72
CA GLY A 29 2.54 10.87 0.16
C GLY A 29 3.58 9.77 -0.08
N GLU A 30 4.86 10.15 0.05
CA GLU A 30 5.99 9.29 -0.32
C GLU A 30 7.05 9.01 0.74
N TRP A 31 7.32 7.71 0.87
CA TRP A 31 8.40 7.13 1.68
C TRP A 31 9.77 7.35 1.03
N HIS A 32 10.61 8.09 1.75
CA HIS A 32 11.95 8.57 1.35
C HIS A 32 11.92 9.79 0.40
N PRO A 33 12.92 10.69 0.51
CA PRO A 33 13.10 11.81 -0.44
C PRO A 33 13.52 11.32 -1.83
N GLN A 34 13.97 12.26 -2.65
CA GLN A 34 14.21 12.02 -4.09
C GLN A 34 15.66 11.79 -4.54
N ASP A 35 16.45 11.26 -3.60
CA ASP A 35 17.92 11.03 -3.73
C ASP A 35 18.32 9.77 -4.54
N LEU A 36 17.46 9.45 -5.51
CA LEU A 36 17.54 8.31 -6.44
C LEU A 36 16.38 8.41 -7.44
N ASN A 37 16.60 9.31 -8.41
CA ASN A 37 15.74 9.58 -9.59
C ASN A 37 14.28 10.02 -9.33
N ASP A 38 13.95 10.29 -8.07
CA ASP A 38 12.60 10.62 -7.56
C ASP A 38 11.54 9.55 -7.92
N SER A 39 11.67 8.41 -7.23
CA SER A 39 10.80 7.25 -7.50
C SER A 39 10.37 6.42 -6.26
N PRO A 40 9.84 7.06 -5.19
CA PRO A 40 9.61 6.41 -3.89
C PRO A 40 8.33 5.54 -3.85
N LEU A 41 7.88 5.28 -2.61
CA LEU A 41 6.61 4.61 -2.30
C LEU A 41 5.58 5.69 -1.93
N LYS A 42 4.78 6.07 -2.91
CA LYS A 42 3.72 7.09 -2.73
C LYS A 42 2.29 6.56 -2.91
N PHE A 43 1.49 6.97 -1.94
CA PHE A 43 0.06 6.64 -1.90
C PHE A 43 -0.84 7.89 -1.82
N ILE A 44 -1.93 7.79 -2.56
CA ILE A 44 -3.01 8.81 -2.66
C ILE A 44 -4.41 8.24 -2.34
N LEU A 45 -5.34 9.17 -2.15
CA LEU A 45 -6.72 8.86 -1.71
C LEU A 45 -7.79 9.26 -2.74
N SER A 46 -8.80 8.40 -2.84
CA SER A 46 -9.94 8.51 -3.79
C SER A 46 -9.47 8.39 -5.25
N THR A 47 -10.45 8.24 -6.13
CA THR A 47 -10.23 8.17 -7.60
C THR A 47 -11.52 8.61 -8.32
N SER A 48 -11.99 9.81 -7.94
CA SER A 48 -13.24 10.46 -8.39
C SER A 48 -14.50 9.60 -8.19
N ASP A 49 -14.82 8.75 -9.16
CA ASP A 49 -15.93 7.78 -9.07
C ASP A 49 -15.58 6.35 -9.56
N ASP A 50 -14.29 6.01 -9.53
CA ASP A 50 -13.77 4.68 -9.92
C ASP A 50 -12.34 4.43 -9.41
N SER A 51 -12.29 3.83 -8.24
CA SER A 51 -11.03 3.58 -7.51
C SER A 51 -10.22 2.36 -7.95
N ASP A 52 -8.91 2.60 -7.98
CA ASP A 52 -7.89 1.58 -8.38
C ASP A 52 -7.80 0.38 -7.42
N TYR A 53 -7.76 0.67 -6.12
CA TYR A 53 -7.74 -0.34 -5.06
C TYR A 53 -9.09 -0.49 -4.34
N ILE A 54 -9.45 -1.75 -4.16
CA ILE A 54 -10.65 -2.13 -3.39
C ILE A 54 -10.25 -2.90 -2.11
N CYS A 55 -10.46 -2.18 -1.02
CA CYS A 55 -10.27 -2.62 0.37
C CYS A 55 -11.03 -3.92 0.66
N LYS A 56 -10.25 -4.98 0.87
CA LYS A 56 -10.77 -6.34 1.10
C LYS A 56 -11.24 -6.53 2.55
N TYR A 57 -10.30 -6.46 3.49
CA TYR A 57 -10.61 -6.55 4.94
C TYR A 57 -9.56 -5.88 5.84
N ILE A 58 -10.08 -5.49 6.99
CA ILE A 58 -9.35 -4.72 8.02
C ILE A 58 -8.52 -5.67 8.91
N ASN A 59 -7.31 -5.25 9.27
CA ASN A 59 -6.51 -6.04 10.22
C ASN A 59 -6.34 -5.31 11.56
N THR A 60 -7.37 -5.46 12.37
CA THR A 60 -7.44 -5.02 13.78
C THR A 60 -6.61 -5.90 14.72
N GLU A 61 -5.33 -5.96 14.39
CA GLU A 61 -4.26 -6.66 15.14
C GLU A 61 -2.92 -5.96 14.87
N HIS A 62 -2.29 -6.30 13.75
CA HIS A 62 -1.01 -5.69 13.31
C HIS A 62 -1.17 -4.38 12.52
N LYS A 63 -2.15 -3.57 12.94
CA LYS A 63 -2.56 -2.30 12.31
C LYS A 63 -2.37 -2.22 10.78
N GLN A 64 -2.94 -3.23 10.14
CA GLN A 64 -2.60 -3.59 8.74
C GLN A 64 -3.89 -3.61 7.88
N LEU A 65 -3.71 -3.34 6.59
CA LEU A 65 -4.83 -3.44 5.63
C LEU A 65 -4.51 -4.30 4.40
N THR A 66 -5.50 -5.10 4.05
CA THR A 66 -5.51 -5.97 2.85
C THR A 66 -6.47 -5.40 1.80
N LEU A 67 -5.91 -5.17 0.61
CA LEU A 67 -6.63 -4.54 -0.51
C LEU A 67 -6.13 -5.02 -1.87
N TYR A 68 -7.08 -5.25 -2.76
CA TYR A 68 -6.80 -5.81 -4.10
C TYR A 68 -7.10 -4.81 -5.23
N ASN A 69 -6.13 -4.74 -6.13
CA ASN A 69 -6.20 -3.82 -7.27
C ASN A 69 -7.07 -4.38 -8.40
N LYS A 70 -8.05 -3.57 -8.75
CA LYS A 70 -9.05 -3.91 -9.78
C LYS A 70 -8.87 -3.10 -11.08
N ASN A 71 -7.62 -2.75 -11.36
CA ASN A 71 -7.24 -2.13 -12.64
C ASN A 71 -6.56 -3.11 -13.61
N ASN A 72 -5.73 -4.01 -13.09
CA ASN A 72 -5.09 -5.09 -13.89
C ASN A 72 -5.86 -6.41 -13.95
N SER A 73 -6.26 -6.94 -12.79
CA SER A 73 -6.87 -8.29 -12.66
C SER A 73 -7.46 -8.50 -11.25
N SER A 74 -6.62 -8.91 -10.29
CA SER A 74 -6.95 -8.98 -8.85
C SER A 74 -5.72 -9.25 -7.98
N ILE A 75 -5.05 -8.13 -7.69
CA ILE A 75 -3.75 -8.10 -7.00
C ILE A 75 -3.96 -7.60 -5.56
N VAL A 76 -4.07 -8.57 -4.66
CA VAL A 76 -4.29 -8.31 -3.22
C VAL A 76 -2.95 -8.10 -2.49
N ILE A 77 -2.82 -6.87 -2.00
CA ILE A 77 -1.65 -6.47 -1.21
C ILE A 77 -2.00 -6.26 0.26
N GLU A 78 -1.08 -6.73 1.09
CA GLU A 78 -1.19 -6.63 2.56
C GLU A 78 0.00 -5.86 3.17
N ILE A 79 -0.35 -4.63 3.52
CA ILE A 79 0.62 -3.63 4.04
C ILE A 79 0.28 -3.18 5.47
N PHE A 80 1.34 -3.09 6.28
CA PHE A 80 1.29 -2.51 7.63
C PHE A 80 2.03 -1.17 7.63
N ILE A 81 1.27 -0.20 8.11
CA ILE A 81 1.66 1.22 8.27
C ILE A 81 1.80 1.57 9.78
N PRO A 82 2.98 1.33 10.38
CA PRO A 82 3.20 1.62 11.81
C PRO A 82 3.41 3.14 12.03
N ASN A 83 4.68 3.51 12.04
CA ASN A 83 5.34 4.82 12.25
C ASN A 83 6.78 4.45 12.63
N ASP A 84 7.49 5.31 13.38
CA ASP A 84 8.86 5.03 13.89
C ASP A 84 9.84 4.49 12.83
N ASN A 85 9.63 4.99 11.61
CA ASN A 85 10.39 4.64 10.39
C ASN A 85 10.32 3.12 10.09
N LYS A 86 9.15 2.68 9.63
CA LYS A 86 8.89 1.26 9.24
C LYS A 86 7.55 1.12 8.47
N ILE A 87 7.57 0.29 7.44
CA ILE A 87 6.39 -0.21 6.68
C ILE A 87 6.75 -1.54 5.97
N LEU A 88 5.78 -2.44 5.92
CA LEU A 88 5.92 -3.74 5.22
C LEU A 88 4.89 -3.89 4.09
N LEU A 89 5.37 -4.36 2.94
CA LEU A 89 4.55 -4.63 1.75
C LEU A 89 4.58 -6.09 1.28
N THR A 90 3.38 -6.63 1.07
CA THR A 90 3.17 -8.01 0.56
C THR A 90 2.29 -7.94 -0.70
N ILE A 91 2.64 -8.77 -1.68
CA ILE A 91 1.89 -8.92 -2.95
C ILE A 91 1.42 -10.40 -3.05
N MET A 92 0.16 -10.54 -3.46
CA MET A 92 -0.52 -11.82 -3.74
C MET A 92 -1.65 -11.56 -4.75
N ASN A 93 -2.05 -12.59 -5.51
CA ASN A 93 -3.13 -12.47 -6.50
C ASN A 93 -4.18 -13.56 -6.31
N THR A 94 -5.45 -13.20 -6.54
CA THR A 94 -6.66 -14.07 -6.41
C THR A 94 -6.43 -15.54 -6.00
N GLU A 95 -6.32 -16.43 -6.98
CA GLU A 95 -5.96 -17.85 -6.85
C GLU A 95 -4.62 -18.14 -7.56
N ALA A 96 -3.66 -17.24 -7.32
CA ALA A 96 -2.32 -17.27 -7.93
C ALA A 96 -1.20 -17.19 -6.86
N LEU A 97 0.02 -16.93 -7.31
CA LEU A 97 1.22 -16.89 -6.46
C LEU A 97 1.43 -15.56 -5.69
N GLY A 98 2.21 -15.71 -4.62
CA GLY A 98 2.60 -14.62 -3.70
C GLY A 98 3.76 -15.12 -2.82
N THR A 99 3.73 -14.69 -1.56
CA THR A 99 4.65 -15.15 -0.47
C THR A 99 6.16 -15.19 -0.82
N SER A 100 6.56 -14.18 -1.59
CA SER A 100 7.93 -14.00 -2.14
C SER A 100 8.49 -12.56 -2.05
N PRO A 101 7.78 -11.49 -2.46
CA PRO A 101 8.31 -10.12 -2.46
C PRO A 101 8.67 -9.55 -1.07
N ARG A 102 7.64 -9.25 -0.28
CA ARG A 102 7.72 -8.71 1.09
C ARG A 102 8.87 -7.74 1.39
N MET A 103 8.57 -6.48 1.09
CA MET A 103 9.55 -5.40 1.17
C MET A 103 9.31 -4.53 2.41
N THR A 104 10.37 -4.50 3.20
CA THR A 104 10.46 -3.68 4.43
C THR A 104 11.21 -2.38 4.16
N PHE A 105 10.41 -1.33 4.10
CA PHE A 105 10.90 0.03 3.80
C PHE A 105 10.76 0.82 5.09
N ILE A 106 11.83 1.53 5.44
CA ILE A 106 11.79 2.41 6.63
C ILE A 106 11.82 3.87 6.19
N LYS A 107 11.03 4.69 6.88
CA LYS A 107 10.87 6.12 6.61
C LYS A 107 12.18 6.84 7.00
N HIS A 108 13.14 6.77 6.09
CA HIS A 108 14.54 7.29 6.19
C HIS A 108 15.49 6.20 6.72
N LYS A 109 16.14 5.51 5.80
CA LYS A 109 17.22 4.54 6.12
C LYS A 109 18.42 5.18 6.85
N GLY A 1 9.34 -9.01 -14.11
CA GLY A 1 9.89 -7.67 -14.40
C GLY A 1 9.26 -6.46 -13.66
N SER A 2 7.97 -6.59 -13.33
CA SER A 2 7.16 -5.51 -12.75
C SER A 2 7.47 -5.29 -11.25
N MET A 3 7.02 -4.13 -10.76
CA MET A 3 7.26 -3.58 -9.40
C MET A 3 8.77 -3.40 -9.13
N GLU A 4 9.31 -2.42 -9.86
CA GLU A 4 10.73 -2.03 -9.84
C GLU A 4 10.88 -0.54 -10.14
N GLN A 5 11.09 0.21 -9.06
CA GLN A 5 11.29 1.68 -9.07
C GLN A 5 10.08 2.55 -9.50
N PHE A 6 8.94 2.24 -8.88
CA PHE A 6 7.61 2.85 -9.11
C PHE A 6 6.48 2.10 -8.37
N GLU A 7 6.01 2.70 -7.27
CA GLU A 7 4.79 2.21 -6.59
C GLU A 7 3.72 3.31 -6.45
N LEU A 8 2.74 3.22 -7.35
CA LEU A 8 1.57 4.13 -7.38
C LEU A 8 0.30 3.44 -6.89
N PHE A 9 -0.18 3.93 -5.75
CA PHE A 9 -1.38 3.36 -5.08
C PHE A 9 -2.44 4.43 -4.75
N SER A 10 -3.70 4.06 -4.98
CA SER A 10 -4.86 4.97 -4.78
C SER A 10 -6.02 4.26 -4.07
N ILE A 11 -6.37 4.74 -2.87
CA ILE A 11 -7.53 4.21 -2.12
C ILE A 11 -8.85 4.79 -2.67
N ASP A 12 -9.95 4.10 -2.41
CA ASP A 12 -11.30 4.57 -2.75
C ASP A 12 -11.79 5.85 -2.02
N LYS A 13 -11.40 6.00 -0.74
CA LYS A 13 -11.94 7.01 0.21
C LYS A 13 -13.47 7.20 0.12
N PHE A 14 -14.13 6.05 0.00
CA PHE A 14 -15.60 5.97 -0.10
C PHE A 14 -16.26 5.22 1.07
N LYS A 15 -15.44 4.47 1.82
CA LYS A 15 -15.85 3.60 2.94
C LYS A 15 -14.58 3.05 3.64
N CYS A 16 -14.71 1.91 4.33
CA CYS A 16 -13.68 1.26 5.18
C CYS A 16 -13.29 2.10 6.42
N ASN A 17 -14.02 1.84 7.51
CA ASN A 17 -13.84 2.49 8.83
C ASN A 17 -12.56 2.05 9.59
N SER A 18 -11.79 1.20 8.93
CA SER A 18 -10.52 0.62 9.37
C SER A 18 -9.41 1.67 9.67
N GLU A 19 -8.32 1.60 8.92
CA GLU A 19 -7.22 2.58 8.91
C GLU A 19 -7.63 3.98 8.42
N ALA A 20 -7.15 5.00 9.14
CA ALA A 20 -7.46 6.42 8.88
C ALA A 20 -6.31 7.39 9.22
N LYS A 21 -6.24 7.90 10.45
CA LYS A 21 -5.21 8.87 10.90
C LYS A 21 -3.77 8.40 10.65
N TYR A 22 -3.35 7.36 11.39
CA TYR A 22 -2.05 6.70 11.21
C TYR A 22 -1.79 6.18 9.78
N TYR A 23 -2.87 5.79 9.10
CA TYR A 23 -2.81 5.39 7.67
C TYR A 23 -2.34 6.58 6.81
N LEU A 24 -3.12 7.66 6.76
CA LEU A 24 -2.74 8.84 5.96
C LEU A 24 -1.41 9.50 6.40
N ASN A 25 -1.21 9.61 7.71
CA ASN A 25 0.03 10.19 8.29
C ASN A 25 1.32 9.42 7.97
N ILE A 26 1.21 8.09 7.81
CA ILE A 26 2.37 7.22 7.52
C ILE A 26 2.28 6.52 6.13
N ILE A 27 1.28 6.81 5.31
CA ILE A 27 1.20 6.27 3.93
C ILE A 27 0.81 7.25 2.81
N GLU A 28 0.07 8.32 3.15
CA GLU A 28 -0.29 9.36 2.18
C GLU A 28 0.95 10.20 1.82
N GLY A 29 1.52 9.80 0.68
CA GLY A 29 2.80 10.34 0.16
C GLY A 29 3.73 9.19 -0.24
N GLU A 30 5.03 9.48 -0.19
CA GLU A 30 6.08 8.59 -0.74
C GLU A 30 7.09 8.13 0.31
N TRP A 31 7.15 6.81 0.45
CA TRP A 31 8.16 6.12 1.28
C TRP A 31 9.57 6.17 0.69
N HIS A 32 10.44 6.83 1.45
CA HIS A 32 11.85 7.11 1.11
C HIS A 32 11.92 7.94 -0.21
N PRO A 33 11.45 9.21 -0.17
CA PRO A 33 11.33 10.07 -1.37
C PRO A 33 12.68 10.69 -1.80
N GLN A 34 13.69 9.83 -1.85
CA GLN A 34 15.10 10.19 -2.12
C GLN A 34 15.95 9.04 -2.69
N ASP A 35 15.26 8.13 -3.39
CA ASP A 35 15.85 6.91 -4.01
C ASP A 35 16.60 7.19 -5.33
N LEU A 36 17.49 8.20 -5.28
CA LEU A 36 18.39 8.68 -6.34
C LEU A 36 17.95 8.58 -7.81
N ASN A 37 16.69 8.97 -8.04
CA ASN A 37 15.95 8.74 -9.30
C ASN A 37 14.47 9.17 -9.17
N ASP A 38 13.94 9.02 -7.95
CA ASP A 38 12.56 9.34 -7.51
C ASP A 38 11.59 8.26 -8.01
N SER A 39 11.67 7.16 -7.26
CA SER A 39 11.04 5.86 -7.60
C SER A 39 10.26 5.15 -6.46
N PRO A 40 9.73 5.86 -5.47
CA PRO A 40 9.36 5.27 -4.16
C PRO A 40 7.97 4.60 -4.16
N LEU A 41 7.43 4.45 -2.95
CA LEU A 41 6.06 3.96 -2.69
C LEU A 41 5.15 5.16 -2.34
N LYS A 42 4.38 5.59 -3.33
CA LYS A 42 3.45 6.73 -3.16
C LYS A 42 1.97 6.35 -3.32
N PHE A 43 1.24 6.75 -2.30
CA PHE A 43 -0.22 6.55 -2.19
C PHE A 43 -1.02 7.83 -1.94
N ILE A 44 -2.17 7.86 -2.60
CA ILE A 44 -3.18 8.94 -2.55
C ILE A 44 -4.57 8.41 -2.12
N LEU A 45 -5.46 9.36 -1.82
CA LEU A 45 -6.86 9.09 -1.42
C LEU A 45 -7.87 9.49 -2.52
N SER A 46 -8.90 8.66 -2.61
CA SER A 46 -10.04 8.74 -3.54
C SER A 46 -9.62 8.71 -5.03
N THR A 47 -10.20 9.58 -5.86
CA THR A 47 -10.06 9.64 -7.34
C THR A 47 -10.59 8.40 -8.08
N SER A 48 -10.69 8.55 -9.41
CA SER A 48 -11.24 7.53 -10.35
C SER A 48 -12.64 6.99 -10.03
N ASP A 49 -13.46 7.80 -9.36
CA ASP A 49 -14.81 7.45 -8.83
C ASP A 49 -14.80 6.30 -7.80
N ASP A 50 -14.48 5.09 -8.27
CA ASP A 50 -14.40 3.89 -7.42
C ASP A 50 -12.93 3.45 -7.22
N SER A 51 -11.99 4.39 -7.40
CA SER A 51 -10.53 4.17 -7.38
C SER A 51 -10.08 2.94 -8.21
N ASP A 52 -8.92 2.40 -7.88
CA ASP A 52 -8.42 1.12 -8.42
C ASP A 52 -8.18 0.03 -7.35
N TYR A 53 -8.03 0.46 -6.08
CA TYR A 53 -7.71 -0.44 -4.95
C TYR A 53 -8.87 -0.49 -3.95
N ILE A 54 -9.35 -1.71 -3.73
CA ILE A 54 -10.49 -1.98 -2.83
C ILE A 54 -10.10 -2.71 -1.54
N CYS A 55 -10.24 -1.94 -0.47
CA CYS A 55 -9.98 -2.34 0.93
C CYS A 55 -10.97 -3.38 1.45
N LYS A 56 -10.47 -4.63 1.59
CA LYS A 56 -11.28 -5.75 2.08
C LYS A 56 -11.63 -5.57 3.57
N TYR A 57 -10.59 -5.47 4.42
CA TYR A 57 -10.73 -5.28 5.87
C TYR A 57 -9.39 -5.14 6.60
N ILE A 58 -9.45 -4.42 7.72
CA ILE A 58 -8.35 -4.32 8.70
C ILE A 58 -8.18 -5.66 9.44
N ASN A 59 -6.93 -5.94 9.75
CA ASN A 59 -6.50 -7.14 10.50
C ASN A 59 -5.55 -6.70 11.62
N THR A 60 -5.05 -7.68 12.37
CA THR A 60 -3.95 -7.49 13.35
C THR A 60 -2.67 -6.93 12.68
N GLU A 61 -1.58 -7.70 12.63
CA GLU A 61 -0.28 -7.30 12.02
C GLU A 61 0.14 -5.89 12.50
N HIS A 62 -0.09 -5.69 13.80
CA HIS A 62 0.10 -4.45 14.57
C HIS A 62 -0.64 -3.16 14.12
N LYS A 63 -1.68 -3.33 13.30
CA LYS A 63 -2.64 -2.35 12.71
C LYS A 63 -2.57 -2.26 11.16
N GLN A 64 -2.77 -3.39 10.51
CA GLN A 64 -2.61 -3.57 9.05
C GLN A 64 -3.90 -4.05 8.35
N LEU A 65 -4.06 -3.64 7.08
CA LEU A 65 -5.19 -4.05 6.23
C LEU A 65 -4.76 -4.78 4.94
N THR A 66 -5.70 -5.61 4.45
CA THR A 66 -5.62 -6.30 3.14
C THR A 66 -6.55 -5.65 2.11
N LEU A 67 -5.95 -5.18 1.02
CA LEU A 67 -6.69 -4.61 -0.14
C LEU A 67 -6.27 -5.17 -1.50
N TYR A 68 -7.25 -5.30 -2.40
CA TYR A 68 -7.07 -5.91 -3.73
C TYR A 68 -7.35 -4.96 -4.90
N ASN A 69 -6.38 -4.95 -5.80
CA ASN A 69 -6.36 -4.06 -6.98
C ASN A 69 -7.19 -4.61 -8.15
N LYS A 70 -8.30 -3.91 -8.36
CA LYS A 70 -9.27 -4.21 -9.42
C LYS A 70 -8.92 -3.62 -10.80
N ASN A 71 -7.67 -3.19 -10.94
CA ASN A 71 -7.16 -2.66 -12.23
C ASN A 71 -6.21 -3.60 -12.99
N ASN A 72 -5.60 -4.54 -12.28
CA ASN A 72 -4.59 -5.44 -12.88
C ASN A 72 -5.14 -6.87 -13.03
N SER A 73 -4.89 -7.73 -12.04
CA SER A 73 -5.39 -9.13 -12.00
C SER A 73 -5.34 -9.71 -10.59
N SER A 74 -6.36 -9.35 -9.82
CA SER A 74 -6.61 -9.83 -8.43
C SER A 74 -5.44 -9.66 -7.43
N ILE A 75 -4.87 -8.46 -7.41
CA ILE A 75 -3.67 -8.16 -6.60
C ILE A 75 -4.05 -7.67 -5.19
N VAL A 76 -3.94 -8.59 -4.25
CA VAL A 76 -4.26 -8.40 -2.83
C VAL A 76 -2.95 -8.05 -2.10
N ILE A 77 -2.80 -6.79 -1.72
CA ILE A 77 -1.63 -6.37 -0.91
C ILE A 77 -2.03 -6.04 0.53
N GLU A 78 -1.14 -6.47 1.42
CA GLU A 78 -1.27 -6.33 2.88
C GLU A 78 -0.12 -5.51 3.46
N ILE A 79 -0.50 -4.29 3.83
CA ILE A 79 0.44 -3.22 4.22
C ILE A 79 0.17 -2.64 5.62
N PHE A 80 1.21 -2.67 6.45
CA PHE A 80 1.13 -2.10 7.81
C PHE A 80 1.83 -0.75 7.87
N ILE A 81 1.04 0.19 8.38
CA ILE A 81 1.32 1.64 8.38
C ILE A 81 1.36 2.09 9.86
N PRO A 82 2.46 1.87 10.58
CA PRO A 82 2.56 2.15 12.02
C PRO A 82 2.71 3.67 12.29
N ASN A 83 3.98 4.06 12.36
CA ASN A 83 4.61 5.37 12.58
C ASN A 83 6.08 5.05 12.93
N ASP A 84 6.79 5.96 13.63
CA ASP A 84 8.15 5.75 14.15
C ASP A 84 9.14 5.19 13.10
N ASN A 85 8.95 5.67 11.88
CA ASN A 85 9.75 5.34 10.69
C ASN A 85 9.70 3.85 10.31
N LYS A 86 8.50 3.29 10.20
CA LYS A 86 8.26 1.86 9.88
C LYS A 86 7.08 1.65 8.93
N ILE A 87 7.20 0.65 8.04
CA ILE A 87 6.12 0.09 7.18
C ILE A 87 6.54 -1.26 6.57
N LEU A 88 5.55 -2.12 6.36
CA LEU A 88 5.73 -3.38 5.58
C LEU A 88 4.69 -3.55 4.47
N LEU A 89 5.18 -4.05 3.33
CA LEU A 89 4.37 -4.38 2.13
C LEU A 89 4.53 -5.84 1.67
N THR A 90 3.37 -6.44 1.44
CA THR A 90 3.24 -7.80 0.87
C THR A 90 2.21 -7.79 -0.28
N ILE A 91 2.52 -8.55 -1.33
CA ILE A 91 1.75 -8.67 -2.59
C ILE A 91 1.31 -10.15 -2.74
N MET A 92 0.04 -10.30 -3.10
CA MET A 92 -0.62 -11.59 -3.40
C MET A 92 -1.55 -11.47 -4.61
N ASN A 93 -1.81 -12.60 -5.26
CA ASN A 93 -2.75 -12.69 -6.40
C ASN A 93 -3.73 -13.86 -6.25
N THR A 94 -5.01 -13.53 -6.26
CA THR A 94 -6.11 -14.54 -6.21
C THR A 94 -6.07 -15.48 -7.43
N GLU A 95 -5.55 -14.98 -8.55
CA GLU A 95 -5.35 -15.78 -9.78
C GLU A 95 -3.87 -15.94 -10.20
N ALA A 96 -2.97 -16.11 -9.23
CA ALA A 96 -1.52 -16.37 -9.46
C ALA A 96 -0.78 -16.77 -8.16
N LEU A 97 0.56 -16.81 -8.22
CA LEU A 97 1.45 -17.25 -7.12
C LEU A 97 2.86 -16.72 -7.39
N GLY A 98 3.56 -16.37 -6.29
CA GLY A 98 4.96 -15.88 -6.37
C GLY A 98 5.45 -15.31 -5.02
N THR A 99 6.78 -15.24 -4.90
CA THR A 99 7.44 -14.58 -3.76
C THR A 99 8.44 -13.53 -4.25
N SER A 100 7.86 -12.35 -4.41
CA SER A 100 8.51 -11.08 -4.81
C SER A 100 8.38 -9.90 -3.81
N PRO A 101 7.26 -9.75 -3.06
CA PRO A 101 7.11 -8.70 -2.02
C PRO A 101 8.02 -8.88 -0.79
N ARG A 102 7.46 -8.63 0.40
CA ARG A 102 8.12 -8.70 1.73
C ARG A 102 9.14 -7.56 1.87
N MET A 103 8.58 -6.36 1.84
CA MET A 103 9.35 -5.11 1.82
C MET A 103 9.11 -4.28 3.09
N THR A 104 10.19 -4.10 3.84
CA THR A 104 10.22 -3.33 5.09
C THR A 104 10.96 -2.00 4.91
N PHE A 105 10.15 -0.97 4.71
CA PHE A 105 10.61 0.38 4.37
C PHE A 105 10.49 1.26 5.63
N ILE A 106 11.45 2.17 5.76
CA ILE A 106 11.54 3.05 6.95
C ILE A 106 11.42 4.55 6.60
N LYS A 107 10.61 5.26 7.38
CA LYS A 107 10.38 6.71 7.23
C LYS A 107 11.50 7.54 7.88
N HIS A 108 12.73 7.06 7.66
CA HIS A 108 14.04 7.65 8.01
C HIS A 108 14.55 7.12 9.36
N LYS A 109 15.44 6.13 9.24
CA LYS A 109 16.06 5.46 10.42
C LYS A 109 17.60 5.59 10.37
N GLY A 1 6.48 0.84 -13.45
CA GLY A 1 7.75 0.69 -12.71
C GLY A 1 8.27 -0.71 -12.33
N SER A 2 7.33 -1.64 -12.13
CA SER A 2 7.54 -3.02 -11.62
C SER A 2 8.04 -3.08 -10.17
N MET A 3 7.04 -3.23 -9.30
CA MET A 3 7.15 -3.21 -7.82
C MET A 3 7.67 -1.85 -7.35
N GLU A 4 8.99 -1.67 -7.46
CA GLU A 4 9.70 -0.40 -7.18
C GLU A 4 9.60 0.54 -8.40
N GLN A 5 10.36 1.63 -8.36
CA GLN A 5 10.46 2.64 -9.44
C GLN A 5 9.09 3.21 -9.83
N PHE A 6 8.71 4.25 -9.08
CA PHE A 6 7.45 5.02 -9.21
C PHE A 6 6.24 4.20 -8.74
N GLU A 7 6.12 4.14 -7.42
CA GLU A 7 5.07 3.37 -6.74
C GLU A 7 3.88 4.29 -6.42
N LEU A 8 2.96 4.37 -7.37
CA LEU A 8 1.76 5.22 -7.25
C LEU A 8 0.51 4.38 -6.95
N PHE A 9 0.08 4.51 -5.70
CA PHE A 9 -1.09 3.78 -5.18
C PHE A 9 -2.19 4.75 -4.71
N SER A 10 -3.44 4.35 -4.93
CA SER A 10 -4.63 5.12 -4.51
C SER A 10 -5.65 4.20 -3.82
N ILE A 11 -6.25 4.72 -2.75
CA ILE A 11 -7.37 4.02 -2.09
C ILE A 11 -8.74 4.41 -2.68
N ASP A 12 -9.60 3.40 -2.69
CA ASP A 12 -11.02 3.51 -3.09
C ASP A 12 -11.89 4.46 -2.25
N LYS A 13 -11.44 4.72 -1.01
CA LYS A 13 -12.15 5.49 0.04
C LYS A 13 -13.64 5.10 0.18
N PHE A 14 -13.80 3.81 0.47
CA PHE A 14 -15.13 3.16 0.58
C PHE A 14 -15.40 2.62 1.99
N LYS A 15 -15.08 1.33 2.22
CA LYS A 15 -15.22 0.70 3.54
C LYS A 15 -13.83 0.60 4.20
N CYS A 16 -13.16 -0.55 4.02
CA CYS A 16 -11.86 -0.90 4.61
C CYS A 16 -11.84 -0.92 6.15
N ASN A 17 -12.15 0.23 6.78
CA ASN A 17 -12.19 0.48 8.24
C ASN A 17 -10.82 0.39 8.94
N SER A 18 -10.75 0.94 10.15
CA SER A 18 -9.55 1.06 11.01
C SER A 18 -8.47 1.97 10.43
N GLU A 19 -7.81 1.49 9.38
CA GLU A 19 -6.94 2.27 8.49
C GLU A 19 -7.71 3.46 7.89
N ALA A 20 -7.19 4.63 8.25
CA ALA A 20 -7.64 5.97 7.81
C ALA A 20 -6.72 7.01 8.47
N LYS A 21 -6.99 7.35 9.73
CA LYS A 21 -6.32 8.43 10.48
C LYS A 21 -4.78 8.29 10.60
N TYR A 22 -4.31 7.41 11.48
CA TYR A 22 -2.86 7.11 11.64
C TYR A 22 -2.20 6.75 10.31
N TYR A 23 -2.95 6.03 9.49
CA TYR A 23 -2.51 5.60 8.16
C TYR A 23 -2.16 6.75 7.22
N LEU A 24 -3.13 7.59 6.89
CA LEU A 24 -2.88 8.79 6.08
C LEU A 24 -1.82 9.73 6.70
N ASN A 25 -1.87 9.86 8.03
CA ASN A 25 -0.87 10.61 8.80
C ASN A 25 0.60 10.14 8.66
N ILE A 26 0.80 8.87 8.31
CA ILE A 26 2.16 8.33 8.08
C ILE A 26 2.44 7.92 6.61
N ILE A 27 1.45 7.40 5.87
CA ILE A 27 1.62 7.00 4.46
C ILE A 27 1.34 8.08 3.41
N GLU A 28 0.40 9.00 3.66
CA GLU A 28 -0.12 9.94 2.64
C GLU A 28 1.00 10.83 2.09
N GLY A 29 1.51 10.39 0.94
CA GLY A 29 2.71 10.94 0.30
C GLY A 29 3.71 9.82 -0.02
N GLU A 30 4.99 10.19 -0.01
CA GLU A 30 6.08 9.35 -0.55
C GLU A 30 7.32 9.07 0.31
N TRP A 31 7.56 7.77 0.46
CA TRP A 31 8.68 7.19 1.22
C TRP A 31 10.06 7.33 0.55
N HIS A 32 10.84 8.27 1.07
CA HIS A 32 12.20 8.60 0.59
C HIS A 32 12.96 9.51 1.57
N PRO A 33 14.29 9.33 1.71
CA PRO A 33 15.16 10.25 2.46
C PRO A 33 15.31 11.60 1.75
N GLN A 34 16.38 11.77 0.98
CA GLN A 34 16.59 12.95 0.10
C GLN A 34 17.06 12.62 -1.33
N ASP A 35 16.88 11.35 -1.70
CA ASP A 35 17.31 10.80 -3.01
C ASP A 35 16.90 9.32 -3.09
N LEU A 36 16.21 9.01 -4.19
CA LEU A 36 15.75 7.65 -4.58
C LEU A 36 15.22 7.62 -6.03
N ASN A 37 16.07 8.07 -6.95
CA ASN A 37 15.77 8.23 -8.39
C ASN A 37 14.41 8.89 -8.73
N ASP A 38 13.97 9.81 -7.86
CA ASP A 38 12.63 10.43 -7.87
C ASP A 38 11.48 9.45 -8.20
N SER A 39 11.57 8.25 -7.61
CA SER A 39 10.59 7.17 -7.80
C SER A 39 10.15 6.38 -6.53
N PRO A 40 9.70 7.08 -5.47
CA PRO A 40 9.43 6.47 -4.14
C PRO A 40 8.09 5.69 -4.08
N LEU A 41 7.63 5.45 -2.85
CA LEU A 41 6.32 4.86 -2.51
C LEU A 41 5.32 5.97 -2.14
N LYS A 42 4.46 6.32 -3.08
CA LYS A 42 3.39 7.31 -2.87
C LYS A 42 1.96 6.76 -3.01
N PHE A 43 1.26 6.85 -1.89
CA PHE A 43 -0.16 6.48 -1.79
C PHE A 43 -1.03 7.67 -1.39
N ILE A 44 -2.12 7.77 -2.14
CA ILE A 44 -3.19 8.77 -1.95
C ILE A 44 -4.53 8.12 -1.59
N LEU A 45 -5.53 8.98 -1.43
CA LEU A 45 -6.86 8.60 -0.93
C LEU A 45 -7.98 9.23 -1.78
N SER A 46 -9.05 8.45 -1.98
CA SER A 46 -10.25 8.90 -2.73
C SER A 46 -9.86 9.23 -4.19
N THR A 47 -10.47 10.26 -4.76
CA THR A 47 -10.24 10.80 -6.11
C THR A 47 -10.64 9.82 -7.22
N SER A 48 -11.72 10.22 -7.90
CA SER A 48 -12.40 9.44 -8.96
C SER A 48 -12.93 8.08 -8.49
N ASP A 49 -14.25 7.99 -8.37
CA ASP A 49 -14.94 6.76 -7.91
C ASP A 49 -14.57 5.57 -8.83
N ASP A 50 -14.31 4.44 -8.17
CA ASP A 50 -13.56 3.29 -8.72
C ASP A 50 -12.07 3.56 -8.96
N SER A 51 -11.35 3.63 -7.84
CA SER A 51 -9.86 3.67 -7.79
C SER A 51 -9.24 2.30 -8.11
N ASP A 52 -7.94 2.31 -8.40
CA ASP A 52 -7.16 1.10 -8.77
C ASP A 52 -7.19 -0.04 -7.74
N TYR A 53 -7.19 0.35 -6.45
CA TYR A 53 -7.24 -0.61 -5.33
C TYR A 53 -8.60 -0.69 -4.65
N ILE A 54 -9.11 -1.91 -4.68
CA ILE A 54 -10.41 -2.26 -4.05
C ILE A 54 -10.19 -3.01 -2.73
N CYS A 55 -10.57 -2.28 -1.69
CA CYS A 55 -10.51 -2.72 -0.27
C CYS A 55 -11.30 -4.01 -0.04
N LYS A 56 -10.55 -5.06 0.29
CA LYS A 56 -11.18 -6.37 0.55
C LYS A 56 -11.32 -6.69 2.06
N TYR A 57 -10.26 -6.40 2.80
CA TYR A 57 -10.20 -6.62 4.27
C TYR A 57 -8.97 -5.94 4.87
N ILE A 58 -9.17 -5.22 5.96
CA ILE A 58 -8.05 -4.66 6.74
C ILE A 58 -7.38 -5.73 7.62
N ASN A 59 -6.19 -5.36 8.11
CA ASN A 59 -5.44 -6.21 9.02
C ASN A 59 -5.41 -5.58 10.42
N THR A 60 -6.33 -6.13 11.21
CA THR A 60 -6.55 -5.77 12.63
C THR A 60 -5.36 -6.16 13.54
N GLU A 61 -4.35 -5.31 13.46
CA GLU A 61 -3.15 -5.40 14.31
C GLU A 61 -2.90 -4.05 15.03
N HIS A 62 -2.04 -3.20 14.48
CA HIS A 62 -1.78 -1.85 15.02
C HIS A 62 -2.01 -0.71 13.99
N LYS A 63 -2.83 -1.01 12.97
CA LYS A 63 -3.20 -0.24 11.75
C LYS A 63 -2.60 -0.86 10.47
N GLN A 64 -3.39 -1.68 9.79
CA GLN A 64 -2.99 -2.31 8.51
C GLN A 64 -4.16 -2.54 7.54
N LEU A 65 -3.89 -2.41 6.25
CA LEU A 65 -4.88 -2.67 5.17
C LEU A 65 -4.46 -3.77 4.17
N THR A 66 -5.47 -4.43 3.63
CA THR A 66 -5.27 -5.44 2.56
C THR A 66 -6.31 -5.25 1.43
N LEU A 67 -5.78 -4.96 0.25
CA LEU A 67 -6.58 -4.75 -0.97
C LEU A 67 -6.01 -5.40 -2.24
N TYR A 68 -6.92 -5.67 -3.16
CA TYR A 68 -6.59 -6.31 -4.44
C TYR A 68 -6.73 -5.35 -5.62
N ASN A 69 -5.70 -5.40 -6.46
CA ASN A 69 -5.61 -4.60 -7.68
C ASN A 69 -6.55 -5.13 -8.77
N LYS A 70 -7.54 -4.30 -9.05
CA LYS A 70 -8.59 -4.63 -10.04
C LYS A 70 -8.22 -4.20 -11.48
N ASN A 71 -6.94 -3.88 -11.69
CA ASN A 71 -6.38 -3.61 -13.05
C ASN A 71 -5.40 -4.67 -13.57
N ASN A 72 -5.09 -5.66 -12.73
CA ASN A 72 -4.19 -6.77 -13.12
C ASN A 72 -4.93 -8.12 -13.22
N SER A 73 -4.94 -8.89 -12.12
CA SER A 73 -5.65 -10.17 -11.98
C SER A 73 -5.61 -10.61 -10.51
N SER A 74 -6.54 -10.00 -9.77
CA SER A 74 -6.77 -10.25 -8.33
C SER A 74 -5.51 -10.21 -7.43
N ILE A 75 -4.83 -9.06 -7.45
CA ILE A 75 -3.57 -8.87 -6.70
C ILE A 75 -3.85 -8.19 -5.34
N VAL A 76 -4.04 -9.04 -4.34
CA VAL A 76 -4.31 -8.64 -2.95
C VAL A 76 -3.02 -8.45 -2.16
N ILE A 77 -2.78 -7.19 -1.83
CA ILE A 77 -1.56 -6.76 -1.11
C ILE A 77 -1.87 -6.34 0.33
N GLU A 78 -0.96 -6.74 1.21
CA GLU A 78 -1.02 -6.44 2.65
C GLU A 78 0.24 -5.65 3.05
N ILE A 79 0.00 -4.36 3.30
CA ILE A 79 1.05 -3.42 3.73
C ILE A 79 0.66 -2.77 5.05
N PHE A 80 1.64 -2.55 5.92
CA PHE A 80 1.46 -1.88 7.22
C PHE A 80 2.33 -0.60 7.26
N ILE A 81 1.70 0.47 7.74
CA ILE A 81 2.30 1.81 7.87
C ILE A 81 2.27 2.24 9.36
N PRO A 82 3.41 2.16 10.05
CA PRO A 82 3.50 2.55 11.47
C PRO A 82 4.07 3.97 11.65
N ASN A 83 5.39 4.07 11.81
CA ASN A 83 6.21 5.28 12.05
C ASN A 83 7.67 4.81 12.20
N ASP A 84 8.52 5.64 12.82
CA ASP A 84 9.93 5.32 13.15
C ASP A 84 10.77 4.71 12.02
N ASN A 85 10.39 5.07 10.80
CA ASN A 85 10.93 4.55 9.53
C ASN A 85 10.83 3.02 9.49
N LYS A 86 9.65 2.55 9.06
CA LYS A 86 9.31 1.10 8.90
C LYS A 86 8.01 0.93 8.12
N ILE A 87 7.99 -0.04 7.20
CA ILE A 87 6.79 -0.50 6.44
C ILE A 87 7.03 -1.91 5.87
N LEU A 88 5.95 -2.67 5.81
CA LEU A 88 5.92 -4.06 5.29
C LEU A 88 5.04 -4.14 4.03
N LEU A 89 5.55 -4.82 2.99
CA LEU A 89 4.84 -5.08 1.72
C LEU A 89 4.76 -6.57 1.37
N THR A 90 3.53 -7.02 1.16
CA THR A 90 3.20 -8.37 0.65
C THR A 90 2.22 -8.26 -0.54
N ILE A 91 2.41 -9.12 -1.52
CA ILE A 91 1.61 -9.24 -2.76
C ILE A 91 1.12 -10.71 -2.84
N MET A 92 -0.13 -10.91 -3.26
CA MET A 92 -0.74 -12.26 -3.41
C MET A 92 -1.84 -12.23 -4.50
N ASN A 93 -2.08 -13.37 -5.14
CA ASN A 93 -3.09 -13.50 -6.21
C ASN A 93 -4.22 -14.48 -5.86
N THR A 94 -5.46 -14.00 -5.98
CA THR A 94 -6.67 -14.85 -5.80
C THR A 94 -6.79 -15.92 -6.90
N GLU A 95 -6.50 -15.52 -8.15
CA GLU A 95 -6.51 -16.45 -9.30
C GLU A 95 -5.22 -17.28 -9.45
N ALA A 96 -4.61 -17.58 -8.30
CA ALA A 96 -3.31 -18.26 -8.12
C ALA A 96 -3.04 -18.44 -6.61
N LEU A 97 -1.77 -18.67 -6.25
CA LEU A 97 -1.27 -18.80 -4.86
C LEU A 97 0.26 -18.87 -4.92
N GLY A 98 0.92 -18.46 -3.82
CA GLY A 98 2.40 -18.52 -3.73
C GLY A 98 3.06 -17.14 -3.65
N THR A 99 2.43 -16.15 -4.26
CA THR A 99 2.84 -14.73 -4.19
C THR A 99 2.83 -14.19 -2.76
N SER A 100 4.05 -13.95 -2.28
CA SER A 100 4.33 -13.21 -1.02
C SER A 100 5.82 -12.79 -0.91
N PRO A 101 6.16 -11.57 -1.38
CA PRO A 101 7.55 -11.05 -1.33
C PRO A 101 8.06 -10.69 0.08
N ARG A 102 7.17 -10.13 0.91
CA ARG A 102 7.43 -9.71 2.30
C ARG A 102 8.69 -8.84 2.48
N MET A 103 8.51 -7.58 2.09
CA MET A 103 9.57 -6.57 2.06
C MET A 103 9.39 -5.55 3.19
N THR A 104 10.45 -5.39 3.97
CA THR A 104 10.52 -4.42 5.08
C THR A 104 11.46 -3.26 4.74
N PHE A 105 10.82 -2.19 4.29
CA PHE A 105 11.46 -0.96 3.82
C PHE A 105 11.18 0.17 4.82
N ILE A 106 12.20 0.98 5.09
CA ILE A 106 12.08 2.00 6.14
C ILE A 106 12.13 3.44 5.57
N LYS A 107 11.29 4.31 6.13
CA LYS A 107 11.14 5.72 5.73
C LYS A 107 12.42 6.52 6.05
N HIS A 108 13.43 6.28 5.22
CA HIS A 108 14.80 6.87 5.20
C HIS A 108 15.82 5.79 5.59
N LYS A 109 16.64 5.45 4.61
CA LYS A 109 17.71 4.42 4.72
C LYS A 109 18.83 4.54 3.66
N GLY A 1 8.29 -6.62 -12.39
CA GLY A 1 8.17 -5.28 -11.76
C GLY A 1 7.32 -5.21 -10.47
N SER A 2 6.49 -4.17 -10.42
CA SER A 2 5.52 -3.87 -9.36
C SER A 2 6.05 -3.72 -7.90
N MET A 3 7.32 -3.35 -7.80
CA MET A 3 8.00 -3.11 -6.51
C MET A 3 9.22 -2.20 -6.76
N GLU A 4 9.43 -1.26 -5.85
CA GLU A 4 10.43 -0.17 -5.95
C GLU A 4 10.28 0.59 -7.30
N GLN A 5 11.08 1.64 -7.49
CA GLN A 5 11.24 2.36 -8.79
C GLN A 5 9.91 2.77 -9.42
N PHE A 6 9.37 3.85 -8.85
CA PHE A 6 8.02 4.42 -9.12
C PHE A 6 6.88 3.49 -8.65
N GLU A 7 6.64 3.57 -7.34
CA GLU A 7 5.52 2.85 -6.69
C GLU A 7 4.35 3.79 -6.40
N LEU A 8 3.37 3.75 -7.29
CA LEU A 8 2.14 4.56 -7.21
C LEU A 8 0.92 3.72 -6.81
N PHE A 9 0.43 3.99 -5.61
CA PHE A 9 -0.73 3.30 -5.01
C PHE A 9 -1.87 4.28 -4.70
N SER A 10 -3.11 3.85 -5.01
CA SER A 10 -4.33 4.64 -4.74
C SER A 10 -5.38 3.87 -3.93
N ILE A 11 -5.73 4.39 -2.76
CA ILE A 11 -6.78 3.80 -1.90
C ILE A 11 -8.19 3.99 -2.52
N ASP A 12 -9.03 3.00 -2.27
CA ASP A 12 -10.45 3.02 -2.65
C ASP A 12 -11.27 4.22 -2.11
N LYS A 13 -10.91 4.70 -0.93
CA LYS A 13 -11.67 5.67 -0.11
C LYS A 13 -13.12 5.25 0.24
N PHE A 14 -13.33 3.94 0.31
CA PHE A 14 -14.58 3.34 0.79
C PHE A 14 -14.74 3.37 2.33
N LYS A 15 -13.61 3.50 3.03
CA LYS A 15 -13.51 3.34 4.50
C LYS A 15 -14.07 1.97 4.95
N CYS A 16 -13.28 0.95 4.65
CA CYS A 16 -13.64 -0.46 4.96
C CYS A 16 -13.92 -0.76 6.44
N ASN A 17 -13.12 -0.14 7.32
CA ASN A 17 -13.21 -0.18 8.80
C ASN A 17 -12.01 0.61 9.38
N SER A 18 -11.26 0.06 10.34
CA SER A 18 -9.99 0.63 10.86
C SER A 18 -9.04 1.11 9.75
N GLU A 19 -8.03 1.90 10.15
CA GLU A 19 -7.13 2.65 9.25
C GLU A 19 -7.86 3.80 8.53
N ALA A 20 -7.15 4.93 8.47
CA ALA A 20 -7.54 6.23 7.88
C ALA A 20 -6.53 7.30 8.36
N LYS A 21 -6.80 7.90 9.52
CA LYS A 21 -6.00 8.96 10.17
C LYS A 21 -4.48 8.67 10.24
N TYR A 22 -4.05 7.86 11.19
CA TYR A 22 -2.64 7.42 11.36
C TYR A 22 -2.02 6.87 10.06
N TYR A 23 -2.84 6.14 9.29
CA TYR A 23 -2.42 5.60 8.00
C TYR A 23 -2.00 6.68 7.01
N LEU A 24 -2.92 7.58 6.67
CA LEU A 24 -2.62 8.72 5.78
C LEU A 24 -1.52 9.64 6.36
N ASN A 25 -1.59 9.89 7.67
CA ASN A 25 -0.59 10.71 8.39
C ASN A 25 0.87 10.21 8.32
N ILE A 26 1.05 8.90 8.09
CA ILE A 26 2.40 8.33 7.89
C ILE A 26 2.66 7.80 6.44
N ILE A 27 1.64 7.36 5.68
CA ILE A 27 1.84 6.89 4.28
C ILE A 27 1.40 7.86 3.15
N GLU A 28 0.43 8.74 3.37
CA GLU A 28 -0.12 9.64 2.33
C GLU A 28 1.01 10.53 1.75
N GLY A 29 1.40 10.13 0.55
CA GLY A 29 2.60 10.67 -0.13
C GLY A 29 3.64 9.55 -0.29
N GLU A 30 4.91 9.95 -0.19
CA GLU A 30 6.04 9.09 -0.53
C GLU A 30 7.15 8.96 0.52
N TRP A 31 7.41 7.70 0.87
CA TRP A 31 8.57 7.28 1.70
C TRP A 31 9.88 7.53 0.94
N HIS A 32 10.95 7.86 1.69
CA HIS A 32 12.33 8.19 1.23
C HIS A 32 12.64 9.70 1.34
N PRO A 33 13.91 10.12 1.50
CA PRO A 33 14.30 11.55 1.51
C PRO A 33 14.26 12.24 0.13
N GLN A 34 13.48 11.68 -0.80
CA GLN A 34 13.41 12.06 -2.23
C GLN A 34 14.74 12.09 -3.04
N ASP A 35 15.77 11.48 -2.47
CA ASP A 35 17.15 11.50 -3.01
C ASP A 35 17.48 10.44 -4.09
N LEU A 36 16.48 10.14 -4.92
CA LEU A 36 16.59 9.10 -5.97
C LEU A 36 15.50 9.30 -7.04
N ASN A 37 15.71 10.36 -7.83
CA ASN A 37 14.87 10.80 -8.98
C ASN A 37 13.33 10.75 -8.79
N ASP A 38 12.90 10.90 -7.55
CA ASP A 38 11.49 10.66 -7.11
C ASP A 38 10.84 9.36 -7.60
N SER A 39 11.55 8.25 -7.38
CA SER A 39 11.03 6.89 -7.65
C SER A 39 10.74 5.96 -6.45
N PRO A 40 10.22 6.44 -5.31
CA PRO A 40 10.04 5.59 -4.12
C PRO A 40 8.60 5.07 -4.02
N LEU A 41 8.01 5.12 -2.82
CA LEU A 41 6.68 4.57 -2.49
C LEU A 41 5.67 5.68 -2.18
N LYS A 42 4.89 6.05 -3.20
CA LYS A 42 3.82 7.06 -3.07
C LYS A 42 2.43 6.40 -3.12
N PHE A 43 1.64 6.80 -2.13
CA PHE A 43 0.23 6.43 -2.01
C PHE A 43 -0.70 7.64 -1.80
N ILE A 44 -1.80 7.61 -2.55
CA ILE A 44 -2.90 8.60 -2.54
C ILE A 44 -4.28 8.01 -2.20
N LEU A 45 -5.27 8.90 -2.13
CA LEU A 45 -6.64 8.58 -1.68
C LEU A 45 -7.73 8.97 -2.70
N SER A 46 -8.60 8.00 -2.98
CA SER A 46 -9.72 8.05 -3.96
C SER A 46 -9.26 8.22 -5.42
N THR A 47 -10.12 7.75 -6.31
CA THR A 47 -9.96 8.05 -7.76
C THR A 47 -11.22 8.79 -8.29
N SER A 48 -11.74 9.74 -7.50
CA SER A 48 -13.00 10.51 -7.78
C SER A 48 -14.28 9.64 -7.72
N ASP A 49 -14.26 8.58 -8.52
CA ASP A 49 -15.33 7.58 -8.70
C ASP A 49 -14.71 6.24 -9.16
N ASP A 50 -14.98 5.20 -8.38
CA ASP A 50 -14.49 3.82 -8.61
C ASP A 50 -12.96 3.72 -8.71
N SER A 51 -12.36 3.49 -7.55
CA SER A 51 -10.90 3.55 -7.36
C SER A 51 -10.20 2.23 -7.77
N ASP A 52 -8.95 2.36 -8.23
CA ASP A 52 -8.13 1.23 -8.75
C ASP A 52 -7.92 0.01 -7.81
N TYR A 53 -7.82 0.29 -6.52
CA TYR A 53 -7.66 -0.73 -5.47
C TYR A 53 -8.93 -0.85 -4.62
N ILE A 54 -9.34 -2.09 -4.39
CA ILE A 54 -10.52 -2.42 -3.57
C ILE A 54 -10.10 -3.11 -2.25
N CYS A 55 -10.76 -2.67 -1.18
CA CYS A 55 -10.43 -3.09 0.20
C CYS A 55 -11.19 -4.36 0.60
N LYS A 56 -10.44 -5.46 0.63
CA LYS A 56 -10.98 -6.81 0.95
C LYS A 56 -11.25 -6.98 2.46
N TYR A 57 -10.32 -6.47 3.26
CA TYR A 57 -10.37 -6.46 4.74
C TYR A 57 -9.24 -5.59 5.32
N ILE A 58 -9.57 -5.00 6.47
CA ILE A 58 -8.58 -4.29 7.30
C ILE A 58 -7.92 -5.30 8.26
N ASN A 59 -6.76 -4.91 8.78
CA ASN A 59 -6.09 -5.68 9.84
C ASN A 59 -6.01 -4.87 11.13
N THR A 60 -6.93 -5.20 12.02
CA THR A 60 -7.11 -4.64 13.38
C THR A 60 -5.97 -4.93 14.37
N GLU A 61 -4.76 -5.06 13.82
CA GLU A 61 -3.54 -5.39 14.57
C GLU A 61 -3.01 -4.16 15.35
N HIS A 62 -2.68 -3.10 14.62
CA HIS A 62 -2.31 -1.79 15.21
C HIS A 62 -2.35 -0.63 14.17
N LYS A 63 -3.23 -0.79 13.18
CA LYS A 63 -3.39 -0.01 11.91
C LYS A 63 -2.76 -0.73 10.71
N GLN A 64 -3.53 -1.65 10.12
CA GLN A 64 -3.12 -2.35 8.88
C GLN A 64 -4.32 -2.51 7.91
N LEU A 65 -4.03 -2.48 6.62
CA LEU A 65 -5.02 -2.62 5.54
C LEU A 65 -4.58 -3.57 4.40
N THR A 66 -5.58 -4.24 3.84
CA THR A 66 -5.49 -5.09 2.64
C THR A 66 -6.30 -4.47 1.48
N LEU A 67 -5.70 -4.43 0.29
CA LEU A 67 -6.39 -4.09 -0.97
C LEU A 67 -5.92 -4.94 -2.15
N TYR A 68 -6.84 -5.22 -3.05
CA TYR A 68 -6.56 -5.90 -4.33
C TYR A 68 -6.92 -5.06 -5.56
N ASN A 69 -6.01 -5.12 -6.53
CA ASN A 69 -6.16 -4.40 -7.81
C ASN A 69 -7.08 -5.18 -8.76
N LYS A 70 -8.27 -4.60 -8.97
CA LYS A 70 -9.30 -5.14 -9.88
C LYS A 70 -9.05 -4.90 -11.39
N ASN A 71 -7.85 -4.45 -11.73
CA ASN A 71 -7.44 -4.16 -13.12
C ASN A 71 -6.02 -4.68 -13.44
N ASN A 72 -5.69 -5.81 -12.81
CA ASN A 72 -4.42 -6.54 -12.98
C ASN A 72 -4.69 -8.06 -13.09
N SER A 73 -4.64 -8.77 -11.96
CA SER A 73 -5.04 -10.19 -11.84
C SER A 73 -5.15 -10.62 -10.37
N SER A 74 -6.24 -10.18 -9.74
CA SER A 74 -6.64 -10.58 -8.36
C SER A 74 -5.53 -10.44 -7.29
N ILE A 75 -4.83 -9.31 -7.36
CA ILE A 75 -3.59 -9.03 -6.61
C ILE A 75 -3.86 -8.21 -5.34
N VAL A 76 -3.99 -8.95 -4.24
CA VAL A 76 -4.29 -8.41 -2.90
C VAL A 76 -3.03 -8.28 -2.03
N ILE A 77 -2.80 -7.05 -1.61
CA ILE A 77 -1.65 -6.67 -0.77
C ILE A 77 -2.08 -6.23 0.65
N GLU A 78 -1.36 -6.78 1.63
CA GLU A 78 -1.48 -6.38 3.04
C GLU A 78 -0.17 -5.75 3.51
N ILE A 79 -0.25 -4.44 3.70
CA ILE A 79 0.92 -3.64 4.13
C ILE A 79 0.58 -2.94 5.46
N PHE A 80 1.58 -2.72 6.30
CA PHE A 80 1.40 -1.96 7.56
C PHE A 80 2.30 -0.72 7.53
N ILE A 81 1.70 0.40 7.92
CA ILE A 81 2.35 1.72 8.02
C ILE A 81 2.29 2.18 9.48
N PRO A 82 3.41 2.02 10.21
CA PRO A 82 3.49 2.44 11.62
C PRO A 82 4.13 3.83 11.74
N ASN A 83 5.43 3.85 12.03
CA ASN A 83 6.31 5.03 12.21
C ASN A 83 7.70 4.46 12.56
N ASP A 84 8.56 5.22 13.24
CA ASP A 84 9.94 4.80 13.61
C ASP A 84 10.75 4.25 12.41
N ASN A 85 10.43 4.80 11.25
CA ASN A 85 11.03 4.46 9.95
C ASN A 85 10.97 2.95 9.58
N LYS A 86 9.75 2.40 9.54
CA LYS A 86 9.48 0.99 9.10
C LYS A 86 8.10 0.82 8.43
N ILE A 87 8.00 -0.13 7.47
CA ILE A 87 6.77 -0.67 6.82
C ILE A 87 7.07 -2.11 6.35
N LEU A 88 6.02 -2.95 6.33
CA LEU A 88 6.03 -4.28 5.68
C LEU A 88 4.95 -4.42 4.58
N LEU A 89 5.29 -5.14 3.51
CA LEU A 89 4.38 -5.53 2.40
C LEU A 89 4.27 -7.06 2.21
N THR A 90 3.04 -7.46 1.89
CA THR A 90 2.69 -8.84 1.46
C THR A 90 1.86 -8.79 0.16
N ILE A 91 2.14 -9.74 -0.74
CA ILE A 91 1.44 -9.93 -2.04
C ILE A 91 0.71 -11.30 -2.03
N MET A 92 -0.53 -11.27 -2.46
CA MET A 92 -1.42 -12.45 -2.57
C MET A 92 -2.19 -12.40 -3.90
N ASN A 93 -2.59 -13.57 -4.39
CA ASN A 93 -3.30 -13.71 -5.68
C ASN A 93 -4.51 -14.64 -5.52
N THR A 94 -5.71 -14.12 -5.78
CA THR A 94 -6.96 -14.91 -5.72
C THR A 94 -6.99 -16.01 -6.80
N GLU A 95 -6.62 -15.66 -8.03
CA GLU A 95 -6.54 -16.59 -9.17
C GLU A 95 -5.38 -16.33 -10.15
N ALA A 96 -4.19 -16.19 -9.57
CA ALA A 96 -2.94 -15.88 -10.32
C ALA A 96 -1.71 -16.62 -9.73
N LEU A 97 -0.51 -16.11 -9.98
CA LEU A 97 0.78 -16.76 -9.63
C LEU A 97 1.88 -15.78 -9.21
N GLY A 98 3.00 -16.34 -8.74
CA GLY A 98 4.20 -15.57 -8.35
C GLY A 98 4.48 -15.77 -6.86
N THR A 99 3.97 -14.80 -6.09
CA THR A 99 4.06 -14.72 -4.62
C THR A 99 5.53 -14.65 -4.13
N SER A 100 5.97 -13.41 -3.93
CA SER A 100 7.28 -13.09 -3.33
C SER A 100 7.21 -11.67 -2.73
N PRO A 101 6.74 -11.56 -1.47
CA PRO A 101 6.57 -10.26 -0.81
C PRO A 101 7.75 -9.89 0.10
N ARG A 102 7.56 -10.00 1.42
CA ARG A 102 8.61 -9.86 2.46
C ARG A 102 9.42 -8.55 2.36
N MET A 103 8.67 -7.48 2.08
CA MET A 103 9.26 -6.18 1.72
C MET A 103 9.15 -5.16 2.87
N THR A 104 10.31 -4.69 3.29
CA THR A 104 10.47 -3.75 4.42
C THR A 104 10.99 -2.36 4.02
N PHE A 105 10.04 -1.47 3.83
CA PHE A 105 10.30 -0.08 3.35
C PHE A 105 10.41 0.83 4.57
N ILE A 106 11.65 1.00 5.00
CA ILE A 106 11.98 1.86 6.14
C ILE A 106 12.27 3.31 5.66
N LYS A 107 11.73 4.29 6.39
CA LYS A 107 11.95 5.72 6.08
C LYS A 107 13.42 6.08 6.37
N HIS A 108 14.22 5.91 5.32
CA HIS A 108 15.69 6.13 5.30
C HIS A 108 16.38 4.84 5.77
N LYS A 109 16.99 4.16 4.80
CA LYS A 109 17.73 2.90 5.02
C LYS A 109 19.03 3.06 5.84
N GLY A 1 14.63 -3.94 -13.63
CA GLY A 1 13.49 -4.11 -12.71
C GLY A 1 13.70 -5.14 -11.57
N SER A 2 13.15 -4.78 -10.40
CA SER A 2 13.13 -5.61 -9.17
C SER A 2 12.21 -5.00 -8.09
N MET A 3 12.74 -4.02 -7.34
CA MET A 3 12.08 -3.36 -6.20
C MET A 3 12.34 -1.85 -6.19
N GLU A 4 11.33 -1.11 -5.71
CA GLU A 4 11.33 0.36 -5.49
C GLU A 4 11.67 1.17 -6.75
N GLN A 5 10.61 1.43 -7.52
CA GLN A 5 10.66 2.08 -8.86
C GLN A 5 9.26 2.43 -9.40
N PHE A 6 8.87 3.67 -9.11
CA PHE A 6 7.57 4.27 -9.46
C PHE A 6 6.36 3.44 -8.98
N GLU A 7 6.04 3.63 -7.71
CA GLU A 7 4.91 2.93 -7.06
C GLU A 7 3.80 3.89 -6.67
N LEU A 8 2.92 4.09 -7.65
CA LEU A 8 1.75 4.98 -7.53
C LEU A 8 0.48 4.20 -7.17
N PHE A 9 0.02 4.43 -5.95
CA PHE A 9 -1.19 3.79 -5.42
C PHE A 9 -2.20 4.85 -4.97
N SER A 10 -3.48 4.60 -5.26
CA SER A 10 -4.58 5.45 -4.76
C SER A 10 -5.73 4.62 -4.21
N ILE A 11 -6.10 4.94 -2.98
CA ILE A 11 -7.16 4.23 -2.22
C ILE A 11 -8.59 4.51 -2.78
N ASP A 12 -9.48 3.62 -2.39
CA ASP A 12 -10.93 3.70 -2.62
C ASP A 12 -11.76 4.85 -2.02
N LYS A 13 -11.30 5.47 -0.92
CA LYS A 13 -12.08 6.37 -0.01
C LYS A 13 -13.03 5.61 0.94
N PHE A 14 -13.43 4.40 0.54
CA PHE A 14 -14.40 3.51 1.23
C PHE A 14 -14.15 3.10 2.70
N LYS A 15 -13.05 3.56 3.28
CA LYS A 15 -12.53 3.19 4.63
C LYS A 15 -13.04 1.88 5.26
N CYS A 16 -12.24 0.84 5.13
CA CYS A 16 -12.64 -0.53 5.53
C CYS A 16 -13.21 -0.69 6.96
N ASN A 17 -12.37 -0.71 8.00
CA ASN A 17 -12.79 -0.66 9.42
C ASN A 17 -11.68 -0.57 10.49
N SER A 18 -11.11 0.64 10.59
CA SER A 18 -10.17 1.13 11.64
C SER A 18 -9.17 2.16 11.10
N GLU A 19 -8.25 1.67 10.25
CA GLU A 19 -7.22 2.48 9.60
C GLU A 19 -7.77 3.70 8.84
N ALA A 20 -7.24 4.85 9.28
CA ALA A 20 -7.59 6.20 8.79
C ALA A 20 -6.49 7.21 9.19
N LYS A 21 -6.52 7.67 10.44
CA LYS A 21 -5.58 8.66 11.01
C LYS A 21 -4.10 8.30 10.76
N TYR A 22 -3.57 7.36 11.55
CA TYR A 22 -2.21 6.82 11.40
C TYR A 22 -1.89 6.25 10.00
N TYR A 23 -2.90 5.69 9.34
CA TYR A 23 -2.79 5.15 7.96
C TYR A 23 -2.35 6.28 7.02
N LEU A 24 -3.17 7.33 6.95
CA LEU A 24 -2.93 8.51 6.11
C LEU A 24 -1.69 9.31 6.54
N ASN A 25 -1.57 9.58 7.85
CA ASN A 25 -0.41 10.30 8.42
C ASN A 25 0.98 9.69 8.13
N ILE A 26 1.03 8.38 7.89
CA ILE A 26 2.29 7.71 7.53
C ILE A 26 2.36 7.17 6.07
N ILE A 27 1.23 6.96 5.38
CA ILE A 27 1.24 6.53 3.96
C ILE A 27 0.86 7.59 2.90
N GLU A 28 -0.02 8.52 3.25
CA GLU A 28 -0.55 9.53 2.30
C GLU A 28 0.58 10.50 1.92
N GLY A 29 1.16 10.18 0.76
CA GLY A 29 2.42 10.77 0.27
C GLY A 29 3.41 9.65 -0.05
N GLU A 30 4.70 9.97 0.07
CA GLU A 30 5.78 9.04 -0.32
C GLU A 30 6.91 8.79 0.68
N TRP A 31 7.17 7.51 0.81
CA TRP A 31 8.31 6.90 1.54
C TRP A 31 9.60 7.15 0.75
N HIS A 32 10.72 7.10 1.45
CA HIS A 32 12.08 7.37 0.91
C HIS A 32 12.25 8.79 0.32
N PRO A 33 13.35 9.48 0.62
CA PRO A 33 13.61 10.87 0.15
C PRO A 33 13.97 11.04 -1.34
N GLN A 34 13.29 10.29 -2.21
CA GLN A 34 13.47 10.26 -3.68
C GLN A 34 14.86 9.95 -4.28
N ASP A 35 15.87 9.83 -3.42
CA ASP A 35 17.30 9.65 -3.76
C ASP A 35 17.65 8.24 -4.30
N LEU A 36 16.98 7.92 -5.40
CA LEU A 36 17.06 6.67 -6.19
C LEU A 36 16.24 6.79 -7.49
N ASN A 37 16.81 7.51 -8.46
CA ASN A 37 16.15 7.86 -9.74
C ASN A 37 14.73 8.47 -9.62
N ASP A 38 14.50 9.14 -8.50
CA ASP A 38 13.23 9.82 -8.12
C ASP A 38 11.95 9.00 -8.40
N SER A 39 11.92 7.79 -7.82
CA SER A 39 10.81 6.84 -8.04
C SER A 39 10.42 5.93 -6.85
N PRO A 40 9.96 6.49 -5.72
CA PRO A 40 9.61 5.69 -4.53
C PRO A 40 8.16 5.17 -4.58
N LEU A 41 7.55 5.04 -3.40
CA LEU A 41 6.18 4.57 -3.18
C LEU A 41 5.31 5.73 -2.66
N LYS A 42 4.46 6.22 -3.57
CA LYS A 42 3.50 7.30 -3.28
C LYS A 42 2.07 6.76 -3.31
N PHE A 43 1.35 7.08 -2.26
CA PHE A 43 -0.07 6.75 -2.13
C PHE A 43 -0.93 8.00 -1.89
N ILE A 44 -2.02 8.01 -2.64
CA ILE A 44 -3.07 9.06 -2.60
C ILE A 44 -4.41 8.50 -2.10
N LEU A 45 -5.28 9.44 -1.76
CA LEU A 45 -6.64 9.18 -1.25
C LEU A 45 -7.63 9.57 -2.36
N SER A 46 -8.36 8.56 -2.85
CA SER A 46 -9.53 8.72 -3.76
C SER A 46 -9.13 9.05 -5.21
N THR A 47 -10.08 8.80 -6.11
CA THR A 47 -10.01 9.32 -7.49
C THR A 47 -11.20 10.22 -7.86
N SER A 48 -12.11 9.68 -8.66
CA SER A 48 -13.26 10.41 -9.27
C SER A 48 -14.27 9.42 -9.86
N ASP A 49 -13.76 8.52 -10.71
CA ASP A 49 -14.57 7.49 -11.40
C ASP A 49 -15.16 6.43 -10.44
N ASP A 50 -14.37 5.40 -10.10
CA ASP A 50 -14.77 4.37 -9.11
C ASP A 50 -13.57 3.71 -8.42
N SER A 51 -12.58 4.56 -8.10
CA SER A 51 -11.32 4.17 -7.43
C SER A 51 -10.49 3.07 -8.14
N ASP A 52 -9.34 2.75 -7.54
CA ASP A 52 -8.39 1.75 -8.09
C ASP A 52 -8.09 0.57 -7.14
N TYR A 53 -7.88 0.88 -5.87
CA TYR A 53 -7.64 -0.11 -4.81
C TYR A 53 -8.91 -0.31 -3.96
N ILE A 54 -9.36 -1.56 -3.91
CA ILE A 54 -10.58 -1.94 -3.16
C ILE A 54 -10.17 -2.87 -2.01
N CYS A 55 -10.23 -2.33 -0.80
CA CYS A 55 -9.92 -3.09 0.43
C CYS A 55 -11.11 -4.00 0.77
N LYS A 56 -10.82 -5.30 0.93
CA LYS A 56 -11.84 -6.28 1.36
C LYS A 56 -12.18 -6.10 2.86
N TYR A 57 -11.14 -5.85 3.66
CA TYR A 57 -11.21 -5.57 5.11
C TYR A 57 -9.83 -5.23 5.70
N ILE A 58 -9.84 -4.72 6.93
CA ILE A 58 -8.60 -4.43 7.67
C ILE A 58 -8.10 -5.69 8.40
N ASN A 59 -6.83 -5.69 8.75
CA ASN A 59 -6.21 -6.83 9.45
C ASN A 59 -5.91 -6.44 10.91
N THR A 60 -6.92 -6.66 11.75
CA THR A 60 -6.89 -6.40 13.21
C THR A 60 -5.99 -7.40 13.95
N GLU A 61 -4.69 -7.12 13.82
CA GLU A 61 -3.57 -7.84 14.48
C GLU A 61 -2.36 -6.90 14.58
N HIS A 62 -1.82 -6.55 13.41
CA HIS A 62 -0.66 -5.64 13.32
C HIS A 62 -1.03 -4.29 12.68
N LYS A 63 -2.14 -3.70 13.13
CA LYS A 63 -2.70 -2.41 12.67
C LYS A 63 -2.65 -2.17 11.13
N GLN A 64 -2.93 -3.21 10.36
CA GLN A 64 -2.74 -3.18 8.89
C GLN A 64 -4.03 -3.35 8.05
N LEU A 65 -3.89 -3.13 6.75
CA LEU A 65 -5.00 -3.21 5.78
C LEU A 65 -4.72 -4.20 4.63
N THR A 66 -5.79 -4.88 4.22
CA THR A 66 -5.79 -5.85 3.11
C THR A 66 -6.67 -5.35 1.95
N LEU A 67 -5.98 -4.94 0.87
CA LEU A 67 -6.62 -4.31 -0.30
C LEU A 67 -6.30 -5.10 -1.58
N TYR A 68 -7.28 -5.29 -2.45
CA TYR A 68 -7.03 -5.83 -3.80
C TYR A 68 -7.29 -4.75 -4.86
N ASN A 69 -6.29 -4.57 -5.71
CA ASN A 69 -6.38 -3.63 -6.84
C ASN A 69 -7.23 -4.26 -7.95
N LYS A 70 -8.13 -3.44 -8.48
CA LYS A 70 -9.10 -3.86 -9.51
C LYS A 70 -8.70 -3.54 -10.96
N ASN A 71 -7.43 -3.21 -11.18
CA ASN A 71 -6.90 -2.88 -12.52
C ASN A 71 -6.42 -4.11 -13.34
N ASN A 72 -5.66 -5.01 -12.71
CA ASN A 72 -5.25 -6.28 -13.36
C ASN A 72 -6.38 -7.33 -13.42
N SER A 73 -6.88 -7.69 -12.23
CA SER A 73 -7.75 -8.86 -11.98
C SER A 73 -8.07 -9.01 -10.48
N SER A 74 -7.06 -9.40 -9.69
CA SER A 74 -7.26 -9.74 -8.26
C SER A 74 -6.03 -9.60 -7.35
N ILE A 75 -5.44 -8.39 -7.29
CA ILE A 75 -4.16 -8.22 -6.59
C ILE A 75 -4.33 -7.66 -5.17
N VAL A 76 -4.43 -8.59 -4.24
CA VAL A 76 -4.57 -8.32 -2.79
C VAL A 76 -3.20 -8.12 -2.11
N ILE A 77 -3.02 -6.90 -1.64
CA ILE A 77 -1.83 -6.46 -0.90
C ILE A 77 -2.16 -6.28 0.58
N GLU A 78 -1.20 -6.70 1.40
CA GLU A 78 -1.31 -6.61 2.87
C GLU A 78 -0.18 -5.71 3.38
N ILE A 79 -0.57 -4.50 3.77
CA ILE A 79 0.41 -3.49 4.19
C ILE A 79 0.16 -2.90 5.58
N PHE A 80 1.26 -2.74 6.31
CA PHE A 80 1.24 -2.14 7.67
C PHE A 80 1.94 -0.79 7.69
N ILE A 81 1.25 0.08 8.40
CA ILE A 81 1.53 1.51 8.61
C ILE A 81 1.84 1.81 10.10
N PRO A 82 3.10 1.66 10.52
CA PRO A 82 3.49 1.95 11.92
C PRO A 82 3.66 3.47 12.11
N ASN A 83 4.91 3.92 12.00
CA ASN A 83 5.42 5.31 12.10
C ASN A 83 6.95 5.15 12.11
N ASP A 84 7.67 5.73 13.09
CA ASP A 84 9.13 5.60 13.37
C ASP A 84 9.89 4.72 12.36
N ASN A 85 10.23 5.36 11.25
CA ASN A 85 10.82 4.72 10.05
C ASN A 85 10.53 3.22 9.82
N LYS A 86 9.26 2.93 9.51
CA LYS A 86 8.84 1.55 9.18
C LYS A 86 7.57 1.47 8.31
N ILE A 87 7.58 0.47 7.42
CA ILE A 87 6.49 0.07 6.49
C ILE A 87 6.71 -1.36 5.97
N LEU A 88 5.60 -2.07 5.81
CA LEU A 88 5.59 -3.44 5.23
C LEU A 88 4.65 -3.51 4.01
N LEU A 89 5.14 -4.13 2.95
CA LEU A 89 4.38 -4.40 1.71
C LEU A 89 4.34 -5.91 1.37
N THR A 90 3.13 -6.41 1.14
CA THR A 90 2.89 -7.80 0.66
C THR A 90 2.01 -7.74 -0.61
N ILE A 91 2.24 -8.65 -1.55
CA ILE A 91 1.44 -8.81 -2.78
C ILE A 91 1.05 -10.30 -2.92
N MET A 92 -0.23 -10.51 -3.17
CA MET A 92 -0.87 -11.81 -3.49
C MET A 92 -2.01 -11.58 -4.50
N ASN A 93 -2.38 -12.62 -5.24
CA ASN A 93 -3.45 -12.54 -6.25
C ASN A 93 -4.45 -13.68 -6.09
N THR A 94 -5.73 -13.32 -6.01
CA THR A 94 -6.86 -14.25 -5.77
C THR A 94 -6.94 -15.38 -6.81
N GLU A 95 -6.59 -15.08 -8.06
CA GLU A 95 -6.41 -16.14 -9.08
C GLU A 95 -4.94 -16.43 -9.44
N ALA A 96 -4.18 -16.77 -8.40
CA ALA A 96 -2.74 -17.14 -8.46
C ALA A 96 -2.27 -17.86 -7.19
N LEU A 97 -1.03 -18.34 -7.22
CA LEU A 97 -0.38 -19.10 -6.13
C LEU A 97 1.15 -18.93 -6.16
N GLY A 98 1.65 -18.23 -5.14
CA GLY A 98 3.11 -18.02 -4.97
C GLY A 98 3.44 -16.85 -4.04
N THR A 99 4.73 -16.51 -4.00
CA THR A 99 5.29 -15.40 -3.19
C THR A 99 6.64 -14.97 -3.80
N SER A 100 6.86 -13.66 -3.76
CA SER A 100 8.05 -12.96 -4.27
C SER A 100 8.29 -11.51 -3.74
N PRO A 101 7.28 -10.70 -3.38
CA PRO A 101 7.51 -9.34 -2.84
C PRO A 101 7.96 -9.36 -1.36
N ARG A 102 7.07 -8.94 -0.45
CA ARG A 102 7.32 -8.79 1.01
C ARG A 102 8.52 -7.87 1.29
N MET A 103 8.22 -6.58 1.17
CA MET A 103 9.24 -5.52 1.25
C MET A 103 9.03 -4.67 2.51
N THR A 104 10.08 -4.73 3.32
CA THR A 104 10.18 -4.01 4.61
C THR A 104 11.10 -2.80 4.50
N PHE A 105 10.44 -1.65 4.43
CA PHE A 105 11.08 -0.35 4.17
C PHE A 105 10.89 0.62 5.36
N ILE A 106 11.43 1.83 5.24
CA ILE A 106 11.46 2.82 6.34
C ILE A 106 10.86 4.19 5.97
N LYS A 107 10.14 4.78 6.93
CA LYS A 107 9.66 6.18 6.86
C LYS A 107 10.84 7.15 7.03
N HIS A 108 11.53 7.30 5.91
CA HIS A 108 12.72 8.16 5.66
C HIS A 108 14.00 7.36 5.96
N LYS A 109 14.98 7.49 5.05
CA LYS A 109 16.28 6.78 5.16
C LYS A 109 17.05 7.09 6.46
N GLY A 1 6.30 -8.81 -9.18
CA GLY A 1 5.99 -7.58 -9.93
C GLY A 1 7.18 -6.84 -10.60
N SER A 2 8.39 -7.04 -10.06
CA SER A 2 9.67 -6.52 -10.57
C SER A 2 9.80 -4.98 -10.70
N MET A 3 8.91 -4.25 -10.04
CA MET A 3 8.97 -2.77 -9.94
C MET A 3 10.06 -2.30 -8.97
N GLU A 4 11.25 -2.18 -9.55
CA GLU A 4 12.44 -1.64 -8.87
C GLU A 4 12.54 -0.15 -9.15
N GLN A 5 12.08 0.59 -8.15
CA GLN A 5 11.94 2.07 -8.15
C GLN A 5 10.76 2.53 -9.04
N PHE A 6 9.61 2.61 -8.37
CA PHE A 6 8.26 2.98 -8.86
C PHE A 6 7.14 2.18 -8.18
N GLU A 7 6.57 2.79 -7.15
CA GLU A 7 5.40 2.26 -6.44
C GLU A 7 4.29 3.31 -6.33
N LEU A 8 3.30 3.18 -7.20
CA LEU A 8 2.13 4.09 -7.24
C LEU A 8 0.85 3.37 -6.79
N PHE A 9 0.34 3.84 -5.65
CA PHE A 9 -0.86 3.23 -5.02
C PHE A 9 -1.97 4.25 -4.74
N SER A 10 -3.21 3.83 -4.97
CA SER A 10 -4.40 4.70 -4.85
C SER A 10 -5.50 4.07 -3.96
N ILE A 11 -5.77 4.69 -2.81
CA ILE A 11 -6.84 4.22 -1.90
C ILE A 11 -8.25 4.47 -2.49
N ASP A 12 -9.17 3.56 -2.19
CA ASP A 12 -10.60 3.72 -2.53
C ASP A 12 -11.39 4.72 -1.66
N LYS A 13 -10.76 5.25 -0.60
CA LYS A 13 -11.41 5.96 0.52
C LYS A 13 -12.60 5.19 1.16
N PHE A 14 -12.44 3.87 1.17
CA PHE A 14 -13.45 2.92 1.68
C PHE A 14 -13.48 2.75 3.20
N LYS A 15 -12.43 3.24 3.87
CA LYS A 15 -12.22 3.18 5.34
C LYS A 15 -12.80 1.96 6.08
N CYS A 16 -12.09 0.85 5.90
CA CYS A 16 -12.48 -0.46 6.43
C CYS A 16 -12.16 -0.53 7.94
N ASN A 17 -13.07 -0.09 8.81
CA ASN A 17 -12.94 -0.21 10.29
C ASN A 17 -11.67 0.47 10.86
N SER A 18 -10.64 -0.29 11.23
CA SER A 18 -9.28 0.23 11.57
C SER A 18 -8.61 0.81 10.32
N GLU A 19 -7.40 1.38 10.46
CA GLU A 19 -6.70 2.08 9.36
C GLU A 19 -7.48 3.30 8.81
N ALA A 20 -6.80 4.44 8.92
CA ALA A 20 -7.20 5.75 8.32
C ALA A 20 -6.22 6.86 8.72
N LYS A 21 -6.36 7.43 9.92
CA LYS A 21 -5.52 8.53 10.44
C LYS A 21 -4.01 8.27 10.34
N TYR A 22 -3.49 7.44 11.25
CA TYR A 22 -2.08 6.97 11.26
C TYR A 22 -1.61 6.37 9.92
N TYR A 23 -2.54 5.68 9.26
CA TYR A 23 -2.33 5.08 7.93
C TYR A 23 -1.97 6.17 6.90
N LEU A 24 -2.87 7.12 6.67
CA LEU A 24 -2.61 8.24 5.75
C LEU A 24 -1.41 9.11 6.19
N ASN A 25 -1.31 9.39 7.48
CA ASN A 25 -0.17 10.17 8.05
C ASN A 25 1.23 9.56 7.85
N ILE A 26 1.30 8.24 7.68
CA ILE A 26 2.59 7.56 7.42
C ILE A 26 2.70 6.94 5.99
N ILE A 27 1.61 6.76 5.24
CA ILE A 27 1.68 6.32 3.82
C ILE A 27 1.36 7.40 2.76
N GLU A 28 0.43 8.32 3.06
CA GLU A 28 -0.12 9.29 2.09
C GLU A 28 0.91 10.33 1.67
N GLY A 29 1.52 10.00 0.54
CA GLY A 29 2.68 10.69 -0.02
C GLY A 29 3.76 9.65 -0.37
N GLU A 30 5.00 10.01 -0.10
CA GLU A 30 6.16 9.16 -0.44
C GLU A 30 7.08 8.81 0.73
N TRP A 31 7.31 7.51 0.82
CA TRP A 31 8.38 6.92 1.65
C TRP A 31 9.74 7.25 1.00
N HIS A 32 10.80 7.30 1.82
CA HIS A 32 12.18 7.61 1.37
C HIS A 32 12.33 9.04 0.79
N PRO A 33 13.56 9.59 0.65
CA PRO A 33 13.78 10.93 0.06
C PRO A 33 13.43 11.03 -1.44
N GLN A 34 13.04 12.24 -1.84
CA GLN A 34 12.64 12.56 -3.22
C GLN A 34 13.77 13.28 -4.00
N ASP A 35 14.99 12.77 -3.84
CA ASP A 35 16.19 13.40 -4.44
C ASP A 35 17.08 12.44 -5.27
N LEU A 36 16.41 11.58 -6.03
CA LEU A 36 17.02 10.58 -6.92
C LEU A 36 15.93 9.93 -7.78
N ASN A 37 15.68 10.57 -8.92
CA ASN A 37 14.69 10.24 -9.96
C ASN A 37 13.20 10.32 -9.55
N ASP A 38 12.95 10.06 -8.27
CA ASP A 38 11.69 10.20 -7.51
C ASP A 38 10.75 8.99 -7.71
N SER A 39 11.34 7.83 -7.45
CA SER A 39 10.67 6.53 -7.65
C SER A 39 10.61 5.62 -6.40
N PRO A 40 10.17 6.09 -5.23
CA PRO A 40 10.06 5.23 -4.03
C PRO A 40 8.63 4.64 -3.99
N LEU A 41 7.93 4.82 -2.88
CA LEU A 41 6.53 4.38 -2.72
C LEU A 41 5.67 5.63 -2.49
N LYS A 42 4.82 5.92 -3.47
CA LYS A 42 3.89 7.07 -3.46
C LYS A 42 2.44 6.57 -3.51
N PHE A 43 1.69 7.01 -2.53
CA PHE A 43 0.24 6.71 -2.42
C PHE A 43 -0.64 7.95 -2.30
N ILE A 44 -1.72 7.88 -3.07
CA ILE A 44 -2.77 8.92 -3.20
C ILE A 44 -4.13 8.41 -2.68
N LEU A 45 -5.10 9.33 -2.67
CA LEU A 45 -6.45 9.11 -2.12
C LEU A 45 -7.50 9.14 -3.25
N SER A 46 -8.61 8.43 -3.02
CA SER A 46 -9.78 8.43 -3.91
C SER A 46 -10.41 9.84 -4.02
N THR A 47 -11.39 9.90 -4.92
CA THR A 47 -11.98 11.15 -5.42
C THR A 47 -13.34 10.84 -6.08
N SER A 48 -13.35 10.75 -7.41
CA SER A 48 -14.54 10.38 -8.22
C SER A 48 -14.34 9.11 -9.06
N ASP A 49 -13.14 8.99 -9.65
CA ASP A 49 -12.70 7.88 -10.53
C ASP A 49 -12.67 6.44 -9.95
N ASP A 50 -13.32 6.23 -8.80
CA ASP A 50 -13.27 4.98 -7.99
C ASP A 50 -11.86 4.40 -7.68
N SER A 51 -10.84 5.25 -7.74
CA SER A 51 -9.41 4.91 -7.53
C SER A 51 -8.95 3.70 -8.38
N ASP A 52 -8.05 2.88 -7.83
CA ASP A 52 -7.60 1.61 -8.42
C ASP A 52 -7.70 0.40 -7.47
N TYR A 53 -7.66 0.66 -6.16
CA TYR A 53 -7.66 -0.38 -5.11
C TYR A 53 -9.03 -0.49 -4.43
N ILE A 54 -9.45 -1.72 -4.19
CA ILE A 54 -10.72 -2.02 -3.49
C ILE A 54 -10.46 -2.76 -2.16
N CYS A 55 -10.73 -2.01 -1.08
CA CYS A 55 -10.53 -2.48 0.31
C CYS A 55 -11.52 -3.59 0.69
N LYS A 56 -10.97 -4.81 0.70
CA LYS A 56 -11.71 -6.02 1.13
C LYS A 56 -12.05 -5.95 2.63
N TYR A 57 -11.00 -5.78 3.42
CA TYR A 57 -11.03 -5.69 4.90
C TYR A 57 -9.64 -5.31 5.44
N ILE A 58 -9.66 -4.68 6.60
CA ILE A 58 -8.44 -4.48 7.39
C ILE A 58 -7.99 -5.73 8.17
N ASN A 59 -6.79 -5.60 8.70
CA ASN A 59 -6.24 -6.53 9.70
C ASN A 59 -5.98 -5.76 11.00
N THR A 60 -6.98 -5.84 11.87
CA THR A 60 -6.97 -5.25 13.23
C THR A 60 -6.07 -6.01 14.23
N GLU A 61 -4.92 -6.44 13.72
CA GLU A 61 -3.88 -7.15 14.48
C GLU A 61 -2.53 -6.43 14.30
N HIS A 62 -2.11 -6.26 13.05
CA HIS A 62 -0.91 -5.47 12.73
C HIS A 62 -1.28 -4.12 12.09
N LYS A 63 -2.35 -3.52 12.64
CA LYS A 63 -2.94 -2.21 12.27
C LYS A 63 -2.89 -1.79 10.78
N GLN A 64 -3.23 -2.73 9.92
CA GLN A 64 -3.06 -2.61 8.45
C GLN A 64 -4.32 -2.91 7.64
N LEU A 65 -4.29 -2.61 6.33
CA LEU A 65 -5.33 -3.09 5.41
C LEU A 65 -4.88 -4.17 4.42
N THR A 66 -5.89 -4.89 3.92
CA THR A 66 -5.77 -5.84 2.80
C THR A 66 -6.79 -5.51 1.70
N LEU A 67 -6.22 -5.11 0.57
CA LEU A 67 -6.99 -4.72 -0.64
C LEU A 67 -6.37 -5.14 -1.99
N TYR A 68 -7.26 -5.33 -2.96
CA TYR A 68 -6.87 -5.79 -4.31
C TYR A 68 -7.12 -4.74 -5.40
N ASN A 69 -6.11 -4.61 -6.26
CA ASN A 69 -6.13 -3.65 -7.37
C ASN A 69 -6.88 -4.19 -8.60
N LYS A 70 -7.98 -3.50 -8.87
CA LYS A 70 -8.88 -3.78 -10.01
C LYS A 70 -8.37 -3.19 -11.36
N ASN A 71 -7.06 -2.98 -11.46
CA ASN A 71 -6.42 -2.49 -12.70
C ASN A 71 -5.57 -3.57 -13.41
N ASN A 72 -5.34 -4.69 -12.74
CA ASN A 72 -4.64 -5.85 -13.32
C ASN A 72 -5.56 -7.06 -13.58
N SER A 73 -6.24 -7.50 -12.53
CA SER A 73 -7.11 -8.70 -12.47
C SER A 73 -7.69 -8.85 -11.06
N SER A 74 -6.79 -9.11 -10.11
CA SER A 74 -7.04 -9.06 -8.65
C SER A 74 -5.73 -9.25 -7.88
N ILE A 75 -5.05 -8.12 -7.66
CA ILE A 75 -3.78 -8.11 -6.91
C ILE A 75 -3.94 -7.51 -5.51
N VAL A 76 -4.12 -8.45 -4.59
CA VAL A 76 -4.39 -8.23 -3.16
C VAL A 76 -3.06 -7.90 -2.46
N ILE A 77 -2.98 -6.68 -1.96
CA ILE A 77 -1.83 -6.23 -1.15
C ILE A 77 -2.27 -5.97 0.30
N GLU A 78 -1.43 -6.48 1.19
CA GLU A 78 -1.61 -6.33 2.65
C GLU A 78 -0.39 -5.64 3.26
N ILE A 79 -0.59 -4.37 3.57
CA ILE A 79 0.52 -3.46 3.98
C ILE A 79 0.29 -2.81 5.34
N PHE A 80 1.34 -2.75 6.15
CA PHE A 80 1.26 -2.05 7.44
C PHE A 80 2.02 -0.73 7.41
N ILE A 81 1.28 0.26 7.90
CA ILE A 81 1.71 1.67 8.03
C ILE A 81 1.65 2.03 9.53
N PRO A 82 2.76 1.80 10.26
CA PRO A 82 2.87 2.20 11.67
C PRO A 82 3.30 3.68 11.80
N ASN A 83 4.60 3.88 11.96
CA ASN A 83 5.35 5.16 12.10
C ASN A 83 6.81 4.76 12.40
N ASP A 84 7.60 5.65 13.02
CA ASP A 84 8.99 5.42 13.49
C ASP A 84 9.86 4.71 12.44
N ASN A 85 9.81 5.25 11.22
CA ASN A 85 10.40 4.65 10.01
C ASN A 85 10.17 3.13 9.87
N LYS A 86 8.92 2.77 9.55
CA LYS A 86 8.59 1.39 9.18
C LYS A 86 7.32 1.26 8.31
N ILE A 87 7.43 0.32 7.38
CA ILE A 87 6.36 -0.17 6.48
C ILE A 87 6.71 -1.59 5.97
N LEU A 88 5.65 -2.38 5.83
CA LEU A 88 5.70 -3.72 5.20
C LEU A 88 4.64 -3.88 4.10
N LEU A 89 5.11 -4.32 2.93
CA LEU A 89 4.31 -4.61 1.72
C LEU A 89 4.20 -6.10 1.44
N THR A 90 2.98 -6.55 1.16
CA THR A 90 2.68 -7.93 0.68
C THR A 90 2.00 -7.84 -0.68
N ILE A 91 2.31 -8.78 -1.57
CA ILE A 91 1.60 -8.93 -2.86
C ILE A 91 0.95 -10.33 -2.93
N MET A 92 -0.17 -10.40 -3.64
CA MET A 92 -0.97 -11.62 -3.86
C MET A 92 -1.92 -11.36 -5.03
N ASN A 93 -2.37 -12.43 -5.69
CA ASN A 93 -3.33 -12.35 -6.82
C ASN A 93 -4.26 -13.56 -6.76
N THR A 94 -5.50 -13.37 -7.23
CA THR A 94 -6.52 -14.44 -7.31
C THR A 94 -6.01 -15.74 -7.98
N GLU A 95 -5.15 -15.57 -8.98
CA GLU A 95 -4.49 -16.69 -9.69
C GLU A 95 -2.97 -16.76 -9.45
N ALA A 96 -2.57 -16.50 -8.20
CA ALA A 96 -1.15 -16.59 -7.78
C ALA A 96 -0.93 -17.63 -6.66
N LEU A 97 -0.30 -17.23 -5.54
CA LEU A 97 0.11 -18.08 -4.40
C LEU A 97 1.24 -19.06 -4.82
N GLY A 98 2.42 -18.80 -4.25
CA GLY A 98 3.65 -19.54 -4.60
C GLY A 98 4.96 -18.92 -4.08
N THR A 99 5.00 -17.59 -4.05
CA THR A 99 6.15 -16.84 -3.51
C THR A 99 5.66 -15.86 -2.44
N SER A 100 6.49 -15.71 -1.39
CA SER A 100 6.26 -14.72 -0.32
C SER A 100 7.40 -13.68 -0.41
N PRO A 101 7.27 -12.67 -1.27
CA PRO A 101 8.31 -11.65 -1.45
C PRO A 101 8.37 -10.70 -0.24
N ARG A 102 7.39 -9.80 -0.17
CA ARG A 102 7.27 -8.74 0.86
C ARG A 102 8.45 -7.76 0.89
N MET A 103 8.09 -6.50 1.02
CA MET A 103 9.08 -5.40 1.07
C MET A 103 8.94 -4.60 2.37
N THR A 104 10.02 -4.72 3.14
CA THR A 104 10.16 -4.08 4.47
C THR A 104 11.06 -2.84 4.39
N PHE A 105 10.35 -1.73 4.27
CA PHE A 105 10.92 -0.38 4.05
C PHE A 105 10.62 0.52 5.26
N ILE A 106 11.15 1.75 5.24
CA ILE A 106 11.09 2.66 6.40
C ILE A 106 10.68 4.11 6.05
N LYS A 107 9.82 4.70 6.89
CA LYS A 107 9.41 6.13 6.78
C LYS A 107 10.53 7.08 7.22
N HIS A 108 11.47 7.21 6.29
CA HIS A 108 12.65 8.10 6.28
C HIS A 108 13.83 7.46 7.04
N LYS A 109 14.96 7.37 6.34
CA LYS A 109 16.20 6.76 6.84
C LYS A 109 16.85 7.50 8.02
N GLY A 1 3.46 -5.37 -12.61
CA GLY A 1 3.42 -3.90 -12.78
C GLY A 1 3.36 -3.09 -11.47
N SER A 2 3.91 -1.88 -11.52
CA SER A 2 4.05 -0.94 -10.37
C SER A 2 4.72 -1.57 -9.14
N MET A 3 6.04 -1.68 -9.24
CA MET A 3 6.89 -2.34 -8.22
C MET A 3 8.34 -1.85 -8.40
N GLU A 4 8.77 -1.08 -7.39
CA GLU A 4 10.03 -0.31 -7.37
C GLU A 4 10.12 0.73 -8.51
N GLN A 5 10.95 1.75 -8.30
CA GLN A 5 11.36 2.77 -9.30
C GLN A 5 10.23 3.50 -10.06
N PHE A 6 9.20 3.80 -9.27
CA PHE A 6 7.84 4.29 -9.63
C PHE A 6 6.76 3.38 -9.03
N GLU A 7 6.33 3.77 -7.83
CA GLU A 7 5.27 3.05 -7.09
C GLU A 7 4.07 3.96 -6.82
N LEU A 8 3.05 3.77 -7.63
CA LEU A 8 1.81 4.59 -7.61
C LEU A 8 0.63 3.77 -7.05
N PHE A 9 0.14 4.19 -5.89
CA PHE A 9 -1.02 3.54 -5.25
C PHE A 9 -2.14 4.54 -4.89
N SER A 10 -3.38 4.11 -5.13
CA SER A 10 -4.59 4.94 -4.89
C SER A 10 -5.66 4.17 -4.10
N ILE A 11 -6.07 4.70 -2.95
CA ILE A 11 -7.16 4.09 -2.15
C ILE A 11 -8.56 4.38 -2.71
N ASP A 12 -9.45 3.44 -2.40
CA ASP A 12 -10.90 3.47 -2.72
C ASP A 12 -11.78 4.58 -2.11
N LYS A 13 -11.17 5.59 -1.49
CA LYS A 13 -11.83 6.63 -0.66
C LYS A 13 -12.56 6.15 0.62
N PHE A 14 -12.78 4.84 0.71
CA PHE A 14 -13.58 4.21 1.77
C PHE A 14 -12.76 3.59 2.92
N LYS A 15 -11.44 3.46 2.70
CA LYS A 15 -10.49 2.84 3.63
C LYS A 15 -10.88 1.37 3.90
N CYS A 16 -10.89 0.93 5.16
CA CYS A 16 -11.38 -0.41 5.53
C CYS A 16 -12.23 -0.43 6.82
N ASN A 17 -11.58 -0.07 7.93
CA ASN A 17 -12.16 0.04 9.30
C ASN A 17 -11.10 0.63 10.25
N SER A 18 -10.16 -0.21 10.71
CA SER A 18 -9.03 0.20 11.58
C SER A 18 -8.04 1.15 10.87
N GLU A 19 -7.68 0.80 9.64
CA GLU A 19 -6.89 1.67 8.75
C GLU A 19 -7.68 2.86 8.22
N ALA A 20 -7.10 4.03 8.51
CA ALA A 20 -7.58 5.38 8.13
C ALA A 20 -6.55 6.46 8.53
N LYS A 21 -6.63 6.93 9.78
CA LYS A 21 -5.80 8.04 10.32
C LYS A 21 -4.28 7.84 10.20
N TYR A 22 -3.71 6.99 11.05
CA TYR A 22 -2.28 6.61 11.00
C TYR A 22 -1.80 6.13 9.60
N TYR A 23 -2.72 5.49 8.87
CA TYR A 23 -2.48 5.04 7.48
C TYR A 23 -2.11 6.27 6.61
N LEU A 24 -3.05 7.21 6.48
CA LEU A 24 -2.78 8.45 5.73
C LEU A 24 -1.61 9.28 6.32
N ASN A 25 -1.58 9.44 7.63
CA ASN A 25 -0.51 10.20 8.31
C ASN A 25 0.93 9.69 8.16
N ILE A 26 1.11 8.40 7.89
CA ILE A 26 2.45 7.83 7.64
C ILE A 26 2.65 7.32 6.18
N ILE A 27 1.58 7.06 5.43
CA ILE A 27 1.65 6.52 4.03
C ILE A 27 1.28 7.52 2.91
N GLU A 28 0.41 8.49 3.20
CA GLU A 28 -0.12 9.45 2.21
C GLU A 28 0.98 10.40 1.72
N GLY A 29 1.48 10.03 0.54
CA GLY A 29 2.69 10.61 -0.06
C GLY A 29 3.71 9.52 -0.36
N GLU A 30 4.99 9.89 -0.29
CA GLU A 30 6.10 9.02 -0.72
C GLU A 30 7.16 8.65 0.33
N TRP A 31 7.42 7.34 0.38
CA TRP A 31 8.49 6.71 1.17
C TRP A 31 9.84 6.83 0.45
N HIS A 32 10.78 7.38 1.21
CA HIS A 32 12.18 7.78 0.86
C HIS A 32 12.42 9.25 1.26
N PRO A 33 13.62 9.59 1.75
CA PRO A 33 14.02 11.00 1.97
C PRO A 33 14.35 11.75 0.66
N GLN A 34 13.43 11.65 -0.31
CA GLN A 34 13.47 12.28 -1.64
C GLN A 34 14.82 12.27 -2.39
N ASP A 35 15.50 11.13 -2.29
CA ASP A 35 16.87 10.93 -2.81
C ASP A 35 17.12 9.52 -3.37
N LEU A 36 16.49 9.26 -4.52
CA LEU A 36 16.62 8.02 -5.31
C LEU A 36 15.78 8.13 -6.60
N ASN A 37 16.42 8.72 -7.60
CA ASN A 37 15.89 8.94 -8.97
C ASN A 37 14.50 9.62 -9.12
N ASP A 38 14.05 10.23 -8.02
CA ASP A 38 12.70 10.79 -7.81
C ASP A 38 11.54 9.82 -8.09
N SER A 39 11.79 8.52 -7.86
CA SER A 39 10.78 7.46 -8.13
C SER A 39 10.44 6.55 -6.93
N PRO A 40 9.94 7.12 -5.80
CA PRO A 40 9.70 6.36 -4.56
C PRO A 40 8.37 5.57 -4.60
N LEU A 41 7.85 5.29 -3.41
CA LEU A 41 6.54 4.65 -3.15
C LEU A 41 5.55 5.71 -2.69
N LYS A 42 4.68 6.15 -3.60
CA LYS A 42 3.68 7.19 -3.28
C LYS A 42 2.23 6.71 -3.44
N PHE A 43 1.47 7.04 -2.40
CA PHE A 43 0.04 6.71 -2.29
C PHE A 43 -0.86 7.94 -2.07
N ILE A 44 -1.96 7.92 -2.82
CA ILE A 44 -3.02 8.95 -2.85
C ILE A 44 -4.37 8.29 -2.47
N LEU A 45 -5.34 9.13 -2.19
CA LEU A 45 -6.72 8.72 -1.82
C LEU A 45 -7.74 9.21 -2.86
N SER A 46 -8.75 8.38 -3.10
CA SER A 46 -9.92 8.69 -3.96
C SER A 46 -9.52 8.79 -5.45
N THR A 47 -10.30 9.55 -6.22
CA THR A 47 -10.09 9.88 -7.65
C THR A 47 -10.22 8.60 -8.51
N SER A 48 -9.55 8.56 -9.67
CA SER A 48 -9.65 7.49 -10.69
C SER A 48 -11.09 7.12 -11.13
N ASP A 49 -11.99 8.11 -11.05
CA ASP A 49 -13.45 8.00 -11.30
C ASP A 49 -14.21 7.10 -10.31
N ASP A 50 -13.60 5.98 -9.94
CA ASP A 50 -14.12 5.04 -8.92
C ASP A 50 -13.02 4.19 -8.25
N SER A 51 -11.83 4.77 -8.12
CA SER A 51 -10.61 4.13 -7.56
C SER A 51 -10.11 2.87 -8.30
N ASP A 52 -8.90 2.43 -7.91
CA ASP A 52 -8.28 1.19 -8.45
C ASP A 52 -8.10 0.05 -7.43
N TYR A 53 -7.69 0.41 -6.21
CA TYR A 53 -7.55 -0.53 -5.08
C TYR A 53 -8.87 -0.72 -4.33
N ILE A 54 -9.20 -1.99 -4.11
CA ILE A 54 -10.47 -2.37 -3.45
C ILE A 54 -10.18 -3.06 -2.10
N CYS A 55 -10.71 -2.45 -1.05
CA CYS A 55 -10.72 -3.01 0.31
C CYS A 55 -11.53 -4.30 0.39
N LYS A 56 -10.80 -5.39 0.52
CA LYS A 56 -11.37 -6.69 0.91
C LYS A 56 -11.64 -6.80 2.43
N TYR A 57 -10.70 -6.29 3.23
CA TYR A 57 -10.76 -6.27 4.72
C TYR A 57 -9.50 -5.68 5.37
N ILE A 58 -9.65 -5.39 6.65
CA ILE A 58 -8.57 -4.90 7.53
C ILE A 58 -8.15 -6.01 8.53
N ASN A 59 -6.86 -6.01 8.86
CA ASN A 59 -6.32 -6.86 9.93
C ASN A 59 -5.83 -6.05 11.14
N THR A 60 -6.76 -5.92 12.09
CA THR A 60 -6.55 -5.31 13.43
C THR A 60 -5.72 -6.25 14.36
N GLU A 61 -4.81 -6.98 13.73
CA GLU A 61 -3.88 -7.91 14.39
C GLU A 61 -2.48 -7.28 14.52
N HIS A 62 -2.05 -6.63 13.43
CA HIS A 62 -0.78 -5.89 13.39
C HIS A 62 -0.93 -4.55 12.63
N LYS A 63 -2.07 -3.90 12.86
CA LYS A 63 -2.46 -2.61 12.22
C LYS A 63 -2.23 -2.50 10.69
N GLN A 64 -2.59 -3.58 10.01
CA GLN A 64 -2.30 -3.75 8.57
C GLN A 64 -3.57 -3.92 7.71
N LEU A 65 -3.51 -3.37 6.50
CA LEU A 65 -4.63 -3.41 5.54
C LEU A 65 -4.42 -4.48 4.45
N THR A 66 -5.52 -5.08 4.03
CA THR A 66 -5.51 -6.08 2.94
C THR A 66 -6.39 -5.58 1.78
N LEU A 67 -5.73 -5.19 0.69
CA LEU A 67 -6.41 -4.66 -0.52
C LEU A 67 -5.98 -5.36 -1.83
N TYR A 68 -6.93 -5.50 -2.75
CA TYR A 68 -6.64 -6.03 -4.11
C TYR A 68 -6.83 -5.00 -5.23
N ASN A 69 -5.87 -5.00 -6.13
CA ASN A 69 -5.81 -4.09 -7.30
C ASN A 69 -6.55 -4.69 -8.50
N LYS A 70 -7.64 -4.03 -8.84
CA LYS A 70 -8.52 -4.41 -9.97
C LYS A 70 -7.91 -4.30 -11.40
N ASN A 71 -6.75 -3.68 -11.51
CA ASN A 71 -5.98 -3.62 -12.78
C ASN A 71 -4.59 -4.29 -12.75
N ASN A 72 -4.42 -5.23 -11.82
CA ASN A 72 -3.17 -6.02 -11.73
C ASN A 72 -3.37 -7.54 -11.60
N SER A 73 -4.41 -8.04 -12.28
CA SER A 73 -4.83 -9.46 -12.26
C SER A 73 -5.00 -10.04 -10.83
N SER A 74 -5.84 -9.34 -10.07
CA SER A 74 -6.27 -9.66 -8.69
C SER A 74 -5.19 -9.65 -7.58
N ILE A 75 -4.18 -8.78 -7.70
CA ILE A 75 -3.12 -8.72 -6.67
C ILE A 75 -3.62 -8.10 -5.35
N VAL A 76 -3.31 -8.84 -4.31
CA VAL A 76 -3.66 -8.53 -2.92
C VAL A 76 -2.36 -8.08 -2.22
N ILE A 77 -2.37 -6.85 -1.75
CA ILE A 77 -1.27 -6.35 -0.90
C ILE A 77 -1.77 -6.14 0.53
N GLU A 78 -0.96 -6.66 1.44
CA GLU A 78 -1.20 -6.51 2.89
C GLU A 78 -0.02 -5.78 3.53
N ILE A 79 -0.27 -4.50 3.83
CA ILE A 79 0.79 -3.60 4.33
C ILE A 79 0.44 -3.04 5.73
N PHE A 80 1.48 -2.90 6.54
CA PHE A 80 1.37 -2.19 7.84
C PHE A 80 2.12 -0.87 7.77
N ILE A 81 1.38 0.10 8.29
CA ILE A 81 1.71 1.51 8.45
C ILE A 81 1.97 1.88 9.93
N PRO A 82 3.22 1.73 10.41
CA PRO A 82 3.56 2.05 11.80
C PRO A 82 3.78 3.57 11.98
N ASN A 83 5.06 3.94 12.00
CA ASN A 83 5.67 5.27 12.28
C ASN A 83 7.17 5.01 12.44
N ASP A 84 7.93 5.93 13.05
CA ASP A 84 9.36 5.73 13.40
C ASP A 84 10.26 5.14 12.30
N ASN A 85 10.00 5.60 11.08
CA ASN A 85 10.63 5.10 9.84
C ASN A 85 10.48 3.57 9.66
N LYS A 86 9.24 3.10 9.57
CA LYS A 86 8.94 1.66 9.38
C LYS A 86 7.74 1.42 8.44
N ILE A 87 7.81 0.36 7.64
CA ILE A 87 6.73 -0.19 6.78
C ILE A 87 7.07 -1.60 6.25
N LEU A 88 6.03 -2.42 6.14
CA LEU A 88 6.08 -3.75 5.48
C LEU A 88 4.99 -3.91 4.41
N LEU A 89 5.39 -4.43 3.26
CA LEU A 89 4.52 -4.67 2.08
C LEU A 89 4.68 -6.11 1.54
N THR A 90 3.56 -6.79 1.35
CA THR A 90 3.54 -8.14 0.72
C THR A 90 2.58 -8.25 -0.48
N ILE A 91 2.89 -9.18 -1.39
CA ILE A 91 2.15 -9.41 -2.65
C ILE A 91 1.54 -10.83 -2.63
N MET A 92 0.26 -10.86 -2.96
CA MET A 92 -0.60 -12.06 -3.10
C MET A 92 -1.45 -11.93 -4.39
N ASN A 93 -1.98 -13.06 -4.86
CA ASN A 93 -2.98 -13.07 -5.95
C ASN A 93 -4.25 -13.84 -5.57
N THR A 94 -5.39 -13.24 -5.91
CA THR A 94 -6.73 -13.78 -5.59
C THR A 94 -7.09 -14.94 -6.54
N GLU A 95 -6.89 -14.69 -7.83
CA GLU A 95 -7.22 -15.65 -8.91
C GLU A 95 -5.95 -16.27 -9.52
N ALA A 96 -4.98 -16.52 -8.64
CA ALA A 96 -3.62 -17.04 -8.92
C ALA A 96 -2.87 -17.24 -7.58
N LEU A 97 -1.54 -17.11 -7.57
CA LEU A 97 -0.70 -17.34 -6.38
C LEU A 97 0.29 -16.19 -6.09
N GLY A 98 0.61 -16.05 -4.80
CA GLY A 98 1.66 -15.10 -4.33
C GLY A 98 1.70 -15.04 -2.80
N THR A 99 2.48 -15.94 -2.22
CA THR A 99 2.72 -15.98 -0.76
C THR A 99 4.21 -16.22 -0.44
N SER A 100 4.97 -15.14 -0.59
CA SER A 100 6.46 -15.12 -0.47
C SER A 100 7.11 -13.72 -0.59
N PRO A 101 6.76 -12.85 -1.56
CA PRO A 101 7.37 -11.51 -1.65
C PRO A 101 6.90 -10.57 -0.53
N ARG A 102 7.88 -10.05 0.18
CA ARG A 102 7.71 -9.00 1.22
C ARG A 102 8.87 -8.00 1.16
N MET A 103 8.51 -6.74 1.36
CA MET A 103 9.48 -5.63 1.42
C MET A 103 9.33 -4.83 2.72
N THR A 104 10.44 -4.80 3.44
CA THR A 104 10.53 -4.12 4.76
C THR A 104 11.39 -2.86 4.59
N PHE A 105 10.67 -1.76 4.52
CA PHE A 105 11.23 -0.41 4.27
C PHE A 105 10.92 0.56 5.42
N ILE A 106 11.33 1.81 5.25
CA ILE A 106 11.37 2.81 6.34
C ILE A 106 10.80 4.18 5.90
N LYS A 107 10.05 4.83 6.79
CA LYS A 107 9.60 6.22 6.57
C LYS A 107 10.73 7.21 6.86
N HIS A 108 11.70 7.18 5.92
CA HIS A 108 12.91 8.04 5.81
C HIS A 108 14.15 7.28 6.32
N LYS A 109 15.26 7.45 5.61
CA LYS A 109 16.59 6.89 5.98
C LYS A 109 17.56 7.94 6.53
N GLY A 1 3.46 -5.37 -12.61
CA GLY A 1 3.42 -3.90 -12.78
C GLY A 1 3.36 -3.09 -11.47
N SER A 2 3.91 -1.88 -11.52
CA SER A 2 4.05 -0.94 -10.37
C SER A 2 4.72 -1.57 -9.14
N MET A 3 6.04 -1.68 -9.24
CA MET A 3 6.89 -2.34 -8.22
C MET A 3 8.34 -1.85 -8.40
N GLU A 4 8.77 -1.08 -7.39
CA GLU A 4 10.03 -0.31 -7.37
C GLU A 4 10.12 0.73 -8.51
N GLN A 5 10.95 1.75 -8.30
CA GLN A 5 11.36 2.77 -9.30
C GLN A 5 10.23 3.50 -10.06
N PHE A 6 9.20 3.80 -9.27
CA PHE A 6 7.84 4.29 -9.63
C PHE A 6 6.76 3.38 -9.03
N GLU A 7 6.33 3.77 -7.83
CA GLU A 7 5.27 3.05 -7.09
C GLU A 7 4.07 3.96 -6.82
N LEU A 8 3.05 3.77 -7.63
CA LEU A 8 1.81 4.59 -7.61
C LEU A 8 0.63 3.77 -7.05
N PHE A 9 0.14 4.19 -5.89
CA PHE A 9 -1.02 3.54 -5.25
C PHE A 9 -2.14 4.54 -4.89
N SER A 10 -3.38 4.11 -5.13
CA SER A 10 -4.59 4.94 -4.89
C SER A 10 -5.66 4.17 -4.10
N ILE A 11 -6.07 4.70 -2.95
CA ILE A 11 -7.16 4.09 -2.15
C ILE A 11 -8.56 4.38 -2.71
N ASP A 12 -9.45 3.44 -2.40
CA ASP A 12 -10.90 3.47 -2.72
C ASP A 12 -11.78 4.58 -2.11
N LYS A 13 -11.17 5.59 -1.49
CA LYS A 13 -11.83 6.63 -0.66
C LYS A 13 -12.56 6.15 0.62
N PHE A 14 -12.78 4.84 0.71
CA PHE A 14 -13.58 4.21 1.77
C PHE A 14 -12.76 3.59 2.92
N LYS A 15 -11.44 3.46 2.70
CA LYS A 15 -10.49 2.84 3.63
C LYS A 15 -10.88 1.37 3.90
N CYS A 16 -10.89 0.93 5.16
CA CYS A 16 -11.38 -0.41 5.53
C CYS A 16 -12.23 -0.43 6.82
N ASN A 17 -11.58 -0.07 7.93
CA ASN A 17 -12.16 0.04 9.30
C ASN A 17 -11.10 0.63 10.25
N SER A 18 -10.16 -0.21 10.71
CA SER A 18 -9.03 0.20 11.58
C SER A 18 -8.04 1.15 10.87
N GLU A 19 -7.68 0.80 9.64
CA GLU A 19 -6.89 1.67 8.75
C GLU A 19 -7.68 2.86 8.22
N ALA A 20 -7.10 4.03 8.51
CA ALA A 20 -7.58 5.38 8.13
C ALA A 20 -6.55 6.46 8.53
N LYS A 21 -6.63 6.93 9.78
CA LYS A 21 -5.80 8.04 10.32
C LYS A 21 -4.28 7.84 10.20
N TYR A 22 -3.71 6.99 11.05
CA TYR A 22 -2.28 6.61 11.00
C TYR A 22 -1.80 6.13 9.60
N TYR A 23 -2.72 5.49 8.87
CA TYR A 23 -2.48 5.04 7.48
C TYR A 23 -2.11 6.27 6.61
N LEU A 24 -3.05 7.21 6.48
CA LEU A 24 -2.78 8.45 5.73
C LEU A 24 -1.61 9.28 6.32
N ASN A 25 -1.58 9.44 7.63
CA ASN A 25 -0.51 10.20 8.31
C ASN A 25 0.93 9.69 8.16
N ILE A 26 1.11 8.40 7.89
CA ILE A 26 2.45 7.83 7.64
C ILE A 26 2.65 7.32 6.18
N ILE A 27 1.58 7.06 5.43
CA ILE A 27 1.65 6.52 4.03
C ILE A 27 1.28 7.52 2.91
N GLU A 28 0.41 8.49 3.20
CA GLU A 28 -0.12 9.45 2.21
C GLU A 28 0.98 10.40 1.72
N GLY A 29 1.48 10.03 0.54
CA GLY A 29 2.69 10.61 -0.06
C GLY A 29 3.71 9.52 -0.36
N GLU A 30 4.99 9.89 -0.29
CA GLU A 30 6.10 9.02 -0.72
C GLU A 30 7.16 8.65 0.33
N TRP A 31 7.42 7.34 0.38
CA TRP A 31 8.49 6.71 1.17
C TRP A 31 9.84 6.83 0.45
N HIS A 32 10.78 7.38 1.21
CA HIS A 32 12.18 7.78 0.86
C HIS A 32 12.42 9.25 1.26
N PRO A 33 13.62 9.59 1.75
CA PRO A 33 14.02 11.00 1.97
C PRO A 33 14.35 11.75 0.66
N GLN A 34 13.43 11.65 -0.31
CA GLN A 34 13.47 12.28 -1.64
C GLN A 34 14.82 12.27 -2.39
N ASP A 35 15.50 11.13 -2.29
CA ASP A 35 16.87 10.93 -2.81
C ASP A 35 17.12 9.52 -3.37
N LEU A 36 16.49 9.26 -4.52
CA LEU A 36 16.62 8.02 -5.31
C LEU A 36 15.78 8.13 -6.60
N ASN A 37 16.42 8.72 -7.60
CA ASN A 37 15.89 8.94 -8.97
C ASN A 37 14.50 9.62 -9.12
N ASP A 38 14.05 10.23 -8.02
CA ASP A 38 12.70 10.79 -7.81
C ASP A 38 11.54 9.82 -8.09
N SER A 39 11.79 8.52 -7.86
CA SER A 39 10.78 7.46 -8.13
C SER A 39 10.44 6.55 -6.93
N PRO A 40 9.94 7.12 -5.80
CA PRO A 40 9.70 6.36 -4.56
C PRO A 40 8.37 5.57 -4.60
N LEU A 41 7.85 5.29 -3.41
CA LEU A 41 6.54 4.65 -3.15
C LEU A 41 5.55 5.71 -2.69
N LYS A 42 4.68 6.15 -3.60
CA LYS A 42 3.68 7.19 -3.28
C LYS A 42 2.23 6.71 -3.44
N PHE A 43 1.47 7.04 -2.40
CA PHE A 43 0.04 6.71 -2.29
C PHE A 43 -0.86 7.94 -2.07
N ILE A 44 -1.96 7.92 -2.82
CA ILE A 44 -3.02 8.95 -2.85
C ILE A 44 -4.37 8.29 -2.47
N LEU A 45 -5.34 9.13 -2.19
CA LEU A 45 -6.72 8.72 -1.82
C LEU A 45 -7.74 9.21 -2.86
N SER A 46 -8.75 8.38 -3.10
CA SER A 46 -9.92 8.69 -3.96
C SER A 46 -9.52 8.79 -5.45
N THR A 47 -10.30 9.55 -6.22
CA THR A 47 -10.09 9.88 -7.65
C THR A 47 -10.22 8.60 -8.51
N SER A 48 -9.55 8.56 -9.67
CA SER A 48 -9.65 7.49 -10.69
C SER A 48 -11.09 7.12 -11.13
N ASP A 49 -11.99 8.11 -11.05
CA ASP A 49 -13.45 8.00 -11.30
C ASP A 49 -14.21 7.10 -10.31
N ASP A 50 -13.60 5.98 -9.94
CA ASP A 50 -14.12 5.04 -8.92
C ASP A 50 -13.02 4.19 -8.25
N SER A 51 -11.83 4.77 -8.12
CA SER A 51 -10.61 4.13 -7.56
C SER A 51 -10.11 2.87 -8.30
N ASP A 52 -8.90 2.43 -7.91
CA ASP A 52 -8.28 1.19 -8.45
C ASP A 52 -8.10 0.05 -7.43
N TYR A 53 -7.69 0.41 -6.21
CA TYR A 53 -7.55 -0.53 -5.08
C TYR A 53 -8.87 -0.72 -4.33
N ILE A 54 -9.20 -1.99 -4.11
CA ILE A 54 -10.47 -2.37 -3.45
C ILE A 54 -10.18 -3.06 -2.10
N CYS A 55 -10.71 -2.45 -1.05
CA CYS A 55 -10.72 -3.01 0.31
C CYS A 55 -11.53 -4.30 0.39
N LYS A 56 -10.80 -5.39 0.52
CA LYS A 56 -11.37 -6.69 0.91
C LYS A 56 -11.64 -6.80 2.43
N TYR A 57 -10.70 -6.29 3.23
CA TYR A 57 -10.76 -6.27 4.72
C TYR A 57 -9.50 -5.68 5.37
N ILE A 58 -9.65 -5.39 6.65
CA ILE A 58 -8.57 -4.90 7.53
C ILE A 58 -8.15 -6.01 8.53
N ASN A 59 -6.86 -6.01 8.86
CA ASN A 59 -6.32 -6.86 9.93
C ASN A 59 -5.83 -6.05 11.14
N THR A 60 -6.76 -5.92 12.09
CA THR A 60 -6.55 -5.31 13.43
C THR A 60 -5.72 -6.25 14.36
N GLU A 61 -4.81 -6.98 13.73
CA GLU A 61 -3.88 -7.91 14.39
C GLU A 61 -2.48 -7.28 14.52
N HIS A 62 -2.05 -6.63 13.43
CA HIS A 62 -0.78 -5.89 13.39
C HIS A 62 -0.93 -4.55 12.63
N LYS A 63 -2.07 -3.90 12.86
CA LYS A 63 -2.46 -2.61 12.22
C LYS A 63 -2.23 -2.50 10.69
N GLN A 64 -2.59 -3.58 10.01
CA GLN A 64 -2.30 -3.75 8.57
C GLN A 64 -3.57 -3.92 7.71
N LEU A 65 -3.51 -3.37 6.50
CA LEU A 65 -4.63 -3.41 5.54
C LEU A 65 -4.42 -4.48 4.45
N THR A 66 -5.52 -5.08 4.03
CA THR A 66 -5.51 -6.08 2.94
C THR A 66 -6.39 -5.58 1.78
N LEU A 67 -5.73 -5.19 0.69
CA LEU A 67 -6.41 -4.66 -0.52
C LEU A 67 -5.98 -5.36 -1.83
N TYR A 68 -6.93 -5.50 -2.75
CA TYR A 68 -6.64 -6.03 -4.11
C TYR A 68 -6.83 -5.00 -5.23
N ASN A 69 -5.87 -5.00 -6.13
CA ASN A 69 -5.81 -4.09 -7.30
C ASN A 69 -6.55 -4.69 -8.50
N LYS A 70 -7.64 -4.03 -8.84
CA LYS A 70 -8.52 -4.41 -9.97
C LYS A 70 -7.91 -4.30 -11.40
N ASN A 71 -6.75 -3.68 -11.51
CA ASN A 71 -5.98 -3.62 -12.78
C ASN A 71 -4.59 -4.29 -12.75
N ASN A 72 -4.42 -5.23 -11.82
CA ASN A 72 -3.17 -6.02 -11.73
C ASN A 72 -3.37 -7.54 -11.60
N SER A 73 -4.41 -8.04 -12.28
CA SER A 73 -4.83 -9.46 -12.26
C SER A 73 -5.00 -10.04 -10.83
N SER A 74 -5.84 -9.34 -10.07
CA SER A 74 -6.27 -9.66 -8.69
C SER A 74 -5.19 -9.65 -7.58
N ILE A 75 -4.18 -8.78 -7.70
CA ILE A 75 -3.12 -8.72 -6.67
C ILE A 75 -3.62 -8.10 -5.35
N VAL A 76 -3.31 -8.84 -4.31
CA VAL A 76 -3.66 -8.53 -2.92
C VAL A 76 -2.36 -8.08 -2.22
N ILE A 77 -2.37 -6.85 -1.75
CA ILE A 77 -1.27 -6.35 -0.90
C ILE A 77 -1.77 -6.14 0.53
N GLU A 78 -0.96 -6.66 1.44
CA GLU A 78 -1.20 -6.51 2.89
C GLU A 78 -0.02 -5.78 3.53
N ILE A 79 -0.27 -4.50 3.83
CA ILE A 79 0.79 -3.60 4.33
C ILE A 79 0.44 -3.04 5.73
N PHE A 80 1.48 -2.90 6.54
CA PHE A 80 1.37 -2.19 7.84
C PHE A 80 2.12 -0.87 7.77
N ILE A 81 1.38 0.10 8.29
CA ILE A 81 1.71 1.51 8.45
C ILE A 81 1.97 1.88 9.93
N PRO A 82 3.22 1.73 10.41
CA PRO A 82 3.56 2.05 11.80
C PRO A 82 3.78 3.57 11.98
N ASN A 83 5.06 3.94 12.00
CA ASN A 83 5.67 5.27 12.28
C ASN A 83 7.17 5.01 12.44
N ASP A 84 7.93 5.93 13.05
CA ASP A 84 9.36 5.73 13.40
C ASP A 84 10.26 5.14 12.30
N ASN A 85 10.00 5.60 11.08
CA ASN A 85 10.63 5.10 9.84
C ASN A 85 10.48 3.57 9.66
N LYS A 86 9.24 3.10 9.57
CA LYS A 86 8.94 1.66 9.38
C LYS A 86 7.74 1.42 8.44
N ILE A 87 7.81 0.36 7.64
CA ILE A 87 6.73 -0.19 6.78
C ILE A 87 7.07 -1.60 6.25
N LEU A 88 6.03 -2.42 6.14
CA LEU A 88 6.08 -3.75 5.48
C LEU A 88 4.99 -3.91 4.41
N LEU A 89 5.39 -4.43 3.26
CA LEU A 89 4.52 -4.67 2.08
C LEU A 89 4.68 -6.11 1.54
N THR A 90 3.56 -6.79 1.35
CA THR A 90 3.54 -8.14 0.72
C THR A 90 2.58 -8.25 -0.48
N ILE A 91 2.89 -9.18 -1.39
CA ILE A 91 2.15 -9.41 -2.65
C ILE A 91 1.54 -10.83 -2.63
N MET A 92 0.26 -10.86 -2.96
CA MET A 92 -0.60 -12.06 -3.10
C MET A 92 -1.45 -11.93 -4.39
N ASN A 93 -1.98 -13.06 -4.86
CA ASN A 93 -2.98 -13.07 -5.95
C ASN A 93 -4.25 -13.84 -5.57
N THR A 94 -5.39 -13.24 -5.91
CA THR A 94 -6.73 -13.78 -5.59
C THR A 94 -7.09 -14.94 -6.54
N GLU A 95 -6.89 -14.69 -7.83
CA GLU A 95 -7.22 -15.65 -8.91
C GLU A 95 -5.95 -16.27 -9.52
N ALA A 96 -4.98 -16.52 -8.64
CA ALA A 96 -3.62 -17.04 -8.92
C ALA A 96 -2.87 -17.24 -7.58
N LEU A 97 -1.54 -17.11 -7.57
CA LEU A 97 -0.70 -17.34 -6.38
C LEU A 97 0.29 -16.19 -6.09
N GLY A 98 0.61 -16.05 -4.80
CA GLY A 98 1.66 -15.10 -4.33
C GLY A 98 1.70 -15.04 -2.80
N THR A 99 2.48 -15.94 -2.22
CA THR A 99 2.72 -15.98 -0.76
C THR A 99 4.21 -16.22 -0.44
N SER A 100 4.97 -15.14 -0.59
CA SER A 100 6.46 -15.12 -0.47
C SER A 100 7.11 -13.72 -0.59
N PRO A 101 6.76 -12.85 -1.56
CA PRO A 101 7.37 -11.51 -1.65
C PRO A 101 6.90 -10.57 -0.53
N ARG A 102 7.88 -10.05 0.18
CA ARG A 102 7.71 -9.00 1.22
C ARG A 102 8.87 -8.00 1.16
N MET A 103 8.51 -6.74 1.36
CA MET A 103 9.48 -5.63 1.42
C MET A 103 9.33 -4.83 2.72
N THR A 104 10.44 -4.80 3.44
CA THR A 104 10.53 -4.12 4.76
C THR A 104 11.39 -2.86 4.59
N PHE A 105 10.67 -1.76 4.52
CA PHE A 105 11.23 -0.41 4.27
C PHE A 105 10.92 0.56 5.42
N ILE A 106 11.33 1.81 5.25
CA ILE A 106 11.37 2.81 6.34
C ILE A 106 10.80 4.18 5.90
N LYS A 107 10.05 4.83 6.79
CA LYS A 107 9.60 6.22 6.57
C LYS A 107 10.73 7.21 6.86
N HIS A 108 11.70 7.18 5.92
CA HIS A 108 12.91 8.04 5.81
C HIS A 108 14.15 7.28 6.32
N LYS A 109 15.26 7.45 5.61
CA LYS A 109 16.59 6.89 5.98
C LYS A 109 17.56 7.94 6.53
N GLY A 1 11.59 -4.40 -16.97
CA GLY A 1 10.53 -3.38 -17.09
C GLY A 1 10.23 -2.59 -15.79
N SER A 2 9.25 -3.09 -15.05
CA SER A 2 8.84 -2.49 -13.76
C SER A 2 9.32 -3.33 -12.56
N MET A 3 10.58 -3.10 -12.23
CA MET A 3 11.29 -3.84 -11.15
C MET A 3 11.82 -2.83 -10.12
N GLU A 4 11.05 -2.70 -9.03
CA GLU A 4 11.21 -1.64 -8.01
C GLU A 4 11.11 -0.24 -8.64
N GLN A 5 11.51 0.80 -7.90
CA GLN A 5 11.57 2.19 -8.36
C GLN A 5 10.31 2.70 -9.11
N PHE A 6 9.14 2.41 -8.52
CA PHE A 6 7.79 2.78 -8.99
C PHE A 6 6.69 2.06 -8.19
N GLU A 7 6.24 2.70 -7.12
CA GLU A 7 5.12 2.17 -6.31
C GLU A 7 3.98 3.19 -6.13
N LEU A 8 2.93 2.95 -6.91
CA LEU A 8 1.76 3.83 -7.01
C LEU A 8 0.50 3.14 -6.47
N PHE A 9 0.05 3.60 -5.31
CA PHE A 9 -1.14 3.04 -4.63
C PHE A 9 -2.18 4.13 -4.35
N SER A 10 -3.46 3.74 -4.39
CA SER A 10 -4.59 4.68 -4.18
C SER A 10 -5.76 3.97 -3.48
N ILE A 11 -6.17 4.48 -2.32
CA ILE A 11 -7.35 3.95 -1.59
C ILE A 11 -8.66 4.22 -2.35
N ASP A 12 -9.60 3.30 -2.21
CA ASP A 12 -10.99 3.47 -2.71
C ASP A 12 -11.84 4.57 -2.03
N LYS A 13 -11.47 4.94 -0.80
CA LYS A 13 -12.22 5.87 0.07
C LYS A 13 -13.69 5.42 0.20
N PHE A 14 -13.79 4.27 0.87
CA PHE A 14 -15.08 3.59 1.10
C PHE A 14 -15.23 3.33 2.61
N LYS A 15 -15.11 2.07 3.00
CA LYS A 15 -15.22 1.61 4.41
C LYS A 15 -14.66 0.18 4.46
N CYS A 16 -13.57 0.00 5.19
CA CYS A 16 -13.03 -1.36 5.41
C CYS A 16 -13.09 -1.92 6.83
N ASN A 17 -12.62 -1.17 7.83
CA ASN A 17 -12.86 -1.42 9.27
C ASN A 17 -12.14 -0.34 10.12
N SER A 18 -10.92 -0.64 10.53
CA SER A 18 -10.03 0.29 11.26
C SER A 18 -9.14 0.99 10.22
N GLU A 19 -8.02 1.61 10.64
CA GLU A 19 -7.09 2.39 9.81
C GLU A 19 -7.72 3.54 8.99
N ALA A 20 -7.30 4.75 9.34
CA ALA A 20 -7.80 6.00 8.72
C ALA A 20 -6.86 7.19 9.01
N LYS A 21 -7.06 7.89 10.12
CA LYS A 21 -6.33 9.12 10.49
C LYS A 21 -4.79 8.92 10.54
N TYR A 22 -4.30 8.25 11.60
CA TYR A 22 -2.88 7.84 11.74
C TYR A 22 -2.31 7.20 10.47
N TYR A 23 -3.17 6.40 9.85
CA TYR A 23 -2.81 5.60 8.67
C TYR A 23 -2.44 6.50 7.49
N LEU A 24 -3.39 7.31 7.02
CA LEU A 24 -3.14 8.31 5.96
C LEU A 24 -2.08 9.34 6.35
N ASN A 25 -2.11 9.76 7.61
CA ASN A 25 -1.16 10.74 8.20
C ASN A 25 0.32 10.31 8.12
N ILE A 26 0.56 9.00 8.02
CA ILE A 26 1.92 8.49 7.75
C ILE A 26 2.13 7.68 6.44
N ILE A 27 1.08 7.12 5.85
CA ILE A 27 1.17 6.36 4.58
C ILE A 27 0.83 7.16 3.30
N GLU A 28 -0.05 8.16 3.43
CA GLU A 28 -0.44 9.06 2.32
C GLU A 28 0.72 10.01 2.01
N GLY A 29 1.52 9.53 1.05
CA GLY A 29 2.74 10.20 0.57
C GLY A 29 3.75 9.15 0.12
N GLU A 30 5.03 9.53 0.17
CA GLU A 30 6.12 8.71 -0.37
C GLU A 30 7.24 8.34 0.60
N TRP A 31 7.56 7.04 0.56
CA TRP A 31 8.62 6.41 1.34
C TRP A 31 10.02 6.62 0.78
N HIS A 32 10.67 7.69 1.27
CA HIS A 32 11.98 8.11 0.77
C HIS A 32 12.71 9.11 1.66
N PRO A 33 14.05 8.96 1.81
CA PRO A 33 14.91 9.88 2.57
C PRO A 33 14.88 11.33 2.06
N GLN A 34 15.74 11.66 1.09
CA GLN A 34 15.78 13.02 0.49
C GLN A 34 15.71 13.01 -1.05
N ASP A 35 14.77 12.21 -1.57
CA ASP A 35 14.62 11.95 -3.02
C ASP A 35 15.90 11.53 -3.76
N LEU A 36 16.33 10.31 -3.44
CA LEU A 36 17.56 9.70 -4.00
C LEU A 36 17.34 8.58 -5.04
N ASN A 37 16.07 8.27 -5.29
CA ASN A 37 15.63 7.41 -6.42
C ASN A 37 14.57 8.02 -7.36
N ASP A 38 13.91 9.09 -6.90
CA ASP A 38 12.82 9.80 -7.63
C ASP A 38 11.64 8.92 -8.09
N SER A 39 11.37 7.87 -7.31
CA SER A 39 10.42 6.78 -7.68
C SER A 39 10.02 5.85 -6.51
N PRO A 40 9.59 6.41 -5.36
CA PRO A 40 9.38 5.64 -4.11
C PRO A 40 8.02 4.89 -4.10
N LEU A 41 7.56 4.61 -2.89
CA LEU A 41 6.21 4.09 -2.61
C LEU A 41 5.32 5.25 -2.15
N LYS A 42 4.44 5.65 -3.07
CA LYS A 42 3.44 6.70 -2.81
C LYS A 42 1.99 6.26 -3.02
N PHE A 43 1.26 6.53 -1.95
CA PHE A 43 -0.19 6.22 -1.84
C PHE A 43 -1.04 7.47 -1.60
N ILE A 44 -2.13 7.51 -2.35
CA ILE A 44 -3.18 8.54 -2.25
C ILE A 44 -4.56 7.98 -1.82
N LEU A 45 -5.50 8.90 -1.65
CA LEU A 45 -6.85 8.62 -1.11
C LEU A 45 -7.90 9.11 -2.11
N SER A 46 -8.85 8.23 -2.43
CA SER A 46 -9.99 8.48 -3.35
C SER A 46 -9.57 8.71 -4.81
N THR A 47 -10.50 8.40 -5.70
CA THR A 47 -10.32 8.48 -7.18
C THR A 47 -11.71 8.45 -7.82
N SER A 48 -11.81 9.18 -8.93
CA SER A 48 -13.04 9.43 -9.72
C SER A 48 -14.03 8.26 -9.83
N ASP A 49 -13.55 7.12 -10.32
CA ASP A 49 -14.42 5.94 -10.55
C ASP A 49 -14.05 4.81 -9.56
N ASP A 50 -14.54 4.97 -8.34
CA ASP A 50 -14.41 4.00 -7.22
C ASP A 50 -12.96 3.57 -6.87
N SER A 51 -12.02 4.44 -7.24
CA SER A 51 -10.56 4.17 -7.26
C SER A 51 -10.14 2.93 -8.06
N ASP A 52 -8.83 2.87 -8.30
CA ASP A 52 -8.16 1.74 -9.00
C ASP A 52 -8.00 0.50 -8.09
N TYR A 53 -8.01 0.75 -6.77
CA TYR A 53 -7.81 -0.27 -5.73
C TYR A 53 -9.03 -0.38 -4.78
N ILE A 54 -9.41 -1.62 -4.56
CA ILE A 54 -10.57 -1.99 -3.71
C ILE A 54 -10.13 -2.80 -2.48
N CYS A 55 -10.25 -2.15 -1.32
CA CYS A 55 -9.96 -2.81 -0.03
C CYS A 55 -11.09 -3.77 0.32
N LYS A 56 -10.72 -5.01 0.61
CA LYS A 56 -11.67 -6.04 1.07
C LYS A 56 -11.89 -5.91 2.60
N TYR A 57 -10.77 -5.71 3.28
CA TYR A 57 -10.63 -5.78 4.74
C TYR A 57 -9.28 -5.19 5.16
N ILE A 58 -9.13 -5.00 6.46
CA ILE A 58 -7.88 -4.46 7.02
C ILE A 58 -7.33 -5.40 8.10
N ASN A 59 -6.04 -5.26 8.35
CA ASN A 59 -5.35 -6.06 9.36
C ASN A 59 -5.36 -5.27 10.68
N THR A 60 -6.22 -5.76 11.58
CA THR A 60 -6.45 -5.20 12.93
C THR A 60 -5.27 -5.29 13.91
N GLU A 61 -4.08 -5.51 13.36
CA GLU A 61 -2.83 -5.67 14.12
C GLU A 61 -2.47 -4.44 14.98
N HIS A 62 -2.35 -3.28 14.33
CA HIS A 62 -2.14 -1.96 14.99
C HIS A 62 -2.27 -0.76 13.98
N LYS A 63 -3.07 -0.95 12.93
CA LYS A 63 -3.26 -0.09 11.73
C LYS A 63 -2.55 -0.62 10.46
N GLN A 64 -3.29 -1.45 9.72
CA GLN A 64 -2.84 -2.02 8.44
C GLN A 64 -4.06 -2.29 7.53
N LEU A 65 -3.88 -2.11 6.23
CA LEU A 65 -4.95 -2.34 5.24
C LEU A 65 -4.64 -3.45 4.21
N THR A 66 -5.70 -4.01 3.63
CA THR A 66 -5.56 -5.02 2.55
C THR A 66 -6.53 -4.74 1.38
N LEU A 67 -5.92 -4.39 0.26
CA LEU A 67 -6.66 -4.02 -0.98
C LEU A 67 -6.16 -4.73 -2.24
N TYR A 68 -7.10 -5.07 -3.11
CA TYR A 68 -6.82 -5.73 -4.40
C TYR A 68 -7.10 -4.84 -5.61
N ASN A 69 -6.12 -4.89 -6.51
CA ASN A 69 -6.12 -4.11 -7.75
C ASN A 69 -7.07 -4.69 -8.81
N LYS A 70 -8.14 -3.92 -9.02
CA LYS A 70 -9.22 -4.29 -9.96
C LYS A 70 -8.97 -3.82 -11.40
N ASN A 71 -7.77 -3.30 -11.67
CA ASN A 71 -7.36 -2.86 -13.02
C ASN A 71 -6.05 -3.53 -13.50
N ASN A 72 -5.64 -4.59 -12.82
CA ASN A 72 -4.40 -5.34 -13.12
C ASN A 72 -4.74 -6.81 -13.45
N SER A 73 -4.74 -7.66 -12.41
CA SER A 73 -5.13 -9.07 -12.46
C SER A 73 -5.17 -9.59 -11.01
N SER A 74 -6.17 -9.08 -10.30
CA SER A 74 -6.52 -9.46 -8.91
C SER A 74 -5.37 -9.46 -7.88
N ILE A 75 -4.75 -8.29 -7.73
CA ILE A 75 -3.54 -8.12 -6.87
C ILE A 75 -3.90 -7.53 -5.50
N VAL A 76 -3.89 -8.42 -4.51
CA VAL A 76 -4.33 -8.15 -3.12
C VAL A 76 -3.08 -7.90 -2.25
N ILE A 77 -2.86 -6.65 -1.88
CA ILE A 77 -1.68 -6.29 -1.06
C ILE A 77 -2.02 -5.87 0.37
N GLU A 78 -1.26 -6.44 1.31
CA GLU A 78 -1.33 -6.05 2.75
C GLU A 78 -0.05 -5.48 3.33
N ILE A 79 -0.18 -4.19 3.61
CA ILE A 79 0.88 -3.24 3.98
C ILE A 79 0.51 -2.53 5.28
N PHE A 80 1.48 -2.30 6.17
CA PHE A 80 1.28 -1.54 7.43
C PHE A 80 2.20 -0.30 7.45
N ILE A 81 1.65 0.83 7.91
CA ILE A 81 2.44 2.05 8.18
C ILE A 81 2.54 2.29 9.71
N PRO A 82 3.73 2.06 10.30
CA PRO A 82 3.97 2.42 11.70
C PRO A 82 4.43 3.88 11.77
N ASN A 83 5.76 4.06 11.77
CA ASN A 83 6.54 5.31 11.96
C ASN A 83 8.00 4.87 12.16
N ASP A 84 8.82 5.67 12.84
CA ASP A 84 10.25 5.38 13.12
C ASP A 84 11.07 4.75 11.99
N ASN A 85 10.79 5.21 10.76
CA ASN A 85 11.26 4.59 9.50
C ASN A 85 11.20 3.05 9.49
N LYS A 86 9.99 2.55 9.26
CA LYS A 86 9.70 1.11 9.07
C LYS A 86 8.31 0.95 8.42
N ILE A 87 8.20 -0.06 7.56
CA ILE A 87 6.96 -0.48 6.85
C ILE A 87 7.18 -1.83 6.15
N LEU A 88 6.12 -2.63 6.18
CA LEU A 88 6.06 -3.94 5.51
C LEU A 88 4.83 -4.08 4.59
N LEU A 89 5.11 -4.44 3.35
CA LEU A 89 4.10 -4.67 2.28
C LEU A 89 4.22 -6.09 1.73
N THR A 90 3.06 -6.75 1.58
CA THR A 90 2.96 -8.08 0.97
C THR A 90 2.12 -8.03 -0.32
N ILE A 91 2.39 -8.97 -1.23
CA ILE A 91 1.66 -9.10 -2.51
C ILE A 91 0.96 -10.47 -2.55
N MET A 92 -0.31 -10.43 -2.92
CA MET A 92 -1.13 -11.62 -3.25
C MET A 92 -1.83 -11.43 -4.60
N ASN A 93 -2.37 -12.52 -5.12
CA ASN A 93 -3.09 -12.56 -6.40
C ASN A 93 -4.13 -13.69 -6.38
N THR A 94 -5.38 -13.33 -6.66
CA THR A 94 -6.51 -14.29 -6.72
C THR A 94 -6.30 -15.40 -7.78
N GLU A 95 -5.44 -15.14 -8.78
CA GLU A 95 -5.10 -16.12 -9.82
C GLU A 95 -3.73 -16.80 -9.59
N ALA A 96 -3.29 -16.82 -8.33
CA ALA A 96 -1.98 -17.39 -7.92
C ALA A 96 -2.11 -18.43 -6.78
N LEU A 97 -0.97 -18.96 -6.33
CA LEU A 97 -0.89 -20.02 -5.32
C LEU A 97 -0.08 -19.64 -4.06
N GLY A 98 -0.44 -18.47 -3.49
CA GLY A 98 0.25 -17.89 -2.31
C GLY A 98 1.74 -17.59 -2.54
N THR A 99 1.98 -16.41 -3.09
CA THR A 99 3.34 -15.92 -3.43
C THR A 99 3.50 -14.44 -3.03
N SER A 100 4.22 -14.27 -1.92
CA SER A 100 4.46 -12.94 -1.32
C SER A 100 5.93 -12.75 -0.93
N PRO A 101 6.69 -11.93 -1.69
CA PRO A 101 8.10 -11.62 -1.37
C PRO A 101 8.29 -10.86 -0.04
N ARG A 102 7.29 -10.06 0.35
CA ARG A 102 7.22 -9.29 1.61
C ARG A 102 8.37 -8.29 1.76
N MET A 103 8.03 -7.04 1.45
CA MET A 103 9.02 -5.96 1.31
C MET A 103 8.95 -4.93 2.45
N THR A 104 10.09 -4.81 3.10
CA THR A 104 10.33 -3.93 4.25
C THR A 104 11.18 -2.69 3.88
N PHE A 105 10.45 -1.60 3.69
CA PHE A 105 11.03 -0.28 3.34
C PHE A 105 11.05 0.59 4.62
N ILE A 106 11.93 1.59 4.64
CA ILE A 106 11.98 2.55 5.79
C ILE A 106 11.88 4.03 5.35
N LYS A 107 11.15 4.82 6.14
CA LYS A 107 10.90 6.26 5.88
C LYS A 107 12.12 7.11 6.28
N HIS A 108 13.13 6.94 5.42
CA HIS A 108 14.46 7.60 5.41
C HIS A 108 15.58 6.57 5.66
N LYS A 109 16.30 6.29 4.57
CA LYS A 109 17.45 5.36 4.58
C LYS A 109 18.75 5.94 4.02
N GLY A 1 7.74 -7.36 -14.18
CA GLY A 1 7.42 -5.98 -14.64
C GLY A 1 8.18 -4.83 -13.94
N SER A 2 9.43 -5.11 -13.56
CA SER A 2 10.33 -4.25 -12.77
C SER A 2 9.77 -3.92 -11.36
N MET A 3 10.45 -4.44 -10.35
CA MET A 3 10.08 -4.21 -8.93
C MET A 3 10.88 -3.04 -8.33
N GLU A 4 10.24 -2.37 -7.38
CA GLU A 4 10.69 -1.08 -6.80
C GLU A 4 10.74 0.00 -7.91
N GLN A 5 11.36 1.15 -7.63
CA GLN A 5 11.57 2.25 -8.60
C GLN A 5 10.22 2.71 -9.20
N PHE A 6 9.55 3.59 -8.45
CA PHE A 6 8.16 4.08 -8.65
C PHE A 6 7.06 3.15 -8.12
N GLU A 7 6.60 3.50 -6.93
CA GLU A 7 5.46 2.84 -6.30
C GLU A 7 4.25 3.77 -6.14
N LEU A 8 3.39 3.72 -7.14
CA LEU A 8 2.16 4.52 -7.24
C LEU A 8 0.92 3.75 -6.77
N PHE A 9 0.37 4.19 -5.64
CA PHE A 9 -0.83 3.58 -5.04
C PHE A 9 -1.97 4.59 -4.80
N SER A 10 -3.20 4.12 -5.01
CA SER A 10 -4.43 4.92 -4.78
C SER A 10 -5.55 4.11 -4.08
N ILE A 11 -6.14 4.71 -3.05
CA ILE A 11 -7.28 4.09 -2.33
C ILE A 11 -8.67 4.41 -2.95
N ASP A 12 -9.52 3.42 -2.77
CA ASP A 12 -10.97 3.38 -3.09
C ASP A 12 -11.97 4.27 -2.31
N LYS A 13 -11.46 5.24 -1.55
CA LYS A 13 -12.29 6.17 -0.72
C LYS A 13 -13.43 5.53 0.13
N PHE A 14 -13.19 4.32 0.63
CA PHE A 14 -14.18 3.59 1.46
C PHE A 14 -14.00 3.79 2.98
N LYS A 15 -13.44 2.77 3.65
CA LYS A 15 -13.35 2.66 5.13
C LYS A 15 -12.56 1.41 5.56
N CYS A 16 -13.21 0.25 5.48
CA CYS A 16 -12.73 -1.06 5.99
C CYS A 16 -12.40 -1.09 7.50
N ASN A 17 -13.30 -0.46 8.24
CA ASN A 17 -13.33 -0.29 9.72
C ASN A 17 -12.13 0.49 10.28
N SER A 18 -11.15 -0.21 10.84
CA SER A 18 -9.85 0.39 11.26
C SER A 18 -9.04 0.70 10.00
N GLU A 19 -7.93 1.42 10.18
CA GLU A 19 -7.19 2.17 9.14
C GLU A 19 -7.98 3.40 8.65
N ALA A 20 -7.28 4.52 8.73
CA ALA A 20 -7.71 5.88 8.33
C ALA A 20 -6.64 6.89 8.79
N LYS A 21 -6.75 7.34 10.04
CA LYS A 21 -5.84 8.30 10.71
C LYS A 21 -4.32 7.99 10.57
N TYR A 22 -3.81 7.08 11.39
CA TYR A 22 -2.41 6.58 11.30
C TYR A 22 -2.02 6.06 9.90
N TYR A 23 -2.98 5.48 9.20
CA TYR A 23 -2.81 4.97 7.82
C TYR A 23 -2.36 6.13 6.90
N LEU A 24 -3.23 7.12 6.73
CA LEU A 24 -2.93 8.31 5.92
C LEU A 24 -1.77 9.18 6.46
N ASN A 25 -1.71 9.34 7.77
CA ASN A 25 -0.63 10.11 8.44
C ASN A 25 0.80 9.55 8.22
N ILE A 26 0.89 8.26 7.92
CA ILE A 26 2.19 7.63 7.61
C ILE A 26 2.33 7.16 6.12
N ILE A 27 1.23 6.88 5.41
CA ILE A 27 1.28 6.49 3.97
C ILE A 27 0.91 7.56 2.92
N GLU A 28 0.01 8.48 3.27
CA GLU A 28 -0.56 9.45 2.29
C GLU A 28 0.49 10.50 1.92
N GLY A 29 1.14 10.19 0.81
CA GLY A 29 2.33 10.91 0.31
C GLY A 29 3.41 9.89 -0.10
N GLU A 30 4.66 10.32 0.04
CA GLU A 30 5.83 9.55 -0.47
C GLU A 30 6.80 9.19 0.67
N TRP A 31 7.16 7.92 0.70
CA TRP A 31 8.30 7.41 1.49
C TRP A 31 9.61 7.82 0.82
N HIS A 32 10.54 8.30 1.64
CA HIS A 32 11.89 8.78 1.25
C HIS A 32 11.82 10.15 0.52
N PRO A 33 12.74 11.08 0.79
CA PRO A 33 12.80 12.40 0.12
C PRO A 33 13.13 12.23 -1.38
N GLN A 34 13.01 13.33 -2.14
CA GLN A 34 13.27 13.38 -3.60
C GLN A 34 14.68 12.97 -4.10
N ASP A 35 15.53 12.54 -3.16
CA ASP A 35 16.95 12.23 -3.45
C ASP A 35 17.16 10.70 -3.39
N LEU A 36 16.63 10.07 -4.43
CA LEU A 36 16.62 8.59 -4.62
C LEU A 36 16.19 8.19 -6.05
N ASN A 37 16.86 8.79 -7.04
CA ASN A 37 16.54 8.69 -8.49
C ASN A 37 15.16 9.27 -8.89
N ASP A 38 14.39 9.70 -7.88
CA ASP A 38 13.04 10.29 -7.96
C ASP A 38 12.00 9.27 -8.47
N SER A 39 11.81 8.26 -7.63
CA SER A 39 10.86 7.15 -7.86
C SER A 39 10.45 6.43 -6.54
N PRO A 40 9.87 7.18 -5.57
CA PRO A 40 9.62 6.69 -4.21
C PRO A 40 8.35 5.80 -4.13
N LEU A 41 7.81 5.67 -2.92
CA LEU A 41 6.52 5.00 -2.66
C LEU A 41 5.48 6.08 -2.28
N LYS A 42 4.64 6.41 -3.24
CA LYS A 42 3.56 7.40 -3.02
C LYS A 42 2.15 6.81 -3.15
N PHE A 43 1.37 7.11 -2.13
CA PHE A 43 -0.05 6.73 -2.06
C PHE A 43 -0.98 7.95 -1.90
N ILE A 44 -2.02 7.88 -2.71
CA ILE A 44 -3.10 8.89 -2.81
C ILE A 44 -4.40 8.28 -2.24
N LEU A 45 -5.29 9.19 -1.85
CA LEU A 45 -6.57 8.86 -1.20
C LEU A 45 -7.71 9.47 -2.03
N SER A 46 -8.58 8.59 -2.54
CA SER A 46 -9.82 8.89 -3.31
C SER A 46 -9.54 9.18 -4.80
N THR A 47 -10.56 9.70 -5.49
CA THR A 47 -10.45 10.28 -6.86
C THR A 47 -10.07 9.20 -7.90
N SER A 48 -9.22 9.55 -8.88
CA SER A 48 -8.83 8.68 -10.02
C SER A 48 -10.02 7.97 -10.72
N ASP A 49 -11.07 8.75 -10.95
CA ASP A 49 -12.39 8.31 -11.48
C ASP A 49 -13.10 7.34 -10.51
N ASP A 50 -12.63 6.10 -10.44
CA ASP A 50 -13.17 5.08 -9.53
C ASP A 50 -12.07 4.32 -8.75
N SER A 51 -10.96 5.02 -8.49
CA SER A 51 -9.71 4.48 -7.90
C SER A 51 -9.15 3.22 -8.62
N ASP A 52 -8.20 2.53 -7.98
CA ASP A 52 -7.65 1.26 -8.50
C ASP A 52 -7.66 0.08 -7.50
N TYR A 53 -7.30 0.36 -6.24
CA TYR A 53 -7.39 -0.63 -5.14
C TYR A 53 -8.78 -0.61 -4.49
N ILE A 54 -9.30 -1.79 -4.17
CA ILE A 54 -10.54 -1.95 -3.38
C ILE A 54 -10.26 -2.63 -2.02
N CYS A 55 -10.42 -1.83 -0.97
CA CYS A 55 -10.27 -2.29 0.43
C CYS A 55 -11.29 -3.40 0.73
N LYS A 56 -10.74 -4.50 1.19
CA LYS A 56 -11.55 -5.69 1.56
C LYS A 56 -11.87 -5.72 3.06
N TYR A 57 -10.84 -5.52 3.89
CA TYR A 57 -10.93 -5.56 5.37
C TYR A 57 -9.61 -5.17 6.06
N ILE A 58 -9.74 -4.59 7.25
CA ILE A 58 -8.61 -4.37 8.17
C ILE A 58 -8.17 -5.68 8.85
N ASN A 59 -6.87 -5.78 9.10
CA ASN A 59 -6.26 -6.88 9.86
C ASN A 59 -5.78 -6.33 11.22
N THR A 60 -6.67 -6.46 12.18
CA THR A 60 -6.46 -6.08 13.61
C THR A 60 -5.49 -7.00 14.37
N GLU A 61 -4.36 -7.23 13.72
CA GLU A 61 -3.24 -8.04 14.22
C GLU A 61 -1.97 -7.16 14.30
N HIS A 62 -1.59 -6.62 13.15
CA HIS A 62 -0.47 -5.66 13.02
C HIS A 62 -0.91 -4.33 12.38
N LYS A 63 -2.03 -3.79 12.88
CA LYS A 63 -2.71 -2.56 12.40
C LYS A 63 -2.65 -2.27 10.87
N GLN A 64 -2.88 -3.32 10.09
CA GLN A 64 -2.64 -3.32 8.62
C GLN A 64 -3.89 -3.61 7.79
N LEU A 65 -3.90 -3.17 6.55
CA LEU A 65 -5.07 -3.36 5.66
C LEU A 65 -4.80 -4.39 4.54
N THR A 66 -5.86 -5.14 4.23
CA THR A 66 -5.93 -6.03 3.06
C THR A 66 -6.90 -5.47 2.01
N LEU A 67 -6.34 -5.21 0.84
CA LEU A 67 -7.05 -4.71 -0.36
C LEU A 67 -6.66 -5.42 -1.66
N TYR A 68 -7.61 -5.49 -2.58
CA TYR A 68 -7.43 -6.13 -3.91
C TYR A 68 -7.45 -5.07 -5.03
N ASN A 69 -6.44 -5.16 -5.89
CA ASN A 69 -6.27 -4.25 -7.03
C ASN A 69 -7.00 -4.74 -8.29
N LYS A 70 -7.93 -3.91 -8.71
CA LYS A 70 -8.86 -4.20 -9.83
C LYS A 70 -8.30 -3.93 -11.24
N ASN A 71 -7.05 -3.47 -11.33
CA ASN A 71 -6.34 -3.22 -12.61
C ASN A 71 -5.92 -4.49 -13.39
N ASN A 72 -5.85 -5.62 -12.69
CA ASN A 72 -5.32 -6.89 -13.25
C ASN A 72 -6.37 -8.00 -13.32
N SER A 73 -6.71 -8.53 -12.15
CA SER A 73 -7.59 -9.70 -11.97
C SER A 73 -7.95 -9.88 -10.49
N SER A 74 -6.95 -10.26 -9.68
CA SER A 74 -7.17 -10.50 -8.23
C SER A 74 -5.93 -10.33 -7.32
N ILE A 75 -5.36 -9.13 -7.35
CA ILE A 75 -4.13 -8.84 -6.58
C ILE A 75 -4.43 -8.29 -5.17
N VAL A 76 -4.26 -9.15 -4.18
CA VAL A 76 -4.53 -8.86 -2.75
C VAL A 76 -3.22 -8.44 -2.07
N ILE A 77 -3.19 -7.18 -1.67
CA ILE A 77 -2.02 -6.55 -1.01
C ILE A 77 -2.40 -6.22 0.45
N GLU A 78 -1.47 -6.57 1.34
CA GLU A 78 -1.65 -6.46 2.80
C GLU A 78 -0.50 -5.62 3.38
N ILE A 79 -0.76 -4.34 3.66
CA ILE A 79 0.33 -3.46 4.12
C ILE A 79 0.10 -2.82 5.50
N PHE A 80 1.19 -2.76 6.25
CA PHE A 80 1.23 -2.10 7.58
C PHE A 80 2.00 -0.78 7.52
N ILE A 81 1.34 0.19 8.13
CA ILE A 81 1.77 1.58 8.22
C ILE A 81 1.68 2.06 9.71
N PRO A 82 2.78 1.90 10.47
CA PRO A 82 2.81 2.25 11.90
C PRO A 82 3.12 3.75 12.09
N ASN A 83 4.40 4.05 12.27
CA ASN A 83 5.06 5.38 12.42
C ASN A 83 6.54 5.07 12.72
N ASP A 84 7.28 5.95 13.42
CA ASP A 84 8.71 5.79 13.77
C ASP A 84 9.59 5.10 12.71
N ASN A 85 9.36 5.50 11.46
CA ASN A 85 10.04 5.02 10.24
C ASN A 85 9.91 3.49 10.04
N LYS A 86 8.81 3.07 9.42
CA LYS A 86 8.54 1.66 9.04
C LYS A 86 7.24 1.48 8.22
N ILE A 87 7.33 0.61 7.21
CA ILE A 87 6.23 0.14 6.33
C ILE A 87 6.60 -1.24 5.74
N LEU A 88 5.60 -2.12 5.73
CA LEU A 88 5.71 -3.46 5.13
C LEU A 88 4.63 -3.68 4.05
N LEU A 89 5.09 -4.11 2.87
CA LEU A 89 4.24 -4.33 1.69
C LEU A 89 4.25 -5.80 1.23
N THR A 90 3.07 -6.42 1.18
CA THR A 90 2.89 -7.84 0.74
C THR A 90 2.03 -7.93 -0.54
N ILE A 91 2.27 -8.97 -1.35
CA ILE A 91 1.52 -9.23 -2.61
C ILE A 91 1.03 -10.71 -2.66
N MET A 92 -0.27 -10.85 -2.85
CA MET A 92 -1.00 -12.12 -3.09
C MET A 92 -2.02 -12.03 -4.24
N ASN A 93 -2.58 -13.17 -4.63
CA ASN A 93 -3.66 -13.23 -5.64
C ASN A 93 -4.80 -14.20 -5.26
N THR A 94 -6.01 -13.66 -5.20
CA THR A 94 -7.26 -14.42 -4.96
C THR A 94 -7.65 -15.43 -6.05
N GLU A 95 -7.00 -15.34 -7.21
CA GLU A 95 -7.10 -16.37 -8.28
C GLU A 95 -5.75 -16.93 -8.77
N ALA A 96 -4.74 -16.94 -7.90
CA ALA A 96 -3.36 -17.39 -8.21
C ALA A 96 -2.51 -17.50 -6.92
N LEU A 97 -1.18 -17.45 -7.03
CA LEU A 97 -0.26 -17.61 -5.88
C LEU A 97 1.06 -16.85 -6.17
N GLY A 98 1.70 -16.37 -5.10
CA GLY A 98 2.95 -15.58 -5.21
C GLY A 98 3.68 -15.39 -3.86
N THR A 99 4.84 -16.04 -3.78
CA THR A 99 5.75 -15.97 -2.61
C THR A 99 7.18 -15.58 -3.03
N SER A 100 7.46 -14.29 -2.92
CA SER A 100 8.71 -13.64 -3.40
C SER A 100 8.91 -12.16 -3.00
N PRO A 101 7.91 -11.26 -3.10
CA PRO A 101 8.06 -9.85 -2.66
C PRO A 101 8.06 -9.74 -1.12
N ARG A 102 7.21 -8.88 -0.55
CA ARG A 102 7.07 -8.61 0.89
C ARG A 102 8.33 -7.89 1.44
N MET A 103 8.25 -6.57 1.33
CA MET A 103 9.39 -5.69 1.63
C MET A 103 9.06 -4.73 2.79
N THR A 104 10.04 -4.65 3.68
CA THR A 104 9.99 -3.81 4.90
C THR A 104 11.04 -2.70 4.85
N PHE A 105 10.52 -1.52 4.54
CA PHE A 105 11.31 -0.28 4.36
C PHE A 105 10.94 0.71 5.47
N ILE A 106 11.92 1.52 5.86
CA ILE A 106 11.71 2.54 6.91
C ILE A 106 11.73 3.96 6.33
N LYS A 107 10.97 4.86 6.96
CA LYS A 107 10.81 6.27 6.54
C LYS A 107 12.12 7.05 6.75
N HIS A 108 13.03 6.79 5.82
CA HIS A 108 14.40 7.31 5.64
C HIS A 108 15.38 6.16 5.91
N LYS A 109 16.27 5.94 4.95
CA LYS A 109 17.23 4.81 4.99
C LYS A 109 18.27 4.94 6.14
N GLY A 1 10.06 -5.23 -13.35
CA GLY A 1 9.58 -4.46 -12.18
C GLY A 1 10.07 -5.00 -10.82
N SER A 2 11.33 -4.68 -10.54
CA SER A 2 12.11 -5.12 -9.36
C SER A 2 11.71 -4.45 -8.04
N MET A 3 10.46 -3.99 -7.95
CA MET A 3 9.95 -3.09 -6.89
C MET A 3 10.73 -1.75 -6.83
N GLU A 4 10.14 -0.77 -6.16
CA GLU A 4 10.70 0.60 -5.97
C GLU A 4 11.02 1.32 -7.30
N GLN A 5 10.03 1.28 -8.21
CA GLN A 5 10.12 1.89 -9.54
C GLN A 5 8.73 2.27 -10.09
N PHE A 6 8.27 3.41 -9.60
CA PHE A 6 6.97 4.06 -9.91
C PHE A 6 5.76 3.24 -9.44
N GLU A 7 5.50 3.37 -8.15
CA GLU A 7 4.33 2.71 -7.53
C GLU A 7 3.22 3.71 -7.20
N LEU A 8 2.29 3.79 -8.15
CA LEU A 8 1.11 4.67 -8.05
C LEU A 8 -0.13 3.87 -7.61
N PHE A 9 -0.49 4.12 -6.36
CA PHE A 9 -1.65 3.46 -5.73
C PHE A 9 -2.67 4.49 -5.23
N SER A 10 -3.96 4.15 -5.34
CA SER A 10 -5.04 5.01 -4.84
C SER A 10 -6.25 4.20 -4.34
N ILE A 11 -6.63 4.48 -3.09
CA ILE A 11 -7.78 3.80 -2.43
C ILE A 11 -9.15 4.23 -2.99
N ASP A 12 -10.15 3.42 -2.68
CA ASP A 12 -11.56 3.69 -3.03
C ASP A 12 -12.38 4.60 -2.08
N LYS A 13 -11.70 5.25 -1.12
CA LYS A 13 -12.33 6.03 -0.02
C LYS A 13 -13.44 5.28 0.75
N PHE A 14 -13.10 4.07 1.18
CA PHE A 14 -14.04 3.22 1.92
C PHE A 14 -13.95 3.35 3.46
N LYS A 15 -12.91 4.05 3.94
CA LYS A 15 -12.51 4.18 5.35
C LYS A 15 -12.04 2.84 5.96
N CYS A 16 -12.99 1.91 6.03
CA CYS A 16 -12.83 0.53 6.57
C CYS A 16 -12.47 0.54 8.08
N ASN A 17 -13.15 1.39 8.85
CA ASN A 17 -12.99 1.56 10.31
C ASN A 17 -11.54 1.89 10.75
N SER A 18 -10.74 0.87 11.09
CA SER A 18 -9.27 1.02 11.25
C SER A 18 -8.68 1.33 9.86
N GLU A 19 -7.45 1.86 9.82
CA GLU A 19 -6.85 2.49 8.61
C GLU A 19 -7.50 3.86 8.32
N ALA A 20 -6.78 4.90 8.75
CA ALA A 20 -7.15 6.32 8.55
C ALA A 20 -6.00 7.26 8.98
N LYS A 21 -5.96 7.65 10.26
CA LYS A 21 -5.01 8.62 10.84
C LYS A 21 -3.53 8.28 10.55
N TYR A 22 -2.99 7.34 11.33
CA TYR A 22 -1.64 6.75 11.15
C TYR A 22 -1.37 6.19 9.75
N TYR A 23 -2.43 5.73 9.09
CA TYR A 23 -2.36 5.22 7.70
C TYR A 23 -1.95 6.36 6.76
N LEU A 24 -2.81 7.37 6.64
CA LEU A 24 -2.55 8.54 5.76
C LEU A 24 -1.24 9.25 6.13
N ASN A 25 -1.03 9.45 7.45
CA ASN A 25 0.17 10.13 7.97
C ASN A 25 1.51 9.42 7.69
N ILE A 26 1.47 8.09 7.53
CA ILE A 26 2.66 7.27 7.20
C ILE A 26 2.47 6.47 5.88
N ILE A 27 1.57 6.88 4.98
CA ILE A 27 1.41 6.23 3.65
C ILE A 27 0.83 7.10 2.51
N GLU A 28 0.02 8.10 2.86
CA GLU A 28 -0.58 9.03 1.87
C GLU A 28 0.54 9.93 1.30
N GLY A 29 1.08 9.40 0.22
CA GLY A 29 2.23 9.97 -0.50
C GLY A 29 3.28 8.88 -0.72
N GLU A 30 4.54 9.31 -0.76
CA GLU A 30 5.66 8.43 -1.15
C GLU A 30 6.77 8.24 -0.12
N TRP A 31 7.21 6.98 -0.05
CA TRP A 31 8.35 6.55 0.77
C TRP A 31 9.68 6.68 0.02
N HIS A 32 10.51 7.57 0.55
CA HIS A 32 11.85 7.89 0.01
C HIS A 32 12.87 8.25 1.10
N PRO A 33 14.18 8.04 0.85
CA PRO A 33 15.25 8.56 1.73
C PRO A 33 15.30 10.09 1.64
N GLN A 34 16.40 10.68 1.17
CA GLN A 34 16.53 12.14 0.96
C GLN A 34 17.29 12.57 -0.31
N ASP A 35 17.49 11.62 -1.21
CA ASP A 35 18.23 11.76 -2.48
C ASP A 35 18.20 10.41 -3.22
N LEU A 36 18.28 10.48 -4.56
CA LEU A 36 18.19 9.31 -5.46
C LEU A 36 16.99 8.37 -5.20
N ASN A 37 15.82 8.85 -5.62
CA ASN A 37 14.54 8.10 -5.53
C ASN A 37 13.44 8.80 -6.35
N ASP A 38 13.54 8.64 -7.67
CA ASP A 38 12.62 9.29 -8.62
C ASP A 38 11.52 8.35 -9.14
N SER A 39 11.15 7.43 -8.26
CA SER A 39 10.22 6.31 -8.53
C SER A 39 9.76 5.52 -7.26
N PRO A 40 9.38 6.20 -6.15
CA PRO A 40 9.07 5.55 -4.86
C PRO A 40 7.72 4.80 -4.90
N LEU A 41 7.14 4.55 -3.73
CA LEU A 41 5.75 4.07 -3.61
C LEU A 41 4.86 5.17 -3.04
N LYS A 42 3.99 5.67 -3.91
CA LYS A 42 3.03 6.74 -3.57
C LYS A 42 1.58 6.29 -3.70
N PHE A 43 0.88 6.44 -2.58
CA PHE A 43 -0.54 6.11 -2.49
C PHE A 43 -1.39 7.31 -2.05
N ILE A 44 -2.49 7.48 -2.77
CA ILE A 44 -3.48 8.55 -2.57
C ILE A 44 -4.79 7.92 -2.03
N LEU A 45 -5.79 8.78 -1.83
CA LEU A 45 -7.10 8.40 -1.27
C LEU A 45 -8.25 8.99 -2.11
N SER A 46 -9.02 8.05 -2.65
CA SER A 46 -10.16 8.29 -3.58
C SER A 46 -9.70 8.77 -4.97
N THR A 47 -10.67 8.69 -5.86
CA THR A 47 -10.56 9.17 -7.27
C THR A 47 -11.87 9.86 -7.67
N SER A 48 -12.76 9.09 -8.30
CA SER A 48 -14.06 9.57 -8.82
C SER A 48 -14.89 8.42 -9.44
N ASP A 49 -15.46 7.59 -8.55
CA ASP A 49 -16.24 6.37 -8.88
C ASP A 49 -15.50 5.29 -9.71
N ASP A 50 -14.26 5.56 -10.09
CA ASP A 50 -13.38 4.65 -10.85
C ASP A 50 -12.05 4.42 -10.09
N SER A 51 -12.20 3.91 -8.88
CA SER A 51 -11.09 3.64 -7.95
C SER A 51 -10.29 2.36 -8.27
N ASP A 52 -8.98 2.47 -8.05
CA ASP A 52 -8.00 1.41 -8.40
C ASP A 52 -7.91 0.30 -7.34
N TYR A 53 -7.71 0.69 -6.08
CA TYR A 53 -7.66 -0.24 -4.94
C TYR A 53 -9.01 -0.35 -4.21
N ILE A 54 -9.38 -1.60 -3.99
CA ILE A 54 -10.61 -1.98 -3.29
C ILE A 54 -10.23 -2.55 -1.92
N CYS A 55 -10.50 -1.72 -0.91
CA CYS A 55 -10.32 -2.06 0.52
C CYS A 55 -11.25 -3.21 0.94
N LYS A 56 -10.64 -4.38 1.03
CA LYS A 56 -11.33 -5.62 1.43
C LYS A 56 -11.65 -5.58 2.94
N TYR A 57 -10.59 -5.66 3.76
CA TYR A 57 -10.70 -5.62 5.22
C TYR A 57 -9.34 -5.37 5.88
N ILE A 58 -9.37 -4.43 6.82
CA ILE A 58 -8.26 -4.14 7.75
C ILE A 58 -8.17 -5.24 8.84
N ASN A 59 -6.94 -5.55 9.15
CA ASN A 59 -6.54 -6.45 10.25
C ASN A 59 -5.92 -5.65 11.39
N THR A 60 -6.73 -5.51 12.44
CA THR A 60 -6.34 -4.85 13.71
C THR A 60 -5.29 -5.63 14.54
N GLU A 61 -4.68 -6.65 13.92
CA GLU A 61 -3.62 -7.49 14.48
C GLU A 61 -2.27 -6.75 14.65
N HIS A 62 -1.78 -6.24 13.53
CA HIS A 62 -0.60 -5.37 13.42
C HIS A 62 -0.93 -4.11 12.61
N LYS A 63 -2.12 -3.58 12.90
CA LYS A 63 -2.65 -2.31 12.35
C LYS A 63 -2.50 -2.15 10.83
N GLN A 64 -2.81 -3.24 10.12
CA GLN A 64 -2.51 -3.42 8.69
C GLN A 64 -3.74 -3.83 7.88
N LEU A 65 -3.72 -3.50 6.59
CA LEU A 65 -4.89 -3.67 5.71
C LEU A 65 -4.61 -4.55 4.48
N THR A 66 -5.66 -5.27 4.10
CA THR A 66 -5.63 -6.21 2.96
C THR A 66 -6.61 -5.71 1.89
N LEU A 67 -6.03 -5.24 0.80
CA LEU A 67 -6.76 -4.58 -0.33
C LEU A 67 -6.38 -5.26 -1.66
N TYR A 68 -7.30 -5.30 -2.61
CA TYR A 68 -7.01 -5.79 -3.97
C TYR A 68 -7.28 -4.76 -5.06
N ASN A 69 -6.34 -4.69 -6.00
CA ASN A 69 -6.41 -3.77 -7.14
C ASN A 69 -7.24 -4.37 -8.28
N LYS A 70 -8.19 -3.55 -8.72
CA LYS A 70 -9.17 -3.93 -9.77
C LYS A 70 -8.82 -3.34 -11.17
N ASN A 71 -7.54 -2.99 -11.33
CA ASN A 71 -6.96 -2.55 -12.62
C ASN A 71 -5.98 -3.55 -13.26
N ASN A 72 -5.30 -4.33 -12.43
CA ASN A 72 -4.38 -5.39 -12.90
C ASN A 72 -5.12 -6.71 -13.22
N SER A 73 -5.18 -7.61 -12.24
CA SER A 73 -5.80 -8.95 -12.35
C SER A 73 -5.89 -9.60 -10.95
N SER A 74 -6.81 -9.06 -10.14
CA SER A 74 -7.05 -9.51 -8.75
C SER A 74 -5.79 -9.58 -7.85
N ILE A 75 -5.15 -8.43 -7.71
CA ILE A 75 -3.86 -8.34 -6.98
C ILE A 75 -4.04 -7.74 -5.57
N VAL A 76 -3.95 -8.66 -4.61
CA VAL A 76 -4.26 -8.40 -3.18
C VAL A 76 -2.96 -8.09 -2.44
N ILE A 77 -2.94 -6.93 -1.80
CA ILE A 77 -1.79 -6.41 -1.04
C ILE A 77 -2.14 -6.18 0.43
N GLU A 78 -1.30 -6.69 1.32
CA GLU A 78 -1.45 -6.51 2.78
C GLU A 78 -0.26 -5.72 3.33
N ILE A 79 -0.55 -4.48 3.67
CA ILE A 79 0.52 -3.52 4.03
C ILE A 79 0.27 -2.82 5.39
N PHE A 80 1.33 -2.77 6.19
CA PHE A 80 1.31 -2.16 7.54
C PHE A 80 2.07 -0.83 7.55
N ILE A 81 1.35 0.14 8.09
CA ILE A 81 1.71 1.56 8.17
C ILE A 81 1.70 1.94 9.67
N PRO A 82 2.83 1.74 10.36
CA PRO A 82 2.97 2.07 11.78
C PRO A 82 3.22 3.58 11.97
N ASN A 83 4.52 3.93 11.96
CA ASN A 83 5.13 5.25 12.24
C ASN A 83 6.64 5.00 12.35
N ASP A 84 7.40 5.95 12.91
CA ASP A 84 8.84 5.84 13.20
C ASP A 84 9.68 5.22 12.06
N ASN A 85 9.36 5.65 10.84
CA ASN A 85 10.02 5.20 9.60
C ASN A 85 9.97 3.66 9.49
N LYS A 86 8.80 3.14 9.12
CA LYS A 86 8.55 1.70 8.92
C LYS A 86 7.22 1.43 8.22
N ILE A 87 7.31 0.58 7.21
CA ILE A 87 6.17 -0.05 6.49
C ILE A 87 6.61 -1.41 5.90
N LEU A 88 5.66 -2.35 5.93
CA LEU A 88 5.78 -3.62 5.20
C LEU A 88 4.67 -3.79 4.16
N LEU A 89 5.08 -4.24 2.98
CA LEU A 89 4.17 -4.53 1.85
C LEU A 89 4.33 -5.97 1.35
N THR A 90 3.18 -6.59 1.09
CA THR A 90 3.07 -7.93 0.45
C THR A 90 2.21 -7.86 -0.83
N ILE A 91 2.51 -8.77 -1.75
CA ILE A 91 1.81 -8.95 -3.04
C ILE A 91 1.25 -10.38 -3.03
N MET A 92 -0.03 -10.46 -3.36
CA MET A 92 -0.82 -11.68 -3.57
C MET A 92 -1.67 -11.50 -4.83
N ASN A 93 -2.45 -12.53 -5.16
CA ASN A 93 -3.33 -12.51 -6.33
C ASN A 93 -4.37 -13.63 -6.17
N THR A 94 -5.64 -13.26 -6.34
CA THR A 94 -6.80 -14.15 -6.20
C THR A 94 -6.76 -15.33 -7.20
N GLU A 95 -5.92 -15.20 -8.23
CA GLU A 95 -5.73 -16.23 -9.27
C GLU A 95 -4.26 -16.55 -9.64
N ALA A 96 -3.38 -16.62 -8.63
CA ALA A 96 -1.96 -16.95 -8.83
C ALA A 96 -1.46 -18.14 -7.98
N LEU A 97 -0.13 -18.32 -7.93
CA LEU A 97 0.54 -19.44 -7.22
C LEU A 97 2.03 -19.10 -7.02
N GLY A 98 2.28 -18.32 -5.95
CA GLY A 98 3.64 -17.95 -5.55
C GLY A 98 3.90 -16.44 -5.61
N THR A 99 3.89 -15.82 -4.42
CA THR A 99 4.15 -14.37 -4.26
C THR A 99 4.60 -14.05 -2.83
N SER A 100 5.92 -13.95 -2.67
CA SER A 100 6.52 -13.58 -1.38
C SER A 100 7.54 -12.42 -1.51
N PRO A 101 7.06 -11.19 -1.73
CA PRO A 101 7.93 -10.01 -1.88
C PRO A 101 8.52 -9.51 -0.55
N ARG A 102 7.65 -9.33 0.44
CA ARG A 102 7.96 -9.00 1.84
C ARG A 102 8.95 -7.81 1.94
N MET A 103 8.38 -6.65 1.66
CA MET A 103 9.18 -5.42 1.49
C MET A 103 9.05 -4.49 2.70
N THR A 104 10.21 -4.26 3.30
CA THR A 104 10.38 -3.44 4.51
C THR A 104 11.13 -2.15 4.18
N PHE A 105 10.33 -1.10 4.06
CA PHE A 105 10.77 0.24 3.66
C PHE A 105 10.54 1.18 4.84
N ILE A 106 11.59 1.93 5.16
CA ILE A 106 11.56 2.88 6.28
C ILE A 106 11.66 4.31 5.76
N LYS A 107 10.83 5.20 6.31
CA LYS A 107 10.72 6.62 5.93
C LYS A 107 11.99 7.37 6.37
N HIS A 108 13.01 7.15 5.55
CA HIS A 108 14.41 7.60 5.66
C HIS A 108 15.24 6.50 6.33
N LYS A 109 16.17 5.94 5.55
CA LYS A 109 17.12 4.91 6.03
C LYS A 109 18.14 5.39 7.08
N GLY A 1 5.37 -8.91 -9.31
CA GLY A 1 6.55 -8.72 -10.18
C GLY A 1 7.00 -7.25 -10.36
N SER A 2 7.79 -6.80 -9.39
CA SER A 2 8.29 -5.40 -9.30
C SER A 2 9.81 -5.40 -9.05
N MET A 3 10.46 -4.26 -9.33
CA MET A 3 11.91 -4.10 -9.10
C MET A 3 12.30 -2.81 -8.33
N GLU A 4 11.40 -2.33 -7.46
CA GLU A 4 11.53 -1.04 -6.74
C GLU A 4 11.86 0.16 -7.65
N GLN A 5 10.80 0.74 -8.20
CA GLN A 5 10.82 1.91 -9.10
C GLN A 5 9.39 2.40 -9.40
N PHE A 6 9.06 3.47 -8.69
CA PHE A 6 7.79 4.22 -8.78
C PHE A 6 6.59 3.37 -8.33
N GLU A 7 6.33 3.45 -7.03
CA GLU A 7 5.23 2.70 -6.39
C GLU A 7 4.05 3.63 -6.08
N LEU A 8 3.19 3.75 -7.08
CA LEU A 8 2.01 4.64 -7.05
C LEU A 8 0.75 3.83 -6.68
N PHE A 9 0.32 4.06 -5.45
CA PHE A 9 -0.86 3.38 -4.88
C PHE A 9 -1.98 4.40 -4.59
N SER A 10 -3.21 4.01 -4.85
CA SER A 10 -4.38 4.88 -4.58
C SER A 10 -5.44 4.14 -3.76
N ILE A 11 -5.77 4.70 -2.60
CA ILE A 11 -6.81 4.12 -1.72
C ILE A 11 -8.23 4.22 -2.35
N ASP A 12 -9.18 3.63 -1.64
CA ASP A 12 -10.63 3.73 -1.90
C ASP A 12 -11.38 5.01 -1.45
N LYS A 13 -10.82 5.73 -0.48
CA LYS A 13 -11.47 6.88 0.21
C LYS A 13 -12.89 6.60 0.73
N PHE A 14 -13.02 5.43 1.34
CA PHE A 14 -14.28 4.97 1.94
C PHE A 14 -14.13 4.88 3.47
N LYS A 15 -14.19 3.66 4.00
CA LYS A 15 -14.05 3.35 5.43
C LYS A 15 -14.03 1.83 5.61
N CYS A 16 -12.89 1.23 5.29
CA CYS A 16 -12.69 -0.23 5.44
C CYS A 16 -12.44 -0.70 6.89
N ASN A 17 -12.73 0.19 7.85
CA ASN A 17 -12.48 0.04 9.30
C ASN A 17 -10.98 -0.07 9.63
N SER A 18 -10.64 0.14 10.91
CA SER A 18 -9.26 0.11 11.47
C SER A 18 -8.32 1.14 10.82
N GLU A 19 -7.72 0.76 9.69
CA GLU A 19 -6.88 1.63 8.86
C GLU A 19 -7.69 2.84 8.36
N ALA A 20 -7.08 4.01 8.51
CA ALA A 20 -7.61 5.32 8.08
C ALA A 20 -6.65 6.46 8.48
N LYS A 21 -6.74 6.94 9.72
CA LYS A 21 -5.92 8.06 10.24
C LYS A 21 -4.40 7.84 10.23
N TYR A 22 -3.92 6.95 11.09
CA TYR A 22 -2.51 6.51 11.12
C TYR A 22 -2.01 5.99 9.75
N TYR A 23 -2.94 5.43 8.98
CA TYR A 23 -2.70 5.06 7.57
C TYR A 23 -2.31 6.28 6.72
N LEU A 24 -3.27 7.17 6.48
CA LEU A 24 -2.99 8.40 5.70
C LEU A 24 -1.85 9.26 6.28
N ASN A 25 -1.84 9.43 7.59
CA ASN A 25 -0.77 10.20 8.29
C ASN A 25 0.67 9.63 8.23
N ILE A 26 0.80 8.34 7.95
CA ILE A 26 2.12 7.70 7.76
C ILE A 26 2.39 7.19 6.32
N ILE A 27 1.35 7.01 5.50
CA ILE A 27 1.51 6.56 4.10
C ILE A 27 1.07 7.53 2.97
N GLU A 28 0.13 8.44 3.27
CA GLU A 28 -0.42 9.39 2.28
C GLU A 28 0.64 10.40 1.84
N GLY A 29 1.26 10.00 0.73
CA GLY A 29 2.41 10.70 0.14
C GLY A 29 3.49 9.64 -0.18
N GLU A 30 4.73 10.11 -0.12
CA GLU A 30 5.89 9.32 -0.56
C GLU A 30 6.93 9.11 0.54
N TRP A 31 7.22 7.83 0.74
CA TRP A 31 8.35 7.34 1.57
C TRP A 31 9.66 7.69 0.83
N HIS A 32 10.70 8.00 1.60
CA HIS A 32 12.07 8.29 1.10
C HIS A 32 12.13 9.56 0.20
N PRO A 33 13.28 10.25 0.13
CA PRO A 33 13.46 11.40 -0.77
C PRO A 33 13.54 10.96 -2.25
N GLN A 34 14.42 11.58 -3.03
CA GLN A 34 14.57 11.26 -4.47
C GLN A 34 16.01 11.09 -4.99
N ASP A 35 16.92 10.74 -4.08
CA ASP A 35 18.37 10.63 -4.36
C ASP A 35 18.76 9.28 -5.03
N LEU A 36 17.82 8.78 -5.82
CA LEU A 36 17.83 7.42 -6.43
C LEU A 36 17.06 7.45 -7.77
N ASN A 37 17.28 8.52 -8.55
CA ASN A 37 16.55 8.84 -9.81
C ASN A 37 15.06 9.18 -9.65
N ASP A 38 14.59 9.18 -8.40
CA ASP A 38 13.19 9.36 -7.95
C ASP A 38 12.32 8.20 -8.43
N SER A 39 11.90 7.39 -7.46
CA SER A 39 11.15 6.12 -7.66
C SER A 39 10.65 5.39 -6.38
N PRO A 40 10.31 6.08 -5.27
CA PRO A 40 9.99 5.39 -4.00
C PRO A 40 8.50 4.98 -3.95
N LEU A 41 7.87 5.11 -2.78
CA LEU A 41 6.47 4.65 -2.56
C LEU A 41 5.55 5.84 -2.25
N LYS A 42 4.73 6.19 -3.23
CA LYS A 42 3.74 7.27 -3.10
C LYS A 42 2.31 6.72 -3.24
N PHE A 43 1.48 7.13 -2.30
CA PHE A 43 0.04 6.82 -2.31
C PHE A 43 -0.88 8.05 -2.17
N ILE A 44 -1.97 7.97 -2.94
CA ILE A 44 -3.04 8.98 -3.01
C ILE A 44 -4.34 8.37 -2.40
N LEU A 45 -5.44 9.11 -2.51
CA LEU A 45 -6.70 8.85 -1.80
C LEU A 45 -7.89 8.96 -2.79
N SER A 46 -8.42 7.79 -3.16
CA SER A 46 -9.46 7.58 -4.21
C SER A 46 -9.00 7.94 -5.62
N THR A 47 -9.84 7.53 -6.58
CA THR A 47 -9.71 7.77 -8.03
C THR A 47 -11.11 7.72 -8.63
N SER A 48 -11.49 8.79 -9.35
CA SER A 48 -12.76 8.88 -10.10
C SER A 48 -14.02 8.93 -9.21
N ASP A 49 -14.53 7.76 -8.83
CA ASP A 49 -15.72 7.60 -7.97
C ASP A 49 -15.55 6.46 -6.96
N ASP A 50 -15.37 5.24 -7.48
CA ASP A 50 -15.19 4.03 -6.64
C ASP A 50 -13.72 3.57 -6.49
N SER A 51 -12.80 4.50 -6.71
CA SER A 51 -11.33 4.33 -6.71
C SER A 51 -10.82 3.23 -7.67
N ASP A 52 -9.64 2.68 -7.37
CA ASP A 52 -8.97 1.62 -8.15
C ASP A 52 -8.61 0.36 -7.33
N TYR A 53 -8.04 0.58 -6.15
CA TYR A 53 -7.81 -0.49 -5.15
C TYR A 53 -9.06 -0.80 -4.32
N ILE A 54 -9.33 -2.11 -4.21
CA ILE A 54 -10.55 -2.61 -3.55
C ILE A 54 -10.17 -3.34 -2.25
N CYS A 55 -10.42 -2.65 -1.15
CA CYS A 55 -10.13 -3.12 0.21
C CYS A 55 -11.12 -4.18 0.71
N LYS A 56 -10.63 -5.42 0.75
CA LYS A 56 -11.41 -6.57 1.23
C LYS A 56 -11.63 -6.57 2.75
N TYR A 57 -10.52 -6.60 3.50
CA TYR A 57 -10.56 -6.69 4.97
C TYR A 57 -9.43 -5.87 5.64
N ILE A 58 -9.64 -5.68 6.93
CA ILE A 58 -8.67 -5.02 7.83
C ILE A 58 -8.19 -5.93 8.97
N ASN A 59 -6.92 -5.75 9.28
CA ASN A 59 -6.22 -6.42 10.40
C ASN A 59 -5.95 -5.40 11.50
N THR A 60 -6.81 -5.47 12.51
CA THR A 60 -6.67 -4.66 13.74
C THR A 60 -5.39 -4.98 14.56
N GLU A 61 -4.96 -6.23 14.51
CA GLU A 61 -3.81 -6.75 15.29
C GLU A 61 -2.44 -6.22 14.81
N HIS A 62 -2.17 -6.34 13.51
CA HIS A 62 -0.94 -5.81 12.89
C HIS A 62 -1.18 -4.46 12.19
N LYS A 63 -2.19 -3.75 12.69
CA LYS A 63 -2.72 -2.45 12.20
C LYS A 63 -2.58 -2.25 10.67
N GLN A 64 -3.04 -3.24 9.92
CA GLN A 64 -2.84 -3.34 8.46
C GLN A 64 -4.09 -3.74 7.66
N LEU A 65 -4.05 -3.41 6.38
CA LEU A 65 -5.12 -3.64 5.38
C LEU A 65 -4.70 -4.59 4.25
N THR A 66 -5.70 -5.34 3.80
CA THR A 66 -5.59 -6.25 2.63
C THR A 66 -6.59 -5.87 1.53
N LEU A 67 -6.01 -5.42 0.42
CA LEU A 67 -6.77 -4.89 -0.74
C LEU A 67 -6.24 -5.38 -2.10
N TYR A 68 -7.15 -5.56 -3.05
CA TYR A 68 -6.80 -6.04 -4.40
C TYR A 68 -7.12 -5.02 -5.50
N ASN A 69 -6.17 -4.89 -6.43
CA ASN A 69 -6.34 -3.97 -7.58
C ASN A 69 -7.21 -4.58 -8.69
N LYS A 70 -8.27 -3.85 -8.98
CA LYS A 70 -9.19 -4.17 -10.09
C LYS A 70 -8.77 -3.49 -11.42
N ASN A 71 -7.50 -3.08 -11.49
CA ASN A 71 -6.92 -2.46 -12.71
C ASN A 71 -5.86 -3.33 -13.41
N ASN A 72 -5.40 -4.38 -12.72
CA ASN A 72 -4.42 -5.35 -13.25
C ASN A 72 -5.08 -6.73 -13.48
N SER A 73 -5.12 -7.57 -12.43
CA SER A 73 -5.72 -8.93 -12.46
C SER A 73 -5.70 -9.57 -11.05
N SER A 74 -6.59 -9.08 -10.18
CA SER A 74 -6.71 -9.53 -8.76
C SER A 74 -5.44 -9.46 -7.90
N ILE A 75 -4.89 -8.25 -7.80
CA ILE A 75 -3.62 -7.99 -7.09
C ILE A 75 -3.91 -7.55 -5.64
N VAL A 76 -3.94 -8.54 -4.75
CA VAL A 76 -4.22 -8.35 -3.30
C VAL A 76 -2.92 -8.19 -2.50
N ILE A 77 -2.72 -6.98 -2.00
CA ILE A 77 -1.52 -6.61 -1.23
C ILE A 77 -1.87 -6.31 0.25
N GLU A 78 -1.00 -6.77 1.14
CA GLU A 78 -1.18 -6.66 2.60
C GLU A 78 -0.02 -5.84 3.18
N ILE A 79 -0.32 -4.58 3.48
CA ILE A 79 0.74 -3.62 3.86
C ILE A 79 0.42 -2.96 5.22
N PHE A 80 1.42 -2.72 6.05
CA PHE A 80 1.24 -2.07 7.37
C PHE A 80 1.90 -0.68 7.40
N ILE A 81 1.07 0.28 7.76
CA ILE A 81 1.43 1.70 7.94
C ILE A 81 1.32 2.06 9.45
N PRO A 82 2.43 1.98 10.18
CA PRO A 82 2.47 2.30 11.61
C PRO A 82 2.86 3.76 11.86
N ASN A 83 4.17 4.00 11.98
CA ASN A 83 4.87 5.28 12.29
C ASN A 83 6.35 4.93 12.54
N ASP A 84 7.07 5.74 13.32
CA ASP A 84 8.45 5.48 13.82
C ASP A 84 9.44 4.92 12.79
N ASN A 85 9.25 5.36 11.55
CA ASN A 85 9.99 4.90 10.36
C ASN A 85 9.90 3.37 10.25
N LYS A 86 8.76 2.89 9.71
CA LYS A 86 8.53 1.47 9.36
C LYS A 86 7.22 1.30 8.54
N ILE A 87 7.32 0.48 7.49
CA ILE A 87 6.20 -0.03 6.66
C ILE A 87 6.65 -1.35 5.99
N LEU A 88 5.69 -2.26 5.85
CA LEU A 88 5.88 -3.51 5.10
C LEU A 88 4.84 -3.66 3.96
N LEU A 89 5.33 -4.11 2.82
CA LEU A 89 4.52 -4.36 1.61
C LEU A 89 4.64 -5.81 1.08
N THR A 90 3.49 -6.46 0.93
CA THR A 90 3.39 -7.78 0.27
C THR A 90 2.48 -7.69 -0.98
N ILE A 91 2.70 -8.57 -1.94
CA ILE A 91 1.88 -8.69 -3.17
C ILE A 91 1.42 -10.16 -3.27
N MET A 92 0.15 -10.31 -3.65
CA MET A 92 -0.52 -11.60 -3.87
C MET A 92 -1.63 -11.44 -4.92
N ASN A 93 -2.05 -12.56 -5.50
CA ASN A 93 -3.12 -12.59 -6.50
C ASN A 93 -4.21 -13.61 -6.14
N THR A 94 -5.46 -13.15 -6.16
CA THR A 94 -6.66 -13.99 -5.92
C THR A 94 -6.82 -15.10 -6.98
N GLU A 95 -6.24 -14.87 -8.16
CA GLU A 95 -6.26 -15.84 -9.27
C GLU A 95 -4.87 -16.31 -9.75
N ALA A 96 -3.88 -16.29 -8.84
CA ALA A 96 -2.49 -16.69 -9.09
C ALA A 96 -1.72 -16.85 -7.76
N LEU A 97 -0.40 -16.73 -7.78
CA LEU A 97 0.43 -16.91 -6.57
C LEU A 97 1.18 -15.61 -6.28
N GLY A 98 0.97 -15.14 -5.04
CA GLY A 98 1.72 -14.00 -4.49
C GLY A 98 3.16 -14.40 -4.15
N THR A 99 3.58 -13.89 -2.99
CA THR A 99 4.85 -14.27 -2.32
C THR A 99 6.12 -13.99 -3.16
N SER A 100 6.70 -12.83 -2.87
CA SER A 100 7.86 -12.23 -3.58
C SER A 100 8.38 -10.91 -2.98
N PRO A 101 7.60 -9.82 -2.91
CA PRO A 101 8.12 -8.50 -2.47
C PRO A 101 8.55 -8.46 -1.00
N ARG A 102 7.58 -8.47 -0.07
CA ARG A 102 7.78 -8.48 1.39
C ARG A 102 8.90 -7.53 1.86
N MET A 103 8.64 -6.28 1.55
CA MET A 103 9.63 -5.20 1.71
C MET A 103 9.33 -4.35 2.94
N THR A 104 10.32 -4.34 3.82
CA THR A 104 10.28 -3.60 5.11
C THR A 104 11.19 -2.38 5.07
N PHE A 105 10.56 -1.31 4.60
CA PHE A 105 11.20 0.00 4.38
C PHE A 105 10.73 1.01 5.44
N ILE A 106 11.67 1.82 5.89
CA ILE A 106 11.39 2.77 6.99
C ILE A 106 11.40 4.23 6.52
N LYS A 107 10.48 5.01 7.10
CA LYS A 107 10.17 6.42 6.76
C LYS A 107 11.33 7.35 7.16
N HIS A 108 12.38 7.24 6.35
CA HIS A 108 13.71 7.89 6.39
C HIS A 108 14.76 6.87 6.83
N LYS A 109 15.87 6.84 6.09
CA LYS A 109 17.05 5.97 6.34
C LYS A 109 16.82 4.45 6.21
N GLY A 1 11.05 -8.26 -11.54
CA GLY A 1 10.72 -7.03 -10.78
C GLY A 1 11.89 -6.37 -10.03
N SER A 2 11.99 -5.05 -10.22
CA SER A 2 12.94 -4.16 -9.53
C SER A 2 12.56 -3.90 -8.06
N MET A 3 13.52 -3.35 -7.32
CA MET A 3 13.31 -2.93 -5.91
C MET A 3 13.22 -1.39 -5.86
N GLU A 4 11.99 -0.91 -5.68
CA GLU A 4 11.66 0.53 -5.53
C GLU A 4 11.95 1.41 -6.75
N GLN A 5 10.88 1.67 -7.50
CA GLN A 5 10.89 2.46 -8.75
C GLN A 5 9.41 2.74 -9.09
N PHE A 6 9.00 3.99 -8.87
CA PHE A 6 7.62 4.47 -9.08
C PHE A 6 6.54 3.63 -8.37
N GLU A 7 6.26 3.99 -7.12
CA GLU A 7 5.24 3.29 -6.32
C GLU A 7 4.03 4.18 -6.03
N LEU A 8 3.05 4.09 -6.94
CA LEU A 8 1.86 4.96 -6.92
C LEU A 8 0.61 4.15 -6.57
N PHE A 9 0.08 4.43 -5.38
CA PHE A 9 -1.09 3.72 -4.83
C PHE A 9 -2.27 4.67 -4.54
N SER A 10 -3.48 4.20 -4.80
CA SER A 10 -4.73 4.96 -4.53
C SER A 10 -5.73 4.18 -3.67
N ILE A 11 -6.16 4.78 -2.55
CA ILE A 11 -7.21 4.17 -1.70
C ILE A 11 -8.62 4.37 -2.29
N ASP A 12 -9.42 3.35 -2.04
CA ASP A 12 -10.85 3.29 -2.43
C ASP A 12 -11.77 4.40 -1.87
N LYS A 13 -11.31 5.08 -0.82
CA LYS A 13 -12.10 5.95 0.09
C LYS A 13 -13.37 5.32 0.69
N PHE A 14 -13.45 3.99 0.58
CA PHE A 14 -14.54 3.14 1.09
C PHE A 14 -14.71 3.18 2.62
N LYS A 15 -13.66 3.64 3.30
CA LYS A 15 -13.47 3.59 4.76
C LYS A 15 -13.64 2.16 5.28
N CYS A 16 -12.50 1.47 5.34
CA CYS A 16 -12.42 0.06 5.79
C CYS A 16 -12.96 -0.15 7.23
N ASN A 17 -12.23 0.37 8.23
CA ASN A 17 -12.60 0.31 9.67
C ASN A 17 -11.53 1.02 10.52
N SER A 18 -10.63 0.27 11.17
CA SER A 18 -9.54 0.81 12.02
C SER A 18 -8.54 1.73 11.31
N GLU A 19 -8.18 1.35 10.09
CA GLU A 19 -7.29 2.17 9.24
C GLU A 19 -7.94 3.51 8.85
N ALA A 20 -7.22 4.57 9.21
CA ALA A 20 -7.58 5.97 8.94
C ALA A 20 -6.42 6.88 9.39
N LYS A 21 -6.32 7.11 10.70
CA LYS A 21 -5.32 8.00 11.35
C LYS A 21 -3.86 7.64 11.02
N TYR A 22 -3.31 6.67 11.77
CA TYR A 22 -1.95 6.13 11.56
C TYR A 22 -1.70 5.69 10.11
N TYR A 23 -2.72 5.07 9.51
CA TYR A 23 -2.72 4.68 8.09
C TYR A 23 -2.37 5.85 7.16
N LEU A 24 -3.22 6.87 7.08
CA LEU A 24 -2.96 8.06 6.26
C LEU A 24 -1.67 8.81 6.66
N ASN A 25 -1.38 8.87 7.95
CA ASN A 25 -0.16 9.51 8.48
C ASN A 25 1.17 8.93 7.96
N ILE A 26 1.16 7.65 7.59
CA ILE A 26 2.37 6.96 7.09
C ILE A 26 2.24 6.51 5.61
N ILE A 27 1.07 6.05 5.16
CA ILE A 27 0.83 5.70 3.74
C ILE A 27 0.59 6.92 2.83
N GLU A 28 -0.14 7.92 3.34
CA GLU A 28 -0.55 9.09 2.55
C GLU A 28 0.55 10.16 2.59
N GLY A 29 1.26 10.14 1.47
CA GLY A 29 2.47 10.94 1.23
C GLY A 29 3.50 10.11 0.45
N GLU A 30 4.71 10.63 0.42
CA GLU A 30 5.81 10.08 -0.41
C GLU A 30 7.09 9.75 0.36
N TRP A 31 7.48 8.50 0.18
CA TRP A 31 8.60 7.88 0.91
C TRP A 31 9.96 8.16 0.27
N HIS A 32 10.69 8.98 1.01
CA HIS A 32 12.03 9.53 0.73
C HIS A 32 11.93 10.68 -0.30
N PRO A 33 12.52 11.84 0.00
CA PRO A 33 12.42 13.03 -0.88
C PRO A 33 12.92 12.79 -2.32
N GLN A 34 14.11 12.20 -2.45
CA GLN A 34 14.67 11.82 -3.76
C GLN A 34 15.80 10.76 -3.65
N ASP A 35 15.47 9.64 -2.99
CA ASP A 35 16.47 8.56 -2.79
C ASP A 35 16.22 7.30 -3.64
N LEU A 36 15.24 7.37 -4.53
CA LEU A 36 14.82 6.25 -5.39
C LEU A 36 14.53 6.76 -6.81
N ASN A 37 15.59 7.24 -7.47
CA ASN A 37 15.58 7.81 -8.84
C ASN A 37 14.33 8.69 -9.13
N ASP A 38 14.18 9.73 -8.31
CA ASP A 38 13.02 10.65 -8.27
C ASP A 38 11.60 10.05 -8.31
N SER A 39 11.44 8.80 -7.88
CA SER A 39 10.16 8.07 -7.95
C SER A 39 9.71 7.38 -6.64
N PRO A 40 9.31 8.17 -5.63
CA PRO A 40 8.91 7.66 -4.30
C PRO A 40 7.69 6.73 -4.28
N LEU A 41 7.58 6.05 -3.15
CA LEU A 41 6.34 5.38 -2.72
C LEU A 41 5.34 6.45 -2.24
N LYS A 42 4.41 6.78 -3.13
CA LYS A 42 3.35 7.77 -2.82
C LYS A 42 1.96 7.16 -3.03
N PHE A 43 1.14 7.41 -2.02
CA PHE A 43 -0.28 7.02 -2.01
C PHE A 43 -1.23 8.21 -1.78
N ILE A 44 -2.38 8.11 -2.46
CA ILE A 44 -3.49 9.08 -2.42
C ILE A 44 -4.84 8.51 -1.95
N LEU A 45 -5.85 9.38 -2.04
CA LEU A 45 -7.22 9.16 -1.56
C LEU A 45 -8.25 9.38 -2.68
N SER A 46 -9.08 8.36 -2.89
CA SER A 46 -10.21 8.35 -3.86
C SER A 46 -9.76 8.74 -5.28
N THR A 47 -10.60 9.50 -6.00
CA THR A 47 -10.32 10.07 -7.33
C THR A 47 -10.05 8.91 -8.33
N SER A 48 -9.38 9.17 -9.45
CA SER A 48 -8.91 8.15 -10.43
C SER A 48 -9.94 7.06 -10.74
N ASP A 49 -11.06 7.49 -11.33
CA ASP A 49 -12.23 6.64 -11.68
C ASP A 49 -12.76 5.76 -10.53
N ASP A 50 -13.23 6.44 -9.47
CA ASP A 50 -13.70 5.80 -8.22
C ASP A 50 -12.67 4.82 -7.60
N SER A 51 -11.41 5.24 -7.64
CA SER A 51 -10.22 4.51 -7.16
C SER A 51 -9.92 3.24 -7.96
N ASP A 52 -8.67 2.78 -7.83
CA ASP A 52 -8.20 1.54 -8.51
C ASP A 52 -8.12 0.34 -7.57
N TYR A 53 -7.85 0.61 -6.28
CA TYR A 53 -7.80 -0.40 -5.21
C TYR A 53 -9.13 -0.45 -4.44
N ILE A 54 -9.58 -1.66 -4.13
CA ILE A 54 -10.84 -1.90 -3.41
C ILE A 54 -10.52 -2.53 -2.04
N CYS A 55 -11.24 -2.04 -1.03
CA CYS A 55 -11.09 -2.52 0.37
C CYS A 55 -11.57 -3.96 0.53
N LYS A 56 -10.65 -4.81 0.95
CA LYS A 56 -10.96 -6.21 1.31
C LYS A 56 -11.35 -6.31 2.79
N TYR A 57 -10.39 -6.10 3.69
CA TYR A 57 -10.62 -6.02 5.14
C TYR A 57 -9.38 -5.49 5.90
N ILE A 58 -9.61 -5.05 7.13
CA ILE A 58 -8.52 -4.68 8.05
C ILE A 58 -8.28 -5.78 9.09
N ASN A 59 -7.01 -5.95 9.44
CA ASN A 59 -6.64 -6.90 10.50
C ASN A 59 -5.92 -6.19 11.65
N THR A 60 -6.55 -6.37 12.81
CA THR A 60 -6.09 -5.80 14.09
C THR A 60 -5.07 -6.72 14.80
N GLU A 61 -4.02 -7.04 14.03
CA GLU A 61 -2.93 -7.94 14.48
C GLU A 61 -1.58 -7.22 14.50
N HIS A 62 -1.24 -6.60 13.36
CA HIS A 62 -0.13 -5.64 13.25
C HIS A 62 -0.57 -4.35 12.54
N LYS A 63 -1.70 -3.78 12.97
CA LYS A 63 -2.32 -2.57 12.38
C LYS A 63 -2.30 -2.46 10.83
N GLN A 64 -2.77 -3.52 10.17
CA GLN A 64 -2.62 -3.67 8.71
C GLN A 64 -3.85 -4.19 7.98
N LEU A 65 -4.00 -3.80 6.72
CA LEU A 65 -5.13 -4.23 5.87
C LEU A 65 -4.74 -5.09 4.67
N THR A 66 -5.77 -5.67 4.07
CA THR A 66 -5.72 -6.33 2.76
C THR A 66 -6.64 -5.57 1.78
N LEU A 67 -6.10 -5.32 0.58
CA LEU A 67 -6.82 -4.64 -0.52
C LEU A 67 -6.59 -5.32 -1.88
N TYR A 68 -7.59 -5.27 -2.75
CA TYR A 68 -7.47 -5.83 -4.11
C TYR A 68 -7.69 -4.82 -5.24
N ASN A 69 -6.71 -4.80 -6.13
CA ASN A 69 -6.68 -3.88 -7.29
C ASN A 69 -7.57 -4.42 -8.42
N LYS A 70 -8.38 -3.53 -8.97
CA LYS A 70 -9.21 -3.82 -10.16
C LYS A 70 -8.64 -3.32 -11.51
N ASN A 71 -7.35 -3.00 -11.52
CA ASN A 71 -6.64 -2.57 -12.75
C ASN A 71 -5.88 -3.67 -13.50
N ASN A 72 -5.62 -4.75 -12.77
CA ASN A 72 -4.86 -5.92 -13.22
C ASN A 72 -5.78 -7.17 -13.28
N SER A 73 -5.39 -8.27 -12.65
CA SER A 73 -6.22 -9.50 -12.57
C SER A 73 -6.25 -10.13 -11.17
N SER A 74 -7.13 -9.56 -10.34
CA SER A 74 -7.34 -9.96 -8.93
C SER A 74 -6.09 -10.01 -8.02
N ILE A 75 -5.49 -8.83 -7.87
CA ILE A 75 -4.29 -8.65 -7.02
C ILE A 75 -4.69 -8.14 -5.63
N VAL A 76 -4.38 -8.99 -4.65
CA VAL A 76 -4.59 -8.75 -3.21
C VAL A 76 -3.24 -8.44 -2.53
N ILE A 77 -3.19 -7.25 -1.98
CA ILE A 77 -2.01 -6.74 -1.25
C ILE A 77 -2.30 -6.55 0.24
N GLU A 78 -1.29 -6.86 1.04
CA GLU A 78 -1.36 -6.78 2.51
C GLU A 78 -0.24 -5.86 2.98
N ILE A 79 -0.64 -4.68 3.47
CA ILE A 79 0.33 -3.63 3.86
C ILE A 79 0.19 -3.09 5.29
N PHE A 80 1.33 -3.04 5.96
CA PHE A 80 1.43 -2.46 7.31
C PHE A 80 2.08 -1.08 7.29
N ILE A 81 1.28 -0.17 7.82
CA ILE A 81 1.61 1.25 8.02
C ILE A 81 1.71 1.47 9.56
N PRO A 82 2.91 1.36 10.13
CA PRO A 82 3.15 1.62 11.57
C PRO A 82 3.32 3.13 11.80
N ASN A 83 4.59 3.56 11.80
CA ASN A 83 5.16 4.90 11.99
C ASN A 83 6.69 4.68 12.14
N ASP A 84 7.41 5.59 12.79
CA ASP A 84 8.86 5.44 13.13
C ASP A 84 9.76 4.96 11.97
N ASN A 85 9.41 5.43 10.77
CA ASN A 85 10.01 5.01 9.49
C ASN A 85 9.96 3.48 9.32
N LYS A 86 8.79 3.00 8.90
CA LYS A 86 8.55 1.57 8.56
C LYS A 86 7.20 1.39 7.83
N ILE A 87 7.26 0.60 6.76
CA ILE A 87 6.10 0.07 6.02
C ILE A 87 6.50 -1.25 5.34
N LEU A 88 5.55 -2.18 5.29
CA LEU A 88 5.74 -3.47 4.58
C LEU A 88 4.63 -3.70 3.54
N LEU A 89 5.07 -4.09 2.35
CA LEU A 89 4.21 -4.44 1.19
C LEU A 89 4.39 -5.90 0.75
N THR A 90 3.27 -6.60 0.62
CA THR A 90 3.22 -7.90 -0.08
C THR A 90 2.14 -7.96 -1.17
N ILE A 91 2.49 -8.68 -2.24
CA ILE A 91 1.66 -8.89 -3.45
C ILE A 91 1.21 -10.35 -3.45
N MET A 92 -0.06 -10.56 -3.78
CA MET A 92 -0.71 -11.88 -3.90
C MET A 92 -1.93 -11.74 -4.85
N ASN A 93 -2.43 -12.86 -5.36
CA ASN A 93 -3.61 -12.87 -6.25
C ASN A 93 -4.69 -13.83 -5.77
N THR A 94 -5.95 -13.38 -5.80
CA THR A 94 -7.12 -14.26 -5.52
C THR A 94 -7.42 -15.30 -6.61
N GLU A 95 -6.83 -15.10 -7.79
CA GLU A 95 -6.87 -16.07 -8.90
C GLU A 95 -5.53 -16.79 -9.15
N ALA A 96 -4.67 -16.83 -8.13
CA ALA A 96 -3.31 -17.42 -8.18
C ALA A 96 -2.72 -17.53 -6.75
N LEU A 97 -1.42 -17.79 -6.65
CA LEU A 97 -0.68 -17.84 -5.37
C LEU A 97 0.74 -17.25 -5.53
N GLY A 98 1.21 -16.60 -4.45
CA GLY A 98 2.56 -16.03 -4.41
C GLY A 98 2.87 -15.29 -3.10
N THR A 99 3.40 -16.04 -2.14
CA THR A 99 3.78 -15.50 -0.82
C THR A 99 5.32 -15.37 -0.77
N SER A 100 5.77 -14.25 -1.32
CA SER A 100 7.22 -13.94 -1.47
C SER A 100 7.57 -12.45 -1.72
N PRO A 101 6.86 -11.68 -2.57
CA PRO A 101 7.16 -10.26 -2.77
C PRO A 101 6.76 -9.39 -1.56
N ARG A 102 7.71 -9.32 -0.62
CA ARG A 102 7.59 -8.53 0.61
C ARG A 102 8.73 -7.49 0.69
N MET A 103 8.33 -6.22 0.66
CA MET A 103 9.28 -5.09 0.69
C MET A 103 9.06 -4.20 1.91
N THR A 104 10.13 -4.07 2.69
CA THR A 104 10.19 -3.27 3.92
C THR A 104 10.92 -1.95 3.62
N PHE A 105 10.10 -0.92 3.46
CA PHE A 105 10.55 0.44 3.11
C PHE A 105 10.40 1.29 4.38
N ILE A 106 11.46 2.02 4.73
CA ILE A 106 11.41 2.87 5.94
C ILE A 106 11.55 4.35 5.55
N LYS A 107 10.69 5.19 6.13
CA LYS A 107 10.59 6.64 5.83
C LYS A 107 11.85 7.42 6.26
N HIS A 108 12.86 7.23 5.41
CA HIS A 108 14.23 7.80 5.39
C HIS A 108 15.21 6.66 5.65
N LYS A 109 16.11 6.49 4.68
CA LYS A 109 17.05 5.34 4.56
C LYS A 109 16.34 3.99 4.37
N GLY A 1 6.48 -1.81 -11.98
CA GLY A 1 7.26 -1.33 -10.81
C GLY A 1 6.61 -1.63 -9.45
N SER A 2 7.35 -2.37 -8.63
CA SER A 2 6.96 -2.75 -7.25
C SER A 2 8.21 -3.21 -6.46
N MET A 3 9.19 -2.31 -6.48
CA MET A 3 10.52 -2.50 -5.85
C MET A 3 10.91 -1.23 -5.06
N GLU A 4 11.90 -0.47 -5.56
CA GLU A 4 12.34 0.82 -4.99
C GLU A 4 12.64 1.87 -6.09
N GLN A 5 11.66 2.05 -6.98
CA GLN A 5 11.71 2.96 -8.13
C GLN A 5 10.30 3.01 -8.73
N PHE A 6 9.67 4.17 -8.55
CA PHE A 6 8.27 4.47 -8.91
C PHE A 6 7.24 3.53 -8.27
N GLU A 7 6.80 3.96 -7.09
CA GLU A 7 5.79 3.20 -6.32
C GLU A 7 4.57 4.10 -6.09
N LEU A 8 3.62 3.98 -7.02
CA LEU A 8 2.39 4.81 -7.06
C LEU A 8 1.17 3.98 -6.66
N PHE A 9 0.62 4.33 -5.50
CA PHE A 9 -0.54 3.64 -4.91
C PHE A 9 -1.73 4.58 -4.65
N SER A 10 -2.92 4.07 -4.89
CA SER A 10 -4.19 4.79 -4.66
C SER A 10 -5.24 3.89 -3.98
N ILE A 11 -5.90 4.44 -2.97
CA ILE A 11 -7.04 3.72 -2.34
C ILE A 11 -8.37 3.97 -3.09
N ASP A 12 -9.20 2.93 -3.08
CA ASP A 12 -10.59 2.96 -3.58
C ASP A 12 -11.56 3.92 -2.84
N LYS A 13 -11.14 4.46 -1.70
CA LYS A 13 -11.98 5.24 -0.75
C LYS A 13 -13.21 4.47 -0.22
N PHE A 14 -13.07 3.14 -0.19
CA PHE A 14 -14.13 2.19 0.25
C PHE A 14 -14.43 2.19 1.77
N LYS A 15 -14.00 3.26 2.45
CA LYS A 15 -14.18 3.50 3.90
C LYS A 15 -14.01 2.29 4.83
N CYS A 16 -12.94 1.53 4.57
CA CYS A 16 -12.61 0.27 5.27
C CYS A 16 -12.43 0.44 6.79
N ASN A 17 -13.16 -0.40 7.53
CA ASN A 17 -13.20 -0.43 9.01
C ASN A 17 -11.83 -0.59 9.69
N SER A 18 -11.64 0.30 10.66
CA SER A 18 -10.35 0.60 11.36
C SER A 18 -9.43 1.39 10.42
N GLU A 19 -8.27 1.81 10.91
CA GLU A 19 -7.34 2.74 10.20
C GLU A 19 -7.99 4.14 10.01
N ALA A 20 -7.11 5.09 9.71
CA ALA A 20 -7.38 6.49 9.25
C ALA A 20 -6.18 7.38 9.59
N LYS A 21 -6.14 7.90 10.83
CA LYS A 21 -5.11 8.83 11.34
C LYS A 21 -3.65 8.39 11.06
N TYR A 22 -3.13 7.50 11.91
CA TYR A 22 -1.79 6.88 11.77
C TYR A 22 -1.49 6.35 10.36
N TYR A 23 -2.49 5.67 9.79
CA TYR A 23 -2.47 5.13 8.42
C TYR A 23 -2.11 6.23 7.39
N LEU A 24 -2.97 7.23 7.26
CA LEU A 24 -2.72 8.36 6.34
C LEU A 24 -1.48 9.19 6.72
N ASN A 25 -1.27 9.39 8.02
CA ASN A 25 -0.10 10.14 8.55
C ASN A 25 1.29 9.60 8.14
N ILE A 26 1.39 8.29 7.94
CA ILE A 26 2.67 7.71 7.48
C ILE A 26 2.59 7.15 6.02
N ILE A 27 1.43 6.69 5.53
CA ILE A 27 1.32 6.19 4.14
C ILE A 27 0.97 7.26 3.07
N GLU A 28 0.15 8.24 3.44
CA GLU A 28 -0.42 9.22 2.47
C GLU A 28 0.58 10.35 2.18
N GLY A 29 1.52 9.96 1.34
CA GLY A 29 2.62 10.81 0.84
C GLY A 29 3.77 9.94 0.28
N GLU A 30 4.92 10.57 0.10
CA GLU A 30 6.11 9.91 -0.49
C GLU A 30 7.31 9.70 0.45
N TRP A 31 7.63 8.42 0.57
CA TRP A 31 8.76 7.89 1.37
C TRP A 31 10.10 8.18 0.69
N HIS A 32 10.98 8.84 1.45
CA HIS A 32 12.25 9.47 1.01
C HIS A 32 12.02 10.82 0.29
N PRO A 33 12.89 11.83 0.51
CA PRO A 33 12.91 13.10 -0.25
C PRO A 33 13.43 12.94 -1.69
N GLN A 34 13.04 11.83 -2.32
CA GLN A 34 13.29 11.47 -3.73
C GLN A 34 14.67 11.84 -4.32
N ASP A 35 15.68 11.26 -3.66
CA ASP A 35 17.13 11.46 -3.96
C ASP A 35 17.65 10.77 -5.25
N LEU A 36 16.71 10.39 -6.11
CA LEU A 36 16.98 9.72 -7.40
C LEU A 36 15.88 10.17 -8.39
N ASN A 37 16.04 11.43 -8.80
CA ASN A 37 15.23 12.10 -9.85
C ASN A 37 13.70 12.05 -9.67
N ASP A 38 13.27 12.16 -8.41
CA ASP A 38 11.87 12.01 -7.96
C ASP A 38 11.20 10.69 -8.40
N SER A 39 11.37 9.67 -7.56
CA SER A 39 10.75 8.33 -7.81
C SER A 39 10.56 7.45 -6.53
N PRO A 40 9.75 7.91 -5.57
CA PRO A 40 9.61 7.23 -4.26
C PRO A 40 8.38 6.30 -4.20
N LEU A 41 7.97 6.02 -2.96
CA LEU A 41 6.72 5.31 -2.62
C LEU A 41 5.69 6.35 -2.15
N LYS A 42 4.72 6.64 -3.01
CA LYS A 42 3.59 7.50 -2.61
C LYS A 42 2.22 6.87 -2.83
N PHE A 43 1.40 7.06 -1.81
CA PHE A 43 -0.01 6.64 -1.79
C PHE A 43 -0.95 7.83 -1.58
N ILE A 44 -1.97 7.83 -2.43
CA ILE A 44 -3.08 8.80 -2.40
C ILE A 44 -4.43 8.15 -2.05
N LEU A 45 -5.46 8.99 -2.01
CA LEU A 45 -6.80 8.59 -1.55
C LEU A 45 -7.89 9.03 -2.54
N SER A 46 -8.72 8.05 -2.91
CA SER A 46 -9.88 8.22 -3.82
C SER A 46 -9.38 8.63 -5.24
N THR A 47 -10.27 9.28 -5.99
CA THR A 47 -10.07 9.86 -7.33
C THR A 47 -11.39 10.46 -7.86
N SER A 48 -12.39 9.58 -7.96
CA SER A 48 -13.73 9.84 -8.50
C SER A 48 -14.56 8.54 -8.41
N ASP A 49 -14.10 7.52 -9.12
CA ASP A 49 -14.68 6.17 -9.14
C ASP A 49 -13.70 5.20 -9.82
N ASP A 50 -13.80 3.92 -9.46
CA ASP A 50 -12.97 2.81 -9.97
C ASP A 50 -11.45 3.11 -9.83
N SER A 51 -10.96 2.87 -8.62
CA SER A 51 -9.56 3.19 -8.24
C SER A 51 -8.71 1.91 -8.29
N ASP A 52 -7.42 2.10 -8.50
CA ASP A 52 -6.44 1.02 -8.77
C ASP A 52 -6.47 -0.13 -7.73
N TYR A 53 -6.57 0.24 -6.45
CA TYR A 53 -6.65 -0.71 -5.33
C TYR A 53 -7.98 -0.62 -4.55
N ILE A 54 -8.64 -1.77 -4.42
CA ILE A 54 -9.89 -1.88 -3.65
C ILE A 54 -9.68 -2.61 -2.31
N CYS A 55 -9.72 -1.79 -1.26
CA CYS A 55 -9.63 -2.25 0.13
C CYS A 55 -10.90 -3.03 0.51
N LYS A 56 -10.72 -4.30 0.84
CA LYS A 56 -11.85 -5.09 1.37
C LYS A 56 -12.09 -4.82 2.86
N TYR A 57 -11.01 -4.79 3.64
CA TYR A 57 -11.01 -4.48 5.08
C TYR A 57 -9.58 -4.39 5.66
N ILE A 58 -9.49 -3.77 6.84
CA ILE A 58 -8.24 -3.58 7.60
C ILE A 58 -8.33 -4.24 8.98
N ASN A 59 -7.23 -4.87 9.36
CA ASN A 59 -7.08 -5.59 10.64
C ASN A 59 -6.19 -4.81 11.62
N THR A 60 -6.78 -4.51 12.76
CA THR A 60 -6.10 -3.86 13.90
C THR A 60 -4.93 -4.64 14.54
N GLU A 61 -4.91 -5.96 14.39
CA GLU A 61 -3.84 -6.83 14.94
C GLU A 61 -2.41 -6.34 14.63
N HIS A 62 -2.07 -6.31 13.35
CA HIS A 62 -0.83 -5.65 12.88
C HIS A 62 -1.13 -4.29 12.21
N LYS A 63 -2.21 -3.64 12.66
CA LYS A 63 -2.68 -2.30 12.22
C LYS A 63 -2.61 -2.08 10.67
N GLN A 64 -3.03 -3.11 9.94
CA GLN A 64 -2.76 -3.29 8.49
C GLN A 64 -3.97 -3.63 7.62
N LEU A 65 -3.91 -3.17 6.37
CA LEU A 65 -4.99 -3.31 5.37
C LEU A 65 -4.72 -4.38 4.31
N THR A 66 -5.81 -5.06 3.96
CA THR A 66 -5.85 -6.09 2.89
C THR A 66 -6.74 -5.65 1.72
N LEU A 67 -6.06 -5.37 0.62
CA LEU A 67 -6.67 -4.90 -0.65
C LEU A 67 -6.17 -5.57 -1.93
N TYR A 68 -7.10 -5.71 -2.87
CA TYR A 68 -6.80 -6.29 -4.20
C TYR A 68 -6.92 -5.29 -5.34
N ASN A 69 -5.91 -5.37 -6.19
CA ASN A 69 -5.78 -4.50 -7.38
C ASN A 69 -6.76 -4.92 -8.47
N LYS A 70 -7.50 -3.91 -8.92
CA LYS A 70 -8.53 -4.09 -9.97
C LYS A 70 -8.11 -3.57 -11.36
N ASN A 71 -6.81 -3.31 -11.49
CA ASN A 71 -6.17 -2.97 -12.79
C ASN A 71 -5.29 -4.09 -13.38
N ASN A 72 -4.61 -4.82 -12.50
CA ASN A 72 -3.77 -5.96 -12.90
C ASN A 72 -4.57 -7.26 -13.18
N SER A 73 -4.74 -8.11 -12.16
CA SER A 73 -5.51 -9.38 -12.24
C SER A 73 -5.62 -10.05 -10.86
N SER A 74 -6.58 -9.56 -10.07
CA SER A 74 -6.91 -10.08 -8.71
C SER A 74 -5.75 -10.08 -7.69
N ILE A 75 -5.00 -8.98 -7.66
CA ILE A 75 -3.73 -8.88 -6.89
C ILE A 75 -4.04 -8.34 -5.48
N VAL A 76 -4.26 -9.24 -4.55
CA VAL A 76 -4.54 -8.91 -3.14
C VAL A 76 -3.24 -8.77 -2.32
N ILE A 77 -2.92 -7.51 -2.05
CA ILE A 77 -1.73 -7.16 -1.26
C ILE A 77 -2.16 -6.71 0.14
N GLU A 78 -1.32 -7.09 1.09
CA GLU A 78 -1.54 -6.78 2.52
C GLU A 78 -0.32 -6.02 3.06
N ILE A 79 -0.57 -4.77 3.42
CA ILE A 79 0.51 -3.88 3.89
C ILE A 79 0.25 -3.32 5.29
N PHE A 80 1.35 -3.19 6.03
CA PHE A 80 1.34 -2.47 7.32
C PHE A 80 2.21 -1.21 7.23
N ILE A 81 1.51 -0.15 7.58
CA ILE A 81 2.04 1.21 7.80
C ILE A 81 1.98 1.52 9.30
N PRO A 82 3.12 1.38 9.99
CA PRO A 82 3.25 1.75 11.41
C PRO A 82 3.65 3.23 11.55
N ASN A 83 4.96 3.48 11.50
CA ASN A 83 5.70 4.71 11.82
C ASN A 83 7.21 4.34 11.87
N ASP A 84 8.01 5.01 12.68
CA ASP A 84 9.43 4.65 12.97
C ASP A 84 10.25 4.14 11.78
N ASN A 85 10.07 4.82 10.65
CA ASN A 85 10.63 4.43 9.34
C ASN A 85 10.52 2.94 9.00
N LYS A 86 9.28 2.46 8.82
CA LYS A 86 8.98 1.09 8.36
C LYS A 86 7.56 0.89 7.79
N ILE A 87 7.53 0.12 6.69
CA ILE A 87 6.34 -0.53 6.07
C ILE A 87 6.72 -1.96 5.61
N LEU A 88 5.73 -2.85 5.66
CA LEU A 88 5.80 -4.21 5.08
C LEU A 88 4.71 -4.48 4.02
N LEU A 89 5.09 -5.23 2.99
CA LEU A 89 4.22 -5.66 1.86
C LEU A 89 4.13 -7.19 1.70
N THR A 90 2.90 -7.60 1.38
CA THR A 90 2.50 -8.95 0.93
C THR A 90 1.80 -8.82 -0.44
N ILE A 91 1.90 -9.86 -1.26
CA ILE A 91 1.21 -10.03 -2.57
C ILE A 91 0.59 -11.45 -2.58
N MET A 92 -0.65 -11.52 -3.05
CA MET A 92 -1.44 -12.76 -3.23
C MET A 92 -2.37 -12.56 -4.44
N ASN A 93 -2.90 -13.66 -4.96
CA ASN A 93 -3.89 -13.59 -6.07
C ASN A 93 -5.19 -14.33 -5.72
N THR A 94 -6.31 -13.68 -6.00
CA THR A 94 -7.66 -14.24 -5.74
C THR A 94 -7.88 -15.57 -6.48
N GLU A 95 -7.38 -15.67 -7.71
CA GLU A 95 -7.40 -16.95 -8.46
C GLU A 95 -6.10 -17.32 -9.21
N ALA A 96 -4.99 -17.34 -8.47
CA ALA A 96 -3.65 -17.69 -9.00
C ALA A 96 -2.62 -18.01 -7.89
N LEU A 97 -1.33 -17.88 -8.18
CA LEU A 97 -0.20 -18.23 -7.29
C LEU A 97 0.28 -17.04 -6.43
N GLY A 98 1.48 -17.18 -5.83
CA GLY A 98 2.14 -16.05 -5.12
C GLY A 98 2.12 -16.21 -3.59
N THR A 99 3.21 -16.77 -3.06
CA THR A 99 3.36 -17.03 -1.60
C THR A 99 4.75 -16.81 -0.97
N SER A 100 5.60 -16.04 -1.66
CA SER A 100 6.89 -15.55 -1.12
C SER A 100 7.12 -14.02 -0.92
N PRO A 101 6.16 -13.11 -1.16
CA PRO A 101 6.43 -11.66 -1.08
C PRO A 101 6.58 -11.16 0.37
N ARG A 102 7.65 -10.40 0.57
CA ARG A 102 7.96 -9.76 1.85
C ARG A 102 8.91 -8.59 1.59
N MET A 103 8.30 -7.42 1.45
CA MET A 103 9.01 -6.18 1.08
C MET A 103 8.90 -5.14 2.20
N THR A 104 10.06 -4.60 2.56
CA THR A 104 10.21 -3.63 3.66
C THR A 104 10.70 -2.26 3.20
N PHE A 105 9.75 -1.33 3.22
CA PHE A 105 9.94 0.05 2.72
C PHE A 105 10.04 0.99 3.91
N ILE A 106 11.28 1.14 4.35
CA ILE A 106 11.63 1.97 5.51
C ILE A 106 11.94 3.40 5.06
N LYS A 107 11.40 4.38 5.80
CA LYS A 107 11.57 5.82 5.50
C LYS A 107 12.97 6.28 5.92
N HIS A 108 13.92 5.80 5.12
CA HIS A 108 15.39 5.95 5.19
C HIS A 108 16.00 4.60 5.60
N LYS A 109 16.77 4.01 4.69
CA LYS A 109 17.43 2.71 4.93
C LYS A 109 18.42 2.70 6.12
N GLY A 1 13.48 -9.54 -11.37
CA GLY A 1 12.46 -8.97 -10.45
C GLY A 1 11.98 -7.56 -10.82
N SER A 2 12.68 -6.58 -10.23
CA SER A 2 12.48 -5.11 -10.40
C SER A 2 11.14 -4.61 -9.85
N MET A 3 11.19 -4.15 -8.61
CA MET A 3 10.00 -3.67 -7.85
C MET A 3 10.11 -2.22 -7.34
N GLU A 4 11.14 -1.94 -6.56
CA GLU A 4 11.47 -0.57 -6.07
C GLU A 4 11.84 0.40 -7.20
N GLN A 5 10.79 0.78 -7.92
CA GLN A 5 10.84 1.65 -9.11
C GLN A 5 9.44 2.13 -9.51
N PHE A 6 9.06 3.23 -8.86
CA PHE A 6 7.83 4.02 -9.06
C PHE A 6 6.56 3.25 -8.61
N GLU A 7 6.33 3.34 -7.31
CA GLU A 7 5.20 2.66 -6.65
C GLU A 7 4.01 3.60 -6.42
N LEU A 8 3.12 3.60 -7.40
CA LEU A 8 1.88 4.42 -7.39
C LEU A 8 0.70 3.57 -6.90
N PHE A 9 0.07 4.04 -5.82
CA PHE A 9 -1.11 3.36 -5.27
C PHE A 9 -2.24 4.34 -4.90
N SER A 10 -3.48 3.91 -5.13
CA SER A 10 -4.68 4.76 -4.93
C SER A 10 -5.82 4.01 -4.23
N ILE A 11 -6.21 4.47 -3.04
CA ILE A 11 -7.33 3.86 -2.29
C ILE A 11 -8.71 4.19 -2.89
N ASP A 12 -9.65 3.27 -2.67
CA ASP A 12 -11.08 3.46 -2.97
C ASP A 12 -11.82 4.56 -2.20
N LYS A 13 -11.41 4.80 -0.94
CA LYS A 13 -12.14 5.67 0.02
C LYS A 13 -13.62 5.24 0.16
N PHE A 14 -13.78 3.93 0.38
CA PHE A 14 -15.10 3.27 0.33
C PHE A 14 -15.40 2.56 1.65
N LYS A 15 -14.95 1.30 1.76
CA LYS A 15 -14.97 0.53 3.02
C LYS A 15 -13.81 1.00 3.93
N CYS A 16 -13.20 0.07 4.68
CA CYS A 16 -12.16 0.32 5.71
C CYS A 16 -12.74 0.96 6.99
N ASN A 17 -12.03 0.70 8.08
CA ASN A 17 -12.39 1.15 9.45
C ASN A 17 -11.16 1.52 10.28
N SER A 18 -10.50 0.50 10.85
CA SER A 18 -9.28 0.65 11.69
C SER A 18 -8.15 1.43 11.00
N GLU A 19 -7.88 1.15 9.72
CA GLU A 19 -7.03 2.03 8.89
C GLU A 19 -7.80 3.28 8.45
N ALA A 20 -7.16 4.42 8.70
CA ALA A 20 -7.62 5.78 8.33
C ALA A 20 -6.55 6.82 8.74
N LYS A 21 -6.64 7.30 9.98
CA LYS A 21 -5.75 8.32 10.59
C LYS A 21 -4.23 8.05 10.46
N TYR A 22 -3.69 7.20 11.33
CA TYR A 22 -2.27 6.77 11.28
C TYR A 22 -1.82 6.27 9.89
N TYR A 23 -2.73 5.57 9.21
CA TYR A 23 -2.52 5.04 7.85
C TYR A 23 -2.20 6.20 6.88
N LEU A 24 -3.11 7.16 6.75
CA LEU A 24 -2.87 8.35 5.91
C LEU A 24 -1.71 9.21 6.43
N ASN A 25 -1.64 9.43 7.73
CA ASN A 25 -0.59 10.27 8.36
C ASN A 25 0.85 9.77 8.14
N ILE A 26 1.01 8.46 7.94
CA ILE A 26 2.34 7.89 7.66
C ILE A 26 2.50 7.45 6.18
N ILE A 27 1.42 7.05 5.48
CA ILE A 27 1.49 6.56 4.09
C ILE A 27 0.95 7.49 2.97
N GLU A 28 0.06 8.43 3.29
CA GLU A 28 -0.52 9.38 2.30
C GLU A 28 0.59 10.29 1.75
N GLY A 29 0.99 9.92 0.53
CA GLY A 29 2.10 10.57 -0.18
C GLY A 29 3.24 9.59 -0.40
N GLU A 30 4.45 10.13 -0.25
CA GLU A 30 5.68 9.44 -0.65
C GLU A 30 6.81 9.36 0.39
N TRP A 31 7.20 8.10 0.62
CA TRP A 31 8.39 7.72 1.40
C TRP A 31 9.64 8.06 0.58
N HIS A 32 10.70 8.46 1.28
CA HIS A 32 12.01 8.84 0.70
C HIS A 32 11.89 10.07 -0.23
N PRO A 33 12.62 11.16 0.06
CA PRO A 33 12.51 12.43 -0.69
C PRO A 33 12.97 12.31 -2.16
N GLN A 34 14.23 12.61 -2.45
CA GLN A 34 14.76 12.55 -3.83
C GLN A 34 16.03 11.70 -4.00
N ASP A 35 16.23 10.76 -3.08
CA ASP A 35 17.48 10.00 -2.99
C ASP A 35 17.31 8.52 -3.40
N LEU A 36 16.64 8.33 -4.56
CA LEU A 36 16.34 7.01 -5.14
C LEU A 36 15.83 7.16 -6.60
N ASN A 37 16.59 7.91 -7.41
CA ASN A 37 16.29 8.19 -8.84
C ASN A 37 14.86 8.58 -9.25
N ASP A 38 14.13 9.20 -8.32
CA ASP A 38 12.70 9.57 -8.44
C ASP A 38 11.79 8.40 -8.84
N SER A 39 11.65 7.46 -7.90
CA SER A 39 10.80 6.26 -8.06
C SER A 39 10.34 5.60 -6.73
N PRO A 40 9.92 6.38 -5.71
CA PRO A 40 9.64 5.86 -4.36
C PRO A 40 8.21 5.28 -4.26
N LEU A 41 7.63 5.34 -3.06
CA LEU A 41 6.25 4.87 -2.78
C LEU A 41 5.32 6.07 -2.54
N LYS A 42 4.46 6.32 -3.52
CA LYS A 42 3.40 7.34 -3.42
C LYS A 42 1.99 6.72 -3.49
N PHE A 43 1.27 6.91 -2.38
CA PHE A 43 -0.14 6.50 -2.28
C PHE A 43 -1.08 7.67 -1.97
N ILE A 44 -2.15 7.71 -2.77
CA ILE A 44 -3.22 8.72 -2.69
C ILE A 44 -4.56 8.07 -2.25
N LEU A 45 -5.54 8.95 -2.05
CA LEU A 45 -6.84 8.63 -1.44
C LEU A 45 -7.99 9.02 -2.38
N SER A 46 -8.97 8.12 -2.49
CA SER A 46 -10.14 8.18 -3.41
C SER A 46 -9.75 8.21 -4.90
N THR A 47 -10.75 7.97 -5.74
CA THR A 47 -10.65 8.17 -7.21
C THR A 47 -12.03 8.47 -7.80
N SER A 48 -12.72 9.43 -7.18
CA SER A 48 -14.13 9.84 -7.45
C SER A 48 -15.19 8.75 -7.28
N ASP A 49 -15.09 7.74 -8.16
CA ASP A 49 -16.00 6.58 -8.27
C ASP A 49 -15.43 5.39 -9.07
N ASP A 50 -14.13 5.41 -9.36
CA ASP A 50 -13.45 4.33 -10.11
C ASP A 50 -11.98 4.24 -9.68
N SER A 51 -11.76 3.42 -8.65
CA SER A 51 -10.45 3.31 -7.98
C SER A 51 -9.72 2.01 -8.30
N ASP A 52 -8.38 2.13 -8.36
CA ASP A 52 -7.49 0.96 -8.57
C ASP A 52 -7.52 -0.04 -7.39
N TYR A 53 -7.51 0.50 -6.17
CA TYR A 53 -7.54 -0.33 -4.95
C TYR A 53 -8.83 -0.30 -4.15
N ILE A 54 -9.38 -1.51 -4.00
CA ILE A 54 -10.59 -1.74 -3.19
C ILE A 54 -10.23 -2.42 -1.86
N CYS A 55 -10.64 -1.71 -0.81
CA CYS A 55 -10.45 -2.08 0.60
C CYS A 55 -11.19 -3.38 0.94
N LYS A 56 -10.41 -4.47 0.94
CA LYS A 56 -10.89 -5.82 1.31
C LYS A 56 -11.25 -5.95 2.79
N TYR A 57 -10.25 -5.84 3.67
CA TYR A 57 -10.42 -5.88 5.14
C TYR A 57 -9.16 -5.49 5.93
N ILE A 58 -9.41 -4.91 7.10
CA ILE A 58 -8.38 -4.37 8.02
C ILE A 58 -8.40 -5.14 9.34
N ASN A 59 -7.20 -5.53 9.79
CA ASN A 59 -7.02 -6.26 11.06
C ASN A 59 -6.19 -5.45 12.06
N THR A 60 -6.84 -5.11 13.18
CA THR A 60 -6.23 -4.37 14.31
C THR A 60 -5.34 -5.30 15.20
N GLU A 61 -4.70 -6.26 14.56
CA GLU A 61 -3.70 -7.15 15.20
C GLU A 61 -2.26 -6.64 15.04
N HIS A 62 -1.94 -6.18 13.83
CA HIS A 62 -0.66 -5.51 13.53
C HIS A 62 -0.90 -4.25 12.69
N LYS A 63 -2.00 -3.57 13.00
CA LYS A 63 -2.53 -2.33 12.37
C LYS A 63 -2.39 -2.31 10.83
N GLN A 64 -2.79 -3.43 10.21
CA GLN A 64 -2.50 -3.69 8.79
C GLN A 64 -3.77 -3.95 7.98
N LEU A 65 -3.83 -3.30 6.81
CA LEU A 65 -4.93 -3.47 5.85
C LEU A 65 -4.53 -4.42 4.71
N THR A 66 -5.54 -5.19 4.32
CA THR A 66 -5.52 -6.08 3.14
C THR A 66 -6.53 -5.50 2.13
N LEU A 67 -6.07 -5.40 0.90
CA LEU A 67 -6.84 -4.75 -0.19
C LEU A 67 -6.37 -5.20 -1.58
N TYR A 68 -7.30 -5.25 -2.53
CA TYR A 68 -7.00 -5.81 -3.87
C TYR A 68 -7.11 -4.80 -5.02
N ASN A 69 -6.18 -4.95 -5.96
CA ASN A 69 -6.14 -4.18 -7.22
C ASN A 69 -7.07 -4.75 -8.29
N LYS A 70 -8.02 -3.90 -8.65
CA LYS A 70 -9.04 -4.16 -9.68
C LYS A 70 -8.62 -3.61 -11.06
N ASN A 71 -7.38 -3.14 -11.18
CA ASN A 71 -6.79 -2.67 -12.45
C ASN A 71 -6.08 -3.80 -13.24
N ASN A 72 -5.49 -4.75 -12.51
CA ASN A 72 -4.76 -5.88 -13.11
C ASN A 72 -5.63 -7.13 -13.34
N SER A 73 -6.30 -7.57 -12.27
CA SER A 73 -7.18 -8.76 -12.21
C SER A 73 -7.67 -8.99 -10.78
N SER A 74 -6.77 -9.46 -9.92
CA SER A 74 -7.01 -9.61 -8.47
C SER A 74 -5.68 -9.73 -7.70
N ILE A 75 -5.16 -8.57 -7.34
CA ILE A 75 -3.87 -8.44 -6.62
C ILE A 75 -4.13 -7.88 -5.21
N VAL A 76 -4.17 -8.78 -4.23
CA VAL A 76 -4.44 -8.46 -2.82
C VAL A 76 -3.13 -8.35 -2.04
N ILE A 77 -2.87 -7.12 -1.64
CA ILE A 77 -1.64 -6.74 -0.90
C ILE A 77 -1.99 -6.27 0.51
N GLU A 78 -1.06 -6.56 1.42
CA GLU A 78 -1.25 -6.37 2.87
C GLU A 78 -0.13 -5.48 3.43
N ILE A 79 -0.47 -4.23 3.74
CA ILE A 79 0.51 -3.23 4.18
C ILE A 79 0.24 -2.61 5.55
N PHE A 80 1.30 -2.54 6.37
CA PHE A 80 1.25 -1.92 7.70
C PHE A 80 1.98 -0.59 7.67
N ILE A 81 1.26 0.40 8.18
CA ILE A 81 1.66 1.80 8.28
C ILE A 81 1.80 2.14 9.78
N PRO A 82 2.96 1.90 10.39
CA PRO A 82 3.22 2.19 11.81
C PRO A 82 3.52 3.68 12.01
N ASN A 83 4.81 4.01 11.87
CA ASN A 83 5.52 5.30 11.99
C ASN A 83 6.99 4.90 12.33
N ASP A 84 7.73 5.76 13.03
CA ASP A 84 9.10 5.52 13.52
C ASP A 84 10.05 4.97 12.44
N ASN A 85 9.82 5.48 11.22
CA ASN A 85 10.57 5.13 10.00
C ASN A 85 10.52 3.62 9.71
N LYS A 86 9.30 3.12 9.46
CA LYS A 86 9.01 1.70 9.17
C LYS A 86 7.65 1.51 8.45
N ILE A 87 7.62 0.58 7.47
CA ILE A 87 6.43 0.00 6.80
C ILE A 87 6.73 -1.41 6.23
N LEU A 88 5.68 -2.24 6.16
CA LEU A 88 5.66 -3.58 5.54
C LEU A 88 4.64 -3.69 4.37
N LEU A 89 5.01 -4.47 3.35
CA LEU A 89 4.19 -4.89 2.18
C LEU A 89 4.26 -6.40 1.93
N THR A 90 3.08 -6.88 1.55
CA THR A 90 2.78 -8.28 1.15
C THR A 90 2.12 -8.25 -0.23
N ILE A 91 2.41 -9.22 -1.09
CA ILE A 91 1.72 -9.43 -2.38
C ILE A 91 1.12 -10.85 -2.38
N MET A 92 -0.14 -10.90 -2.76
CA MET A 92 -0.95 -12.13 -2.92
C MET A 92 -2.04 -11.84 -3.97
N ASN A 93 -2.70 -12.90 -4.46
CA ASN A 93 -3.60 -12.76 -5.63
C ASN A 93 -4.69 -13.84 -5.58
N THR A 94 -5.94 -13.39 -5.66
CA THR A 94 -7.13 -14.27 -5.62
C THR A 94 -7.17 -15.27 -6.79
N GLU A 95 -6.73 -14.83 -7.97
CA GLU A 95 -6.68 -15.64 -9.20
C GLU A 95 -5.41 -15.46 -10.05
N ALA A 96 -4.27 -15.27 -9.38
CA ALA A 96 -2.96 -15.02 -10.02
C ALA A 96 -1.80 -15.36 -9.05
N LEU A 97 -0.59 -14.88 -9.34
CA LEU A 97 0.63 -15.21 -8.57
C LEU A 97 1.69 -14.09 -8.67
N GLY A 98 1.87 -13.45 -7.50
CA GLY A 98 2.85 -12.35 -7.32
C GLY A 98 4.23 -12.76 -6.76
N THR A 99 4.23 -13.82 -5.95
CA THR A 99 5.44 -14.48 -5.37
C THR A 99 6.62 -13.55 -5.03
N SER A 100 6.33 -12.68 -4.07
CA SER A 100 7.24 -11.65 -3.51
C SER A 100 6.78 -10.90 -2.22
N PRO A 101 5.92 -11.46 -1.34
CA PRO A 101 5.42 -10.73 -0.15
C PRO A 101 6.44 -10.60 1.00
N ARG A 102 7.30 -9.59 0.87
CA ARG A 102 8.31 -9.24 1.89
C ARG A 102 9.03 -7.92 1.53
N MET A 103 8.32 -6.83 1.75
CA MET A 103 8.89 -5.48 1.50
C MET A 103 8.82 -4.59 2.75
N THR A 104 10.00 -4.08 3.12
CA THR A 104 10.20 -3.18 4.28
C THR A 104 10.78 -1.82 3.87
N PHE A 105 9.85 -0.90 3.69
CA PHE A 105 10.11 0.45 3.15
C PHE A 105 9.87 1.49 4.25
N ILE A 106 11.01 1.76 4.85
CA ILE A 106 11.13 2.53 6.10
C ILE A 106 11.64 3.95 5.75
N LYS A 107 11.23 4.94 6.53
CA LYS A 107 11.54 6.36 6.25
C LYS A 107 12.99 6.70 6.64
N HIS A 108 13.87 6.18 5.77
CA HIS A 108 15.34 6.14 5.84
C HIS A 108 15.81 5.04 6.80
N LYS A 109 16.69 4.19 6.27
CA LYS A 109 17.30 3.05 7.02
C LYS A 109 18.15 3.50 8.22
N GLY A 1 7.04 -9.30 -10.46
CA GLY A 1 6.38 -8.06 -10.01
C GLY A 1 7.20 -6.77 -10.26
N SER A 2 8.00 -6.41 -9.25
CA SER A 2 8.89 -5.22 -9.22
C SER A 2 8.12 -3.90 -9.45
N MET A 3 7.35 -3.55 -8.42
CA MET A 3 6.60 -2.27 -8.35
C MET A 3 7.47 -1.02 -8.13
N GLU A 4 8.71 -1.23 -7.67
CA GLU A 4 9.73 -0.17 -7.51
C GLU A 4 9.88 0.66 -8.81
N GLN A 5 10.57 1.80 -8.70
CA GLN A 5 10.70 2.78 -9.81
C GLN A 5 9.32 3.36 -10.18
N PHE A 6 8.91 4.26 -9.30
CA PHE A 6 7.66 5.05 -9.33
C PHE A 6 6.42 4.24 -8.90
N GLU A 7 6.28 4.16 -7.58
CA GLU A 7 5.19 3.39 -6.94
C GLU A 7 4.04 4.30 -6.51
N LEU A 8 3.12 4.51 -7.44
CA LEU A 8 1.93 5.36 -7.22
C LEU A 8 0.68 4.50 -7.01
N PHE A 9 0.24 4.47 -5.76
CA PHE A 9 -0.97 3.72 -5.36
C PHE A 9 -2.03 4.64 -4.77
N SER A 10 -3.28 4.33 -5.13
CA SER A 10 -4.44 5.15 -4.74
C SER A 10 -5.51 4.30 -4.04
N ILE A 11 -5.99 4.78 -2.89
CA ILE A 11 -7.07 4.09 -2.14
C ILE A 11 -8.43 4.12 -2.85
N ASP A 12 -9.35 3.32 -2.30
CA ASP A 12 -10.81 3.37 -2.55
C ASP A 12 -11.60 4.64 -2.13
N LYS A 13 -11.04 5.42 -1.21
CA LYS A 13 -11.72 6.55 -0.53
C LYS A 13 -13.05 6.17 0.15
N PHE A 14 -12.97 5.05 0.84
CA PHE A 14 -14.08 4.49 1.61
C PHE A 14 -13.69 4.44 3.09
N LYS A 15 -13.31 3.25 3.59
CA LYS A 15 -12.96 3.01 5.01
C LYS A 15 -12.43 1.58 5.18
N CYS A 16 -11.42 1.44 6.04
CA CYS A 16 -10.90 0.11 6.41
C CYS A 16 -10.72 -0.02 7.95
N ASN A 17 -11.83 0.22 8.67
CA ASN A 17 -11.93 0.30 10.14
C ASN A 17 -10.77 1.06 10.81
N SER A 18 -9.77 0.35 11.34
CA SER A 18 -8.54 0.96 11.90
C SER A 18 -7.81 1.77 10.82
N GLU A 19 -7.64 1.12 9.67
CA GLU A 19 -6.84 1.63 8.53
C GLU A 19 -7.52 2.81 7.82
N ALA A 20 -7.03 3.98 8.25
CA ALA A 20 -7.48 5.33 7.85
C ALA A 20 -6.57 6.40 8.48
N LYS A 21 -6.73 6.66 9.78
CA LYS A 21 -6.03 7.73 10.51
C LYS A 21 -4.49 7.62 10.47
N TYR A 22 -3.93 6.74 11.30
CA TYR A 22 -2.51 6.34 11.29
C TYR A 22 -2.00 5.86 9.92
N TYR A 23 -2.91 5.38 9.08
CA TYR A 23 -2.59 5.07 7.67
C TYR A 23 -2.13 6.31 6.92
N LEU A 24 -3.04 7.27 6.78
CA LEU A 24 -2.78 8.50 6.01
C LEU A 24 -1.69 9.35 6.67
N ASN A 25 -1.78 9.52 7.98
CA ASN A 25 -0.79 10.30 8.76
C ASN A 25 0.65 9.74 8.73
N ILE A 26 0.80 8.44 8.44
CA ILE A 26 2.12 7.78 8.35
C ILE A 26 2.53 7.34 6.93
N ILE A 27 1.59 7.07 6.02
CA ILE A 27 1.87 6.64 4.63
C ILE A 27 1.57 7.69 3.53
N GLU A 28 0.60 8.58 3.75
CA GLU A 28 0.06 9.46 2.70
C GLU A 28 1.16 10.32 2.06
N GLY A 29 1.55 9.84 0.87
CA GLY A 29 2.73 10.34 0.14
C GLY A 29 3.76 9.21 0.00
N GLU A 30 5.03 9.63 0.04
CA GLU A 30 6.17 8.77 -0.35
C GLU A 30 7.29 8.56 0.68
N TRP A 31 7.63 7.28 0.83
CA TRP A 31 8.80 6.83 1.63
C TRP A 31 10.08 7.00 0.81
N HIS A 32 11.11 7.52 1.48
CA HIS A 32 12.44 7.85 0.90
C HIS A 32 12.35 8.93 -0.20
N PRO A 33 12.29 10.21 0.18
CA PRO A 33 12.22 11.33 -0.78
C PRO A 33 13.51 11.40 -1.62
N GLN A 34 13.31 11.61 -2.92
CA GLN A 34 14.40 11.70 -3.92
C GLN A 34 15.31 10.45 -4.00
N ASP A 35 14.66 9.29 -4.11
CA ASP A 35 15.38 8.01 -4.20
C ASP A 35 15.44 7.56 -5.67
N LEU A 36 16.61 7.84 -6.25
CA LEU A 36 16.98 7.52 -7.66
C LEU A 36 15.93 7.99 -8.69
N ASN A 37 16.09 9.24 -9.11
CA ASN A 37 15.13 9.98 -9.98
C ASN A 37 13.73 10.16 -9.37
N ASP A 38 13.69 10.11 -8.04
CA ASP A 38 12.46 10.28 -7.22
C ASP A 38 11.39 9.24 -7.61
N SER A 39 11.77 7.97 -7.51
CA SER A 39 10.88 6.85 -7.87
C SER A 39 10.47 5.92 -6.70
N PRO A 40 10.08 6.49 -5.53
CA PRO A 40 9.87 5.73 -4.28
C PRO A 40 8.45 5.15 -4.22
N LEU A 41 7.88 5.03 -3.01
CA LEU A 41 6.53 4.53 -2.76
C LEU A 41 5.59 5.62 -2.23
N LYS A 42 4.67 6.05 -3.10
CA LYS A 42 3.62 7.04 -2.77
C LYS A 42 2.18 6.51 -2.89
N PHE A 43 1.42 6.77 -1.82
CA PHE A 43 -0.01 6.42 -1.74
C PHE A 43 -0.91 7.65 -1.50
N ILE A 44 -1.94 7.73 -2.33
CA ILE A 44 -2.93 8.84 -2.35
C ILE A 44 -4.36 8.32 -2.03
N LEU A 45 -5.36 9.20 -2.20
CA LEU A 45 -6.76 8.96 -1.81
C LEU A 45 -7.71 9.05 -3.02
N SER A 46 -8.46 7.95 -3.20
CA SER A 46 -9.37 7.68 -4.34
C SER A 46 -8.59 7.54 -5.65
N THR A 47 -9.28 7.01 -6.64
CA THR A 47 -8.77 7.01 -8.02
C THR A 47 -9.85 7.55 -8.98
N SER A 48 -10.59 8.56 -8.49
CA SER A 48 -11.71 9.21 -9.19
C SER A 48 -12.88 8.26 -9.51
N ASP A 49 -12.76 7.51 -10.62
CA ASP A 49 -13.82 6.67 -11.19
C ASP A 49 -13.97 5.35 -10.41
N ASP A 50 -14.74 5.42 -9.33
CA ASP A 50 -14.96 4.35 -8.33
C ASP A 50 -13.68 3.74 -7.73
N SER A 51 -12.62 4.55 -7.74
CA SER A 51 -11.23 4.20 -7.34
C SER A 51 -10.63 2.97 -8.05
N ASP A 52 -9.40 2.61 -7.65
CA ASP A 52 -8.69 1.42 -8.16
C ASP A 52 -8.54 0.26 -7.16
N TYR A 53 -8.01 0.57 -5.97
CA TYR A 53 -7.84 -0.43 -4.88
C TYR A 53 -9.13 -0.64 -4.09
N ILE A 54 -9.56 -1.89 -3.99
CA ILE A 54 -10.77 -2.28 -3.24
C ILE A 54 -10.43 -3.05 -1.95
N CYS A 55 -10.63 -2.34 -0.84
CA CYS A 55 -10.33 -2.78 0.54
C CYS A 55 -11.15 -4.02 0.91
N LYS A 56 -10.43 -5.14 0.89
CA LYS A 56 -10.98 -6.50 1.14
C LYS A 56 -11.42 -6.64 2.60
N TYR A 57 -10.42 -6.68 3.49
CA TYR A 57 -10.62 -6.77 4.94
C TYR A 57 -9.55 -5.94 5.67
N ILE A 58 -9.88 -5.71 6.94
CA ILE A 58 -9.08 -4.88 7.85
C ILE A 58 -8.36 -5.85 8.81
N ASN A 59 -7.06 -5.65 8.99
CA ASN A 59 -6.25 -6.52 9.83
C ASN A 59 -5.72 -5.74 11.04
N THR A 60 -6.59 -5.58 12.03
CA THR A 60 -6.28 -4.91 13.32
C THR A 60 -5.05 -5.51 14.01
N GLU A 61 -4.84 -6.81 13.80
CA GLU A 61 -3.82 -7.65 14.45
C GLU A 61 -2.43 -6.96 14.45
N HIS A 62 -1.90 -6.72 13.25
CA HIS A 62 -0.66 -5.95 13.10
C HIS A 62 -0.93 -4.57 12.45
N LYS A 63 -2.13 -4.06 12.71
CA LYS A 63 -2.66 -2.75 12.23
C LYS A 63 -2.50 -2.50 10.71
N GLN A 64 -2.91 -3.50 9.93
CA GLN A 64 -2.68 -3.60 8.47
C GLN A 64 -4.00 -3.67 7.68
N LEU A 65 -3.95 -3.31 6.40
CA LEU A 65 -5.04 -3.61 5.43
C LEU A 65 -4.61 -4.55 4.29
N THR A 66 -5.61 -5.28 3.80
CA THR A 66 -5.49 -6.12 2.60
C THR A 66 -6.52 -5.64 1.55
N LEU A 67 -6.01 -5.34 0.36
CA LEU A 67 -6.82 -4.96 -0.81
C LEU A 67 -6.24 -5.37 -2.16
N TYR A 68 -7.16 -5.56 -3.11
CA TYR A 68 -6.84 -5.94 -4.50
C TYR A 68 -7.22 -4.83 -5.50
N ASN A 69 -6.25 -4.53 -6.36
CA ASN A 69 -6.40 -3.50 -7.40
C ASN A 69 -7.19 -4.02 -8.60
N LYS A 70 -8.36 -3.39 -8.79
CA LYS A 70 -9.27 -3.68 -9.92
C LYS A 70 -8.85 -3.07 -11.27
N ASN A 71 -7.61 -2.56 -11.34
CA ASN A 71 -7.05 -1.97 -12.56
C ASN A 71 -5.98 -2.84 -13.25
N ASN A 72 -5.26 -3.63 -12.46
CA ASN A 72 -4.14 -4.46 -12.92
C ASN A 72 -4.63 -5.85 -13.40
N SER A 73 -4.63 -6.82 -12.49
CA SER A 73 -5.13 -8.19 -12.69
C SER A 73 -5.07 -8.92 -11.33
N SER A 74 -6.14 -8.67 -10.57
CA SER A 74 -6.40 -9.28 -9.24
C SER A 74 -5.24 -9.27 -8.23
N ILE A 75 -4.69 -8.07 -8.03
CA ILE A 75 -3.45 -7.87 -7.23
C ILE A 75 -3.75 -7.35 -5.81
N VAL A 76 -3.56 -8.28 -4.88
CA VAL A 76 -3.97 -8.15 -3.47
C VAL A 76 -2.72 -7.84 -2.63
N ILE A 77 -2.64 -6.62 -2.11
CA ILE A 77 -1.49 -6.20 -1.29
C ILE A 77 -1.89 -5.96 0.17
N GLU A 78 -1.03 -6.43 1.07
CA GLU A 78 -1.23 -6.31 2.52
C GLU A 78 -0.05 -5.55 3.13
N ILE A 79 -0.32 -4.30 3.47
CA ILE A 79 0.73 -3.38 3.98
C ILE A 79 0.40 -2.92 5.41
N PHE A 80 1.42 -2.68 6.23
CA PHE A 80 1.27 -2.09 7.57
C PHE A 80 1.85 -0.68 7.58
N ILE A 81 1.07 0.24 8.14
CA ILE A 81 1.47 1.65 8.33
C ILE A 81 1.51 1.95 9.84
N PRO A 82 2.65 1.69 10.50
CA PRO A 82 2.84 1.93 11.95
C PRO A 82 3.16 3.40 12.26
N ASN A 83 4.45 3.72 12.27
CA ASN A 83 5.12 4.97 12.68
C ASN A 83 6.63 4.68 12.77
N ASP A 84 7.36 5.52 13.51
CA ASP A 84 8.78 5.31 13.90
C ASP A 84 9.72 4.92 12.75
N ASN A 85 9.40 5.47 11.58
CA ASN A 85 10.12 5.24 10.31
C ASN A 85 10.21 3.73 10.00
N LYS A 86 9.05 3.12 9.76
CA LYS A 86 8.93 1.68 9.37
C LYS A 86 7.52 1.38 8.83
N ILE A 87 7.47 0.72 7.67
CA ILE A 87 6.27 0.05 7.10
C ILE A 87 6.65 -1.26 6.38
N LEU A 88 5.66 -2.12 6.20
CA LEU A 88 5.81 -3.39 5.45
C LEU A 88 4.78 -3.50 4.31
N LEU A 89 5.23 -4.01 3.16
CA LEU A 89 4.40 -4.35 1.98
C LEU A 89 4.54 -5.81 1.53
N THR A 90 3.40 -6.38 1.16
CA THR A 90 3.30 -7.67 0.46
C THR A 90 2.51 -7.52 -0.86
N ILE A 91 2.82 -8.38 -1.81
CA ILE A 91 2.17 -8.48 -3.14
C ILE A 91 1.66 -9.91 -3.40
N MET A 92 0.36 -10.00 -3.64
CA MET A 92 -0.35 -11.25 -4.04
C MET A 92 -1.16 -11.04 -5.32
N ASN A 93 -1.51 -12.17 -5.96
CA ASN A 93 -2.37 -12.17 -7.15
C ASN A 93 -3.36 -13.33 -7.07
N THR A 94 -4.63 -13.00 -7.32
CA THR A 94 -5.76 -13.96 -7.33
C THR A 94 -5.78 -14.79 -8.63
N GLU A 95 -4.79 -14.58 -9.49
CA GLU A 95 -4.51 -15.36 -10.72
C GLU A 95 -3.15 -16.08 -10.68
N ALA A 96 -2.69 -16.40 -9.46
CA ALA A 96 -1.36 -17.00 -9.19
C ALA A 96 -1.29 -17.57 -7.76
N LEU A 97 -0.08 -17.72 -7.25
CA LEU A 97 0.23 -18.18 -5.88
C LEU A 97 0.15 -17.01 -4.86
N GLY A 98 0.78 -17.22 -3.70
CA GLY A 98 0.85 -16.22 -2.61
C GLY A 98 1.92 -16.65 -1.59
N THR A 99 2.31 -15.68 -0.76
CA THR A 99 3.37 -15.83 0.26
C THR A 99 4.75 -16.03 -0.38
N SER A 100 5.50 -14.94 -0.39
CA SER A 100 6.87 -14.83 -0.95
C SER A 100 7.46 -13.42 -0.80
N PRO A 101 6.83 -12.33 -1.29
CA PRO A 101 7.39 -10.96 -1.18
C PRO A 101 7.16 -10.33 0.21
N ARG A 102 8.06 -9.40 0.51
CA ARG A 102 8.05 -8.57 1.73
C ARG A 102 9.02 -7.40 1.51
N MET A 103 8.50 -6.19 1.67
CA MET A 103 9.33 -4.99 1.57
C MET A 103 9.11 -4.03 2.75
N THR A 104 10.23 -3.54 3.29
CA THR A 104 10.24 -2.73 4.52
C THR A 104 10.75 -1.31 4.23
N PHE A 105 9.79 -0.39 4.13
CA PHE A 105 10.06 1.01 3.72
C PHE A 105 9.91 1.91 4.95
N ILE A 106 11.08 2.20 5.48
CA ILE A 106 11.27 3.00 6.70
C ILE A 106 11.42 4.49 6.34
N LYS A 107 10.68 5.38 7.03
CA LYS A 107 10.72 6.84 6.77
C LYS A 107 12.07 7.47 7.13
N HIS A 108 13.03 7.17 6.26
CA HIS A 108 14.46 7.55 6.23
C HIS A 108 15.32 6.30 6.50
N LYS A 109 16.37 6.18 5.69
CA LYS A 109 17.47 5.20 5.87
C LYS A 109 17.05 3.71 5.97
#